data_8RTB
#
_entry.id   8RTB
#
_cell.length_a   1.00
_cell.length_b   1.00
_cell.length_c   1.00
_cell.angle_alpha   90.00
_cell.angle_beta   90.00
_cell.angle_gamma   90.00
#
_symmetry.space_group_name_H-M   'P 1'
#
loop_
_entity.id
_entity.type
_entity.pdbx_description
1 polymer 'TrwM protein'
2 polymer 'TrwK protein'
3 polymer 'TrwG protein'
4 polymer 'TrwE protein'
5 polymer 'TrwI protein'
#
loop_
_entity_poly.entity_id
_entity_poly.type
_entity_poly.pdbx_seq_one_letter_code
_entity_poly.pdbx_strand_id
1 'polypeptide(L)'
;MKPPQQQHEAFPLFKGATRLPTIWGVPMIPLMAMVMGVAVIALTVSIWWWALVPPLWFIMAQITKNDDKAFRIWWLWIDT
KFRNRNKGFWGASSYSPANYRKRR
;
C
2 'polypeptide(L)'
;MGAIESRKLLASETPVGQFIPYSHHVTDTIISTKNAEYLSVWKIDGRSHQSASEADVFQWIRELNNTLRGISSANLSLWT
HIVRRRVYEYPDAEFDNVFCRQLDEKYRESFTGYNLMVNDLYLTVVYRPVSDKVLSFFAKRERETPDQKKHRQESCIKAL
EDINRTLGQSFKRYGAELLSVYEKGGHAFSAPLEFLARLVNGEHIPMPICRDRFSDYMAVNRPMFSKWGEVGELRSLTGL
RRFGMLEIREYDDATEPGQLNVLLESDYEFVLTHSFSVLSRPAAKEYLQRHQKNLIDARDVATDQIEEIDEALNQLISGH
FVMGEHHCTLTVYGETVQQVRDNLAHASAAMLDVAVLPKPVDLALEAGYWAQLPANWQWRPRPAPITSLNFLSFSPFHNF
MSGKPTGNPWGPAVTILKTVSGTPLYFNFHASKEEEDATDKRLLGNTMLIGQSSSGKTVLLGFLLAQAQKFKPTIVAFDK
DRGMEISIRAMGGRYLPLKTGEPSGFNPFQLPPTHANLIFLKQFVKKLAAAGGEVTHRDEEEIDQAITAMMSDSIDKSLR
RLSLLLQFLPNPRSDDMDARPTVHARLVKWCEGGDYGWLFDNPTDALDLSTHQIYGFDITEFLDNPEARTPVMMYLLYRT
ESMIDGRRFMYVFDEFWKPLQDEYFEDLAKNKQKTIRKQNGIFVFATQEPSDALESNIAKTLIQQCATYIFLANPKADYE
DYTQGFKLTDSEFELVRGLGEFSRRFLIKQGDQSALAEMNLGKFRTIVDGETVERDFDDELLVLSGTPDNAEIAESIIAE
VGDDPAVWLPIFLDRVKAERSDV
;
A,B
3 'polypeptide(L)'
;MSKKQPKPVKAEQLKSYYEESRGLERDLIGEFVKSRKTAWRVATASGLFGLLGMVCGIVGFSQPAPAPLVLRVDNATGAV
DVVTTLREHESSYGEVVDTYWLNQYVLNREAYDYNTIQMNYDTTALLSAPAVQQDYYKLFDGSNARDRVLGNKARITVRV
RSIQPNGRGQATVRFTTQQHNSNGTVEAPQHQIATIGYTYIGAPMRSSDRLLNPLGFQVTSYRADPEILNN
;
E,D,F,G
4 'polypeptide(L)'
;MFGRKKGDVIDAGAELERAEQERIEGEYGASELASERRPHTPGARTLLMVLLCVIAVVLVTLSYKAYKVRGVVEDDDAQP
QQVVRQVIPGYTPRPIRPEPENVPEPPQPTTSVPAIQPAPVTQPVRPQPTGPREKTPYELARERMLRSGLTAGSGGGEDL
PRPQGGDVPAGGLMGGGGGGGELAEKLQPMRLSGSSAGRLGNRDMLITQGTQLDCVLETRLVTTQPGMTTCHLTRDVYST
SGRVVLLDRGSKVVGFYQGGLRQGQARIFVQWSRIETPSGVVINLDSPGTGPLGEAGLGGWIDRHFWERFGGAIMISLIG
DLGDWASRQGSRQGDNSIQFSNTANGVESAAAEALRNSINIPPTLYKNQGERVNILVARDLDFSDVYSLESIPTK
;
H
5 'polypeptide(L)'
;MAFELFTPLFNKIDQTTATYVTDISSRAIAAITPVVSVGLTLGFITYGWLIIRGAVEMPVAEFLNRCLRIGIIVSIALAG
GLYQGEIANAITTVPDELASALLGNPTQGASAAALVDQSAQQGFDRASEAFEEAGFFSSDGLLYGLFGIIILLATGLLAA
IGGAFLLLAKIALALLAGLGPLFILALIWQPTHRFFDQWAQQVLNYGLLIVLFAAVFGLLMQIFGSYMADLRFDGAQNVA
YAIGGSVILSIVSIVLLMQLPSIASGLAGGIGLGYMWELRSMRSGAGAAMRGGRAMARGARAAPGAARGAAVGAANMAKT
VATGGAGVARAAAGYFRGRKAG
;
J
#
# COMPACT_ATOMS: atom_id res chain seq x y z
N MET A 1 18.37 -29.12 -20.91
CA MET A 1 19.68 -29.09 -21.55
C MET A 1 20.73 -29.69 -20.63
N LYS A 2 22.00 -29.39 -20.90
CA LYS A 2 23.13 -29.91 -20.12
C LYS A 2 24.07 -28.77 -19.73
N PRO A 3 23.72 -28.04 -18.67
CA PRO A 3 24.70 -27.12 -18.07
C PRO A 3 25.90 -27.89 -17.54
N PRO A 4 26.99 -27.21 -17.11
CA PRO A 4 28.23 -27.92 -16.76
C PRO A 4 28.02 -29.17 -15.92
N GLN A 5 28.72 -30.23 -16.30
CA GLN A 5 28.56 -31.57 -15.73
C GLN A 5 29.88 -31.97 -15.06
N GLN A 6 29.97 -33.24 -14.68
CA GLN A 6 31.15 -33.76 -14.02
C GLN A 6 31.93 -34.68 -14.95
N GLN A 7 33.24 -34.71 -14.75
CA GLN A 7 34.14 -35.64 -15.42
C GLN A 7 35.18 -36.18 -14.46
N HIS A 8 34.76 -36.48 -13.22
CA HIS A 8 35.58 -36.94 -12.10
C HIS A 8 36.52 -35.86 -11.58
N GLU A 9 36.49 -34.66 -12.15
CA GLU A 9 37.26 -33.54 -11.61
C GLU A 9 36.53 -32.81 -10.49
N ALA A 10 35.34 -33.27 -10.11
CA ALA A 10 34.51 -32.56 -9.16
C ALA A 10 35.23 -32.42 -7.82
N PHE A 11 35.01 -31.30 -7.16
CA PHE A 11 35.67 -31.03 -5.90
C PHE A 11 35.19 -32.05 -4.88
N PRO A 12 36.10 -32.73 -4.18
CA PRO A 12 35.67 -33.82 -3.30
C PRO A 12 34.76 -33.29 -2.21
N LEU A 13 33.72 -34.08 -1.91
CA LEU A 13 32.87 -33.83 -0.76
C LEU A 13 32.98 -35.01 0.17
N PHE A 14 33.45 -34.78 1.38
CA PHE A 14 33.67 -35.85 2.33
C PHE A 14 32.45 -36.02 3.20
N LYS A 15 32.24 -37.25 3.68
CA LYS A 15 31.06 -37.57 4.45
C LYS A 15 31.25 -37.33 5.95
N GLY A 16 32.09 -36.37 6.31
CA GLY A 16 32.09 -35.79 7.62
C GLY A 16 30.97 -34.80 7.82
N ALA A 17 30.09 -34.67 6.83
CA ALA A 17 28.89 -33.86 6.97
C ALA A 17 27.95 -34.49 8.00
N THR A 18 27.40 -33.66 8.88
CA THR A 18 26.43 -34.04 9.91
C THR A 18 26.85 -35.28 10.70
N ARG A 19 28.16 -35.54 10.74
CA ARG A 19 28.71 -36.48 11.73
C ARG A 19 28.77 -35.75 13.07
N LEU A 20 27.60 -35.62 13.68
CA LEU A 20 27.45 -34.75 14.84
C LEU A 20 28.36 -35.21 15.97
N PRO A 21 28.78 -34.31 16.86
CA PRO A 21 29.47 -34.74 18.07
C PRO A 21 28.60 -35.73 18.84
N THR A 22 29.02 -36.99 18.85
CA THR A 22 28.23 -38.06 19.44
C THR A 22 29.08 -38.86 20.41
N ILE A 23 28.48 -39.23 21.54
CA ILE A 23 29.05 -40.18 22.48
C ILE A 23 28.24 -41.46 22.39
N TRP A 24 28.92 -42.59 22.26
CA TRP A 24 28.27 -43.88 21.99
C TRP A 24 27.51 -43.88 20.67
N GLY A 25 27.71 -42.85 19.86
CA GLY A 25 26.96 -42.69 18.63
C GLY A 25 25.68 -41.90 18.74
N VAL A 26 25.49 -41.14 19.81
CA VAL A 26 24.28 -40.35 20.02
C VAL A 26 24.68 -38.92 20.39
N PRO A 27 24.00 -37.90 19.86
CA PRO A 27 24.40 -36.52 20.15
C PRO A 27 24.21 -36.16 21.62
N MET A 28 24.99 -35.16 22.06
CA MET A 28 24.99 -34.78 23.46
C MET A 28 23.64 -34.26 23.91
N ILE A 29 23.07 -33.30 23.18
CA ILE A 29 21.87 -32.61 23.65
C ILE A 29 20.69 -33.55 23.84
N PRO A 30 20.32 -34.43 22.89
CA PRO A 30 19.18 -35.32 23.16
C PRO A 30 19.49 -36.35 24.22
N LEU A 31 20.71 -36.88 24.25
CA LEU A 31 21.06 -37.84 25.30
C LEU A 31 20.99 -37.20 26.68
N MET A 32 21.37 -35.93 26.79
CA MET A 32 21.19 -35.23 28.06
C MET A 32 19.71 -35.07 28.39
N ALA A 33 18.87 -34.86 27.38
CA ALA A 33 17.44 -34.81 27.63
C ALA A 33 16.93 -36.13 28.19
N MET A 34 17.40 -37.24 27.61
CA MET A 34 17.01 -38.55 28.13
C MET A 34 17.53 -38.77 29.54
N VAL A 35 18.76 -38.34 29.82
CA VAL A 35 19.30 -38.48 31.16
C VAL A 35 18.45 -37.71 32.15
N MET A 36 18.06 -36.48 31.80
CA MET A 36 17.20 -35.70 32.68
C MET A 36 15.86 -36.37 32.89
N GLY A 37 15.26 -36.88 31.81
CA GLY A 37 13.96 -37.53 31.94
C GLY A 37 14.01 -38.78 32.80
N VAL A 38 15.00 -39.64 32.56
CA VAL A 38 15.11 -40.86 33.34
C VAL A 38 15.46 -40.55 34.80
N ALA A 39 16.26 -39.51 35.02
CA ALA A 39 16.55 -39.10 36.39
C ALA A 39 15.28 -38.63 37.08
N VAL A 40 14.43 -37.89 36.36
CA VAL A 40 13.16 -37.47 36.92
C VAL A 40 12.32 -38.67 37.30
N ILE A 41 12.25 -39.66 36.41
CA ILE A 41 11.47 -40.86 36.71
C ILE A 41 12.04 -41.58 37.92
N ALA A 42 13.36 -41.70 37.99
CA ALA A 42 13.99 -42.40 39.10
C ALA A 42 13.74 -41.70 40.41
N LEU A 43 13.81 -40.37 40.42
CA LEU A 43 13.58 -39.63 41.65
C LEU A 43 12.10 -39.55 42.00
N THR A 44 11.23 -39.75 41.02
CA THR A 44 9.80 -39.58 41.27
C THR A 44 9.17 -40.86 41.81
N VAL A 45 9.18 -41.93 41.01
CA VAL A 45 8.41 -43.12 41.38
C VAL A 45 9.29 -44.10 42.14
N SER A 46 10.34 -44.59 41.49
CA SER A 46 11.14 -45.65 42.08
C SER A 46 12.57 -45.54 41.59
N ILE A 47 13.48 -46.18 42.33
CA ILE A 47 14.91 -46.08 42.06
C ILE A 47 15.41 -47.22 41.17
N TRP A 48 14.62 -48.28 41.00
CA TRP A 48 14.93 -49.35 40.05
C TRP A 48 14.83 -48.91 38.60
N TRP A 49 14.60 -47.62 38.33
CA TRP A 49 14.19 -47.16 37.01
C TRP A 49 15.32 -46.56 36.18
N TRP A 50 16.58 -46.73 36.59
CA TRP A 50 17.65 -46.54 35.61
C TRP A 50 17.83 -47.75 34.71
N ALA A 51 16.89 -48.69 34.70
CA ALA A 51 16.81 -49.67 33.63
C ALA A 51 16.00 -49.15 32.45
N LEU A 52 15.34 -48.00 32.62
CA LEU A 52 14.66 -47.37 31.49
C LEU A 52 15.66 -46.74 30.53
N VAL A 53 16.92 -46.65 30.93
CA VAL A 53 17.93 -46.04 30.06
C VAL A 53 18.21 -46.89 28.83
N PRO A 54 18.71 -48.12 28.94
CA PRO A 54 19.20 -48.84 27.75
C PRO A 54 18.16 -48.98 26.63
N PRO A 55 16.85 -49.22 26.92
CA PRO A 55 15.93 -49.38 25.79
C PRO A 55 15.82 -48.14 24.92
N LEU A 56 15.45 -47.02 25.54
CA LEU A 56 15.27 -45.80 24.78
C LEU A 56 16.60 -45.27 24.26
N TRP A 57 17.69 -45.52 24.99
CA TRP A 57 18.99 -45.11 24.46
C TRP A 57 19.31 -45.87 23.18
N PHE A 58 19.05 -47.18 23.15
CA PHE A 58 19.30 -47.93 21.92
C PHE A 58 18.38 -47.49 20.80
N ILE A 59 17.12 -47.21 21.11
CA ILE A 59 16.23 -46.76 20.05
C ILE A 59 16.69 -45.41 19.52
N MET A 60 17.25 -44.56 20.39
CA MET A 60 17.76 -43.28 19.93
C MET A 60 19.02 -43.47 19.09
N ALA A 61 19.86 -44.44 19.43
CA ALA A 61 21.01 -44.72 18.57
C ALA A 61 20.58 -45.17 17.19
N GLN A 62 19.57 -46.04 17.13
CA GLN A 62 19.08 -46.50 15.82
C GLN A 62 18.43 -45.35 15.05
N ILE A 63 17.75 -44.43 15.74
CA ILE A 63 17.15 -43.29 15.07
C ILE A 63 18.23 -42.35 14.53
N THR A 64 19.24 -42.04 15.34
CA THR A 64 20.28 -41.11 14.92
C THR A 64 21.11 -41.69 13.78
N LYS A 65 21.45 -42.98 13.85
CA LYS A 65 22.29 -43.54 12.80
C LYS A 65 21.60 -43.47 11.45
N ASN A 66 20.30 -43.74 11.41
CA ASN A 66 19.56 -43.70 10.15
C ASN A 66 19.46 -42.27 9.62
N ASP A 67 19.05 -41.33 10.47
CA ASP A 67 18.72 -39.97 10.07
C ASP A 67 19.32 -39.01 11.11
N ASP A 68 20.55 -38.56 10.85
CA ASP A 68 21.43 -37.98 11.86
C ASP A 68 20.86 -36.81 12.62
N LYS A 69 19.96 -36.04 12.01
CA LYS A 69 19.46 -34.81 12.61
C LYS A 69 17.96 -34.83 12.82
N ALA A 70 17.40 -35.93 13.30
CA ALA A 70 15.97 -35.98 13.57
C ALA A 70 15.60 -35.08 14.74
N PHE A 71 16.47 -34.98 15.74
CA PHE A 71 16.10 -34.31 16.97
C PHE A 71 15.99 -32.80 16.79
N ARG A 72 16.83 -32.23 15.92
CA ARG A 72 16.73 -30.80 15.66
C ARG A 72 15.38 -30.46 15.02
N ILE A 73 14.95 -31.28 14.06
CA ILE A 73 13.64 -31.09 13.44
C ILE A 73 12.54 -31.24 14.49
N TRP A 74 12.67 -32.24 15.36
CA TRP A 74 11.68 -32.45 16.42
C TRP A 74 11.56 -31.21 17.29
N TRP A 75 12.69 -30.67 17.74
CA TRP A 75 12.65 -29.53 18.63
C TRP A 75 12.11 -28.29 17.93
N LEU A 76 12.47 -28.09 16.66
CA LEU A 76 11.95 -26.95 15.93
C LEU A 76 10.44 -27.02 15.82
N TRP A 77 9.91 -28.20 15.46
CA TRP A 77 8.46 -28.34 15.38
C TRP A 77 7.82 -28.06 16.72
N ILE A 78 8.34 -28.69 17.78
CA ILE A 78 7.76 -28.55 19.11
C ILE A 78 7.74 -27.10 19.54
N ASP A 79 8.83 -26.37 19.26
CA ASP A 79 8.91 -24.99 19.71
C ASP A 79 7.97 -24.09 18.93
N THR A 80 7.83 -24.31 17.62
CA THR A 80 7.11 -23.30 16.87
C THR A 80 5.68 -23.70 16.52
N LYS A 81 5.50 -24.82 15.83
CA LYS A 81 4.16 -25.10 15.31
C LYS A 81 3.30 -25.79 16.36
N PHE A 82 3.91 -26.17 17.48
CA PHE A 82 3.15 -26.79 18.56
C PHE A 82 2.73 -25.76 19.59
N ARG A 83 3.51 -24.70 19.76
CA ARG A 83 3.17 -23.65 20.72
C ARG A 83 2.07 -22.74 20.21
N ASN A 84 2.05 -22.44 18.92
CA ASN A 84 1.14 -21.43 18.37
C ASN A 84 -0.30 -21.76 18.75
N ARG A 85 -0.94 -20.82 19.46
CA ARG A 85 -2.19 -21.13 20.12
C ARG A 85 -3.33 -21.35 19.14
N ASN A 86 -3.67 -20.33 18.36
CA ASN A 86 -4.85 -20.39 17.50
C ASN A 86 -4.57 -21.16 16.19
N LYS A 87 -4.29 -22.44 16.36
CA LYS A 87 -4.23 -23.32 15.19
C LYS A 87 -5.62 -23.69 14.72
N GLY A 88 -6.55 -23.89 15.66
CA GLY A 88 -7.88 -24.35 15.29
C GLY A 88 -8.72 -23.28 14.63
N PHE A 89 -8.66 -22.06 15.16
CA PHE A 89 -9.54 -21.00 14.67
C PHE A 89 -9.26 -20.66 13.21
N TRP A 90 -7.98 -20.55 12.84
CA TRP A 90 -7.62 -20.14 11.50
C TRP A 90 -7.64 -21.27 10.49
N GLY A 91 -7.71 -22.52 10.96
CA GLY A 91 -7.48 -23.63 10.07
C GLY A 91 -6.03 -23.87 9.75
N ALA A 92 -5.13 -23.04 10.26
CA ALA A 92 -3.70 -23.17 10.06
C ALA A 92 -3.01 -22.27 11.07
N SER A 93 -1.73 -22.52 11.29
CA SER A 93 -0.96 -21.73 12.24
C SER A 93 -0.56 -20.41 11.60
N SER A 94 -0.96 -19.30 12.20
CA SER A 94 -0.74 -17.99 11.61
C SER A 94 -0.26 -17.01 12.66
N TYR A 95 0.55 -16.05 12.21
CA TYR A 95 1.10 -15.00 13.07
C TYR A 95 0.67 -13.65 12.54
N SER A 96 0.09 -12.83 13.40
CA SER A 96 -0.47 -11.56 12.96
C SER A 96 0.63 -10.63 12.47
N PRO A 97 0.48 -10.01 11.29
CA PRO A 97 1.52 -9.08 10.82
C PRO A 97 1.65 -7.86 11.71
N ALA A 98 0.55 -7.15 11.97
CA ALA A 98 0.59 -6.01 12.85
C ALA A 98 0.97 -6.46 14.25
N ASN A 99 1.88 -5.72 14.87
CA ASN A 99 2.47 -6.14 16.14
C ASN A 99 1.51 -5.76 17.26
N TYR A 100 0.63 -6.71 17.59
CA TYR A 100 -0.25 -6.54 18.74
C TYR A 100 0.44 -7.15 19.95
N ARG A 101 1.26 -6.34 20.64
CA ARG A 101 1.96 -6.78 21.82
C ARG A 101 1.16 -6.54 23.09
N LYS A 102 -0.17 -6.55 23.00
CA LYS A 102 -1.11 -6.38 24.12
C LYS A 102 -1.09 -4.96 24.68
N ARG A 103 -0.44 -4.02 24.01
CA ARG A 103 -0.30 -2.65 24.49
C ARG A 103 -1.42 -1.80 23.91
N ARG A 104 -2.37 -1.43 24.76
CA ARG A 104 -3.48 -0.54 24.40
C ARG A 104 -4.27 -1.04 23.21
N MET B 1 -18.12 -12.74 24.64
CA MET B 1 -19.19 -13.28 23.80
C MET B 1 -19.04 -12.78 22.37
N GLY B 2 -20.16 -12.36 21.77
CA GLY B 2 -20.17 -11.92 20.40
C GLY B 2 -19.72 -10.50 20.17
N ALA B 3 -19.33 -9.79 21.23
CA ALA B 3 -18.88 -8.40 21.06
C ALA B 3 -17.42 -8.25 21.44
N ILE B 4 -17.02 -8.80 22.58
CA ILE B 4 -15.70 -8.51 23.13
C ILE B 4 -14.65 -9.44 22.55
N GLU B 5 -15.08 -10.55 21.93
CA GLU B 5 -14.15 -11.60 21.50
C GLU B 5 -13.12 -11.10 20.50
N SER B 6 -13.38 -10.01 19.79
CA SER B 6 -12.41 -9.50 18.84
C SER B 6 -11.11 -9.14 19.52
N ARG B 7 -11.19 -8.34 20.58
CA ARG B 7 -9.98 -7.96 21.31
C ARG B 7 -9.34 -9.15 22.01
N LYS B 8 -10.17 -10.06 22.54
CA LYS B 8 -9.64 -11.22 23.25
C LYS B 8 -8.81 -12.08 22.32
N LEU B 9 -9.28 -12.31 21.11
CA LEU B 9 -8.50 -13.06 20.12
C LEU B 9 -7.33 -12.24 19.60
N LEU B 10 -7.51 -10.91 19.50
CA LEU B 10 -6.45 -10.05 19.00
C LEU B 10 -5.21 -10.13 19.88
N ALA B 11 -5.35 -9.78 21.16
CA ALA B 11 -4.18 -9.62 22.02
C ALA B 11 -3.44 -10.92 22.27
N SER B 12 -4.04 -12.07 21.95
CA SER B 12 -3.45 -13.37 22.26
C SER B 12 -2.73 -13.99 21.08
N GLU B 13 -2.05 -13.18 20.27
CA GLU B 13 -1.36 -13.65 19.08
C GLU B 13 0.14 -13.41 19.20
N THR B 14 0.91 -14.22 18.49
CA THR B 14 2.35 -14.04 18.40
C THR B 14 2.66 -13.27 17.13
N PRO B 15 3.05 -12.01 17.19
CA PRO B 15 3.30 -11.25 15.97
C PRO B 15 4.52 -11.76 15.25
N VAL B 16 4.61 -11.45 13.95
CA VAL B 16 5.72 -11.91 13.13
C VAL B 16 7.03 -11.30 13.56
N GLY B 17 7.01 -10.23 14.36
CA GLY B 17 8.23 -9.63 14.83
C GLY B 17 9.11 -10.56 15.65
N GLN B 18 8.51 -11.55 16.32
CA GLN B 18 9.31 -12.50 17.08
C GLN B 18 10.25 -13.29 16.19
N PHE B 19 9.98 -13.34 14.89
CA PHE B 19 10.69 -14.20 13.97
C PHE B 19 11.54 -13.44 12.96
N ILE B 20 11.45 -12.12 12.93
CA ILE B 20 12.17 -11.28 11.97
C ILE B 20 13.28 -10.56 12.73
N PRO B 21 14.54 -10.92 12.52
CA PRO B 21 15.65 -10.34 13.30
C PRO B 21 16.30 -9.12 12.67
N TYR B 22 15.59 -7.99 12.63
CA TYR B 22 16.13 -6.78 12.02
C TYR B 22 15.74 -5.56 12.82
N SER B 23 16.48 -4.48 12.59
CA SER B 23 16.25 -3.20 13.25
C SER B 23 16.86 -2.08 12.43
N HIS B 24 17.05 -0.92 13.06
CA HIS B 24 17.44 0.30 12.37
C HIS B 24 18.61 0.08 11.41
N HIS B 25 18.56 0.75 10.26
CA HIS B 25 19.77 0.96 9.49
C HIS B 25 20.79 1.70 10.35
N VAL B 26 22.00 1.17 10.42
CA VAL B 26 23.06 1.82 11.19
C VAL B 26 23.99 2.54 10.24
N THR B 27 24.31 1.90 9.11
CA THR B 27 24.98 2.53 8.00
C THR B 27 24.08 2.42 6.77
N ASP B 28 24.32 3.29 5.79
CA ASP B 28 23.42 3.35 4.63
C ASP B 28 23.41 2.03 3.86
N THR B 29 24.33 1.13 4.16
CA THR B 29 24.38 -0.16 3.49
C THR B 29 24.26 -1.35 4.43
N ILE B 30 24.15 -1.12 5.73
CA ILE B 30 24.25 -2.17 6.73
C ILE B 30 23.08 -2.08 7.70
N ILE B 31 22.44 -3.21 7.98
CA ILE B 31 21.25 -3.29 8.82
C ILE B 31 21.63 -3.93 10.15
N SER B 32 21.13 -3.36 11.24
CA SER B 32 21.40 -3.91 12.56
C SER B 32 20.53 -5.15 12.79
N THR B 33 20.52 -5.59 14.05
CA THR B 33 19.73 -6.73 14.48
C THR B 33 19.63 -6.68 16.00
N LYS B 34 18.54 -7.22 16.55
CA LYS B 34 18.36 -7.18 18.00
C LYS B 34 19.52 -7.84 18.73
N ASN B 35 20.21 -8.78 18.10
CA ASN B 35 21.41 -9.37 18.67
C ASN B 35 22.67 -8.66 18.22
N ALA B 36 22.54 -7.50 17.57
CA ALA B 36 23.68 -6.72 17.10
C ALA B 36 24.54 -7.52 16.13
N GLU B 37 23.93 -7.93 15.02
CA GLU B 37 24.61 -8.69 13.97
C GLU B 37 24.38 -7.96 12.66
N TYR B 38 25.34 -7.12 12.28
CA TYR B 38 25.21 -6.24 11.14
C TYR B 38 25.45 -6.98 9.85
N LEU B 39 24.64 -6.69 8.83
CA LEU B 39 24.72 -7.40 7.56
C LEU B 39 24.52 -6.42 6.41
N SER B 40 24.91 -6.86 5.21
CA SER B 40 24.74 -6.07 3.99
C SER B 40 24.29 -6.98 2.87
N VAL B 41 23.55 -6.43 1.90
CA VAL B 41 22.97 -7.21 0.81
C VAL B 41 23.70 -6.88 -0.48
N TRP B 42 23.93 -7.90 -1.30
CA TRP B 42 24.74 -7.78 -2.51
C TRP B 42 23.93 -8.26 -3.73
N LYS B 43 23.30 -7.35 -4.44
CA LYS B 43 22.63 -7.70 -5.69
C LYS B 43 23.67 -8.05 -6.74
N ILE B 44 23.52 -9.21 -7.37
CA ILE B 44 24.52 -9.73 -8.29
C ILE B 44 23.88 -10.04 -9.62
N ASP B 45 24.54 -9.60 -10.69
CA ASP B 45 24.15 -9.94 -12.06
C ASP B 45 24.97 -11.14 -12.49
N GLY B 46 24.53 -12.34 -12.11
CA GLY B 46 25.37 -13.51 -12.29
C GLY B 46 25.86 -13.66 -13.72
N ARG B 47 27.14 -14.02 -13.84
CA ARG B 47 27.75 -14.12 -15.16
C ARG B 47 27.22 -15.34 -15.88
N SER B 48 27.25 -15.30 -17.20
CA SER B 48 26.67 -16.36 -18.01
C SER B 48 27.41 -17.67 -17.80
N HIS B 49 26.72 -18.77 -18.02
CA HIS B 49 27.31 -20.09 -17.82
C HIS B 49 27.26 -20.91 -19.10
N GLN B 50 26.25 -20.66 -19.93
CA GLN B 50 26.09 -21.43 -21.16
C GLN B 50 27.31 -21.28 -22.07
N SER B 51 27.79 -20.04 -22.20
CA SER B 51 28.84 -19.73 -23.19
C SER B 51 30.21 -19.72 -22.52
N ALA B 52 30.64 -20.91 -22.10
CA ALA B 52 31.97 -21.06 -21.52
C ALA B 52 32.38 -22.52 -21.58
N SER B 53 33.67 -22.73 -21.74
CA SER B 53 34.20 -24.08 -21.68
C SER B 53 34.02 -24.64 -20.28
N GLU B 54 33.95 -25.97 -20.19
CA GLU B 54 33.74 -26.60 -18.90
C GLU B 54 34.88 -26.29 -17.94
N ALA B 55 36.13 -26.31 -18.42
CA ALA B 55 37.25 -26.00 -17.55
C ALA B 55 37.20 -24.56 -17.05
N ASP B 56 36.57 -23.66 -17.81
CA ASP B 56 36.64 -22.27 -17.43
C ASP B 56 35.71 -21.96 -16.26
N VAL B 57 34.64 -22.73 -16.09
CA VAL B 57 33.83 -22.54 -14.87
C VAL B 57 34.60 -23.03 -13.66
N PHE B 58 35.38 -24.10 -13.83
CA PHE B 58 36.34 -24.47 -12.80
C PHE B 58 37.25 -23.31 -12.46
N GLN B 59 37.78 -22.63 -13.48
CA GLN B 59 38.67 -21.51 -13.21
C GLN B 59 37.94 -20.38 -12.49
N TRP B 60 36.68 -20.13 -12.86
CA TRP B 60 35.91 -19.12 -12.15
C TRP B 60 35.75 -19.47 -10.68
N ILE B 61 35.43 -20.73 -10.40
CA ILE B 61 35.30 -21.16 -9.01
C ILE B 61 36.63 -21.03 -8.29
N ARG B 62 37.74 -21.31 -8.99
CA ARG B 62 39.06 -21.18 -8.37
C ARG B 62 39.32 -19.73 -7.97
N GLU B 63 39.08 -18.80 -8.88
CA GLU B 63 39.28 -17.39 -8.55
C GLU B 63 38.37 -16.96 -7.40
N LEU B 64 37.11 -17.40 -7.45
CA LEU B 64 36.15 -16.98 -6.44
C LEU B 64 36.53 -17.51 -5.07
N ASN B 65 36.95 -18.78 -5.00
CA ASN B 65 37.40 -19.36 -3.75
C ASN B 65 38.67 -18.69 -3.27
N ASN B 66 39.58 -18.35 -4.18
CA ASN B 66 40.82 -17.70 -3.79
C ASN B 66 40.54 -16.35 -3.15
N THR B 67 39.59 -15.59 -3.71
CA THR B 67 39.25 -14.31 -3.08
C THR B 67 38.54 -14.53 -1.76
N LEU B 68 37.68 -15.55 -1.67
CA LEU B 68 36.96 -15.78 -0.43
C LEU B 68 37.90 -16.16 0.70
N ARG B 69 38.86 -17.06 0.44
CA ARG B 69 39.63 -17.63 1.53
C ARG B 69 40.53 -16.60 2.20
N GLY B 70 40.72 -15.44 1.57
CA GLY B 70 41.45 -14.38 2.23
C GLY B 70 40.65 -13.75 3.36
N ILE B 71 39.35 -13.52 3.12
CA ILE B 71 38.53 -12.74 4.06
C ILE B 71 37.59 -13.58 4.89
N SER B 72 37.58 -14.90 4.72
CA SER B 72 36.60 -15.71 5.39
C SER B 72 36.90 -15.81 6.87
N SER B 73 36.59 -14.75 7.61
CA SER B 73 36.77 -14.76 9.06
C SER B 73 35.86 -15.81 9.68
N ALA B 74 36.29 -16.34 10.81
CA ALA B 74 35.47 -17.30 11.53
C ALA B 74 34.14 -16.71 11.97
N ASN B 75 33.92 -15.42 11.76
CA ASN B 75 32.73 -14.72 12.22
C ASN B 75 31.76 -14.40 11.09
N LEU B 76 31.98 -14.95 9.90
CA LEU B 76 31.24 -14.54 8.71
C LEU B 76 29.97 -15.36 8.55
N SER B 77 29.31 -15.22 7.41
CA SER B 77 28.17 -16.03 7.00
C SER B 77 27.76 -15.56 5.61
N LEU B 78 27.06 -16.44 4.89
CA LEU B 78 26.59 -16.09 3.56
C LEU B 78 25.19 -16.65 3.38
N TRP B 79 24.30 -15.85 2.79
CA TRP B 79 22.98 -16.29 2.35
C TRP B 79 22.82 -15.92 0.89
N THR B 80 23.09 -16.86 -0.01
CA THR B 80 22.70 -16.62 -1.39
C THR B 80 21.19 -16.72 -1.50
N HIS B 81 20.64 -16.11 -2.56
CA HIS B 81 19.19 -16.04 -2.71
C HIS B 81 18.91 -15.81 -4.19
N ILE B 82 18.56 -16.86 -4.91
CA ILE B 82 18.21 -16.72 -6.33
C ILE B 82 16.69 -16.76 -6.43
N VAL B 83 16.09 -15.57 -6.37
CA VAL B 83 14.63 -15.43 -6.35
C VAL B 83 14.14 -15.36 -7.79
N ARG B 84 13.85 -16.53 -8.36
CA ARG B 84 13.15 -16.59 -9.63
C ARG B 84 11.80 -15.89 -9.51
N ARG B 85 11.50 -15.02 -10.46
CA ARG B 85 10.26 -14.26 -10.41
C ARG B 85 9.78 -13.95 -11.81
N ARG B 86 8.48 -13.74 -11.93
CA ARG B 86 7.89 -13.36 -13.21
C ARG B 86 7.74 -11.85 -13.29
N VAL B 87 7.80 -11.32 -14.50
CA VAL B 87 7.88 -9.88 -14.74
C VAL B 87 6.47 -9.32 -14.84
N TYR B 88 6.07 -8.57 -13.82
CA TYR B 88 4.86 -7.76 -13.88
C TYR B 88 5.14 -6.31 -14.25
N GLU B 89 6.42 -5.91 -14.24
CA GLU B 89 6.80 -4.53 -14.52
C GLU B 89 7.38 -4.44 -15.93
N TYR B 90 6.48 -4.27 -16.89
CA TYR B 90 6.87 -4.01 -18.27
C TYR B 90 5.66 -3.39 -18.96
N PRO B 91 5.50 -2.07 -18.89
CA PRO B 91 4.25 -1.46 -19.32
C PRO B 91 4.04 -1.59 -20.82
N ASP B 92 2.80 -1.79 -21.22
CA ASP B 92 2.45 -1.72 -22.62
C ASP B 92 2.68 -0.30 -23.13
N ALA B 93 3.23 -0.20 -24.33
CA ALA B 93 3.70 1.08 -24.85
C ALA B 93 2.67 1.70 -25.80
N GLU B 94 2.42 2.99 -25.61
CA GLU B 94 1.60 3.73 -26.55
C GLU B 94 2.36 3.91 -27.86
N PHE B 95 1.62 4.16 -28.94
CA PHE B 95 2.23 4.30 -30.25
C PHE B 95 1.38 5.19 -31.13
N ASP B 96 2.00 5.67 -32.20
CA ASP B 96 1.36 6.51 -33.20
C ASP B 96 1.39 5.90 -34.59
N ASN B 97 2.50 5.29 -34.99
CA ASN B 97 2.60 4.66 -36.29
C ASN B 97 1.71 3.42 -36.34
N VAL B 98 0.97 3.28 -37.43
CA VAL B 98 0.13 2.10 -37.61
C VAL B 98 1.01 0.87 -37.82
N PHE B 99 2.07 1.00 -38.61
CA PHE B 99 2.95 -0.14 -38.87
C PHE B 99 3.64 -0.61 -37.60
N CYS B 100 4.12 0.32 -36.79
CA CYS B 100 4.72 -0.04 -35.51
C CYS B 100 3.69 -0.69 -34.58
N ARG B 101 2.48 -0.13 -34.53
CA ARG B 101 1.47 -0.69 -33.66
C ARG B 101 1.14 -2.13 -34.06
N GLN B 102 0.97 -2.37 -35.36
CA GLN B 102 0.73 -3.73 -35.82
C GLN B 102 1.88 -4.64 -35.46
N LEU B 103 3.12 -4.18 -35.68
CA LEU B 103 4.27 -5.02 -35.40
C LEU B 103 4.34 -5.39 -33.93
N ASP B 104 4.08 -4.44 -33.05
CA ASP B 104 4.16 -4.73 -31.62
C ASP B 104 3.01 -5.61 -31.14
N GLU B 105 1.80 -5.40 -31.68
CA GLU B 105 0.70 -6.27 -31.30
C GLU B 105 0.99 -7.71 -31.75
N LYS B 106 1.50 -7.88 -32.97
CA LYS B 106 1.86 -9.21 -33.43
C LYS B 106 2.97 -9.82 -32.57
N TYR B 107 3.98 -9.02 -32.23
CA TYR B 107 5.11 -9.55 -31.46
C TYR B 107 4.66 -10.01 -30.09
N ARG B 108 3.94 -9.14 -29.36
CA ARG B 108 3.43 -9.55 -28.05
C ARG B 108 2.41 -10.67 -28.16
N GLU B 109 1.78 -10.83 -29.31
CA GLU B 109 0.95 -12.01 -29.54
C GLU B 109 1.80 -13.27 -29.66
N SER B 110 3.02 -13.14 -30.19
CA SER B 110 3.90 -14.29 -30.35
C SER B 110 4.42 -14.85 -29.04
N PHE B 111 4.14 -14.21 -27.90
CA PHE B 111 4.64 -14.64 -26.60
C PHE B 111 3.61 -15.38 -25.77
N THR B 112 2.48 -15.77 -26.36
CA THR B 112 1.49 -16.55 -25.64
C THR B 112 2.02 -17.94 -25.32
N GLY B 113 2.30 -18.20 -24.04
CA GLY B 113 2.82 -19.48 -23.64
C GLY B 113 4.34 -19.52 -23.61
N TYR B 114 4.94 -18.54 -22.95
CA TYR B 114 6.39 -18.45 -22.84
C TYR B 114 6.78 -18.08 -21.41
N ASN B 115 7.87 -18.67 -20.95
CA ASN B 115 8.38 -18.39 -19.61
C ASN B 115 8.89 -16.95 -19.59
N LEU B 116 8.11 -16.06 -18.99
CA LEU B 116 8.44 -14.64 -18.92
C LEU B 116 9.11 -14.26 -17.61
N MET B 117 9.97 -15.12 -17.09
CA MET B 117 10.45 -15.03 -15.72
C MET B 117 11.94 -14.70 -15.71
N VAL B 118 12.35 -13.88 -14.75
CA VAL B 118 13.72 -13.40 -14.65
C VAL B 118 14.33 -13.84 -13.33
N ASN B 119 15.54 -14.39 -13.38
CA ASN B 119 16.32 -14.76 -12.22
C ASN B 119 16.79 -13.49 -11.53
N ASP B 120 16.84 -13.50 -10.20
CA ASP B 120 17.41 -12.41 -9.44
C ASP B 120 18.26 -12.98 -8.32
N LEU B 121 19.58 -12.90 -8.47
CA LEU B 121 20.48 -13.42 -7.47
C LEU B 121 20.72 -12.39 -6.37
N TYR B 122 21.36 -12.83 -5.30
CA TYR B 122 21.59 -11.97 -4.14
C TYR B 122 22.73 -12.59 -3.33
N LEU B 123 23.16 -11.87 -2.30
CA LEU B 123 24.14 -12.36 -1.34
C LEU B 123 24.12 -11.43 -0.14
N THR B 124 24.03 -11.98 1.06
CA THR B 124 24.02 -11.16 2.28
C THR B 124 25.11 -11.66 3.20
N VAL B 125 26.26 -10.99 3.17
CA VAL B 125 27.40 -11.37 4.01
C VAL B 125 27.20 -10.77 5.39
N VAL B 126 27.03 -11.63 6.38
CA VAL B 126 26.63 -11.23 7.72
C VAL B 126 27.86 -11.28 8.61
N TYR B 127 27.80 -10.60 9.76
CA TYR B 127 28.97 -10.53 10.64
C TYR B 127 28.51 -10.56 12.10
N ARG B 128 28.61 -11.73 12.73
CA ARG B 128 28.42 -11.82 14.17
C ARG B 128 29.67 -11.32 14.88
N PRO B 129 29.54 -10.47 15.91
CA PRO B 129 30.74 -10.07 16.65
C PRO B 129 31.50 -11.22 17.29
N VAL B 130 30.80 -12.23 17.78
CA VAL B 130 31.41 -13.34 18.50
C VAL B 130 31.05 -14.64 17.82
N SER B 131 32.01 -15.56 17.73
CA SER B 131 31.81 -16.80 17.00
C SER B 131 31.29 -17.92 17.89
N ASP B 132 32.03 -18.24 18.95
CA ASP B 132 31.70 -19.40 19.76
C ASP B 132 30.38 -19.21 20.49
N LYS B 133 29.50 -20.21 20.38
CA LYS B 133 28.18 -20.12 20.99
C LYS B 133 28.25 -20.21 22.51
N VAL B 134 29.27 -20.87 23.04
CA VAL B 134 29.32 -21.12 24.49
C VAL B 134 29.50 -19.81 25.25
N LEU B 135 30.45 -18.97 24.82
CA LEU B 135 30.63 -17.67 25.48
C LEU B 135 29.47 -16.74 25.15
N SER B 136 28.93 -16.83 23.94
CA SER B 136 27.77 -16.02 23.60
C SER B 136 26.56 -16.38 24.47
N PHE B 137 26.53 -17.59 25.00
CA PHE B 137 25.47 -17.97 25.94
C PHE B 137 25.48 -17.07 27.16
N PHE B 138 26.67 -16.71 27.65
CA PHE B 138 26.78 -15.70 28.69
C PHE B 138 26.52 -14.31 28.13
N ALA B 139 27.08 -14.00 26.96
CA ALA B 139 27.02 -12.65 26.41
C ALA B 139 25.59 -12.19 26.17
N LYS B 140 24.68 -13.13 25.93
CA LYS B 140 23.26 -12.78 25.79
C LYS B 140 22.64 -12.30 27.09
N ARG B 141 23.34 -12.47 28.23
CA ARG B 141 22.79 -12.12 29.53
C ARG B 141 23.45 -10.91 30.18
N GLU B 142 24.70 -10.60 29.81
CA GLU B 142 25.44 -9.53 30.49
C GLU B 142 24.87 -8.16 30.15
N ARG B 143 25.34 -7.15 30.88
CA ARG B 143 25.00 -5.76 30.64
C ARG B 143 26.26 -5.00 30.29
N GLU B 144 26.21 -4.19 29.23
CA GLU B 144 27.36 -3.47 28.74
C GLU B 144 27.07 -1.98 28.72
N THR B 145 28.04 -1.19 29.16
CA THR B 145 27.90 0.25 29.14
C THR B 145 27.79 0.73 27.69
N PRO B 146 27.09 1.85 27.46
CA PRO B 146 26.86 2.29 26.09
C PRO B 146 28.13 2.58 25.29
N ASP B 147 29.19 3.05 25.94
CA ASP B 147 30.41 3.39 25.19
C ASP B 147 31.02 2.15 24.57
N GLN B 148 31.02 1.03 25.29
CA GLN B 148 31.57 -0.21 24.73
C GLN B 148 30.62 -0.82 23.71
N LYS B 149 29.32 -0.58 23.87
CA LYS B 149 28.39 -0.92 22.79
C LYS B 149 28.75 -0.18 21.52
N LYS B 150 29.07 1.11 21.65
CA LYS B 150 29.54 1.87 20.50
C LYS B 150 30.83 1.28 19.95
N HIS B 151 31.75 0.88 20.83
CA HIS B 151 33.02 0.31 20.36
C HIS B 151 32.79 -0.93 19.51
N ARG B 152 31.94 -1.84 19.99
CA ARG B 152 31.55 -2.99 19.17
C ARG B 152 30.91 -2.50 17.87
N GLN B 153 30.17 -1.40 17.93
CA GLN B 153 29.50 -0.89 16.74
C GLN B 153 30.49 -0.52 15.65
N GLU B 154 31.47 0.34 15.96
CA GLU B 154 32.43 0.69 14.90
C GLU B 154 33.29 -0.50 14.51
N SER B 155 33.63 -1.37 15.45
CA SER B 155 34.43 -2.53 15.05
C SER B 155 33.71 -3.37 14.02
N CYS B 156 32.43 -3.68 14.27
CA CYS B 156 31.67 -4.48 13.31
C CYS B 156 31.45 -3.74 12.00
N ILE B 157 31.15 -2.44 12.06
CA ILE B 157 30.93 -1.69 10.81
C ILE B 157 32.18 -1.67 9.96
N LYS B 158 33.34 -1.40 10.57
CA LYS B 158 34.56 -1.37 9.78
C LYS B 158 34.88 -2.75 9.21
N ALA B 159 34.70 -3.80 10.01
CA ALA B 159 34.99 -5.14 9.51
C ALA B 159 34.09 -5.48 8.32
N LEU B 160 32.79 -5.24 8.46
CA LEU B 160 31.87 -5.57 7.39
C LEU B 160 32.09 -4.68 6.17
N GLU B 161 32.53 -3.44 6.37
CA GLU B 161 32.76 -2.56 5.23
C GLU B 161 33.98 -3.01 4.45
N ASP B 162 35.02 -3.50 5.15
CA ASP B 162 36.12 -4.12 4.45
C ASP B 162 35.66 -5.36 3.69
N ILE B 163 34.80 -6.16 4.30
CA ILE B 163 34.29 -7.33 3.58
C ILE B 163 33.55 -6.91 2.32
N ASN B 164 32.75 -5.84 2.41
CA ASN B 164 32.01 -5.36 1.25
C ASN B 164 32.94 -4.89 0.15
N ARG B 165 33.98 -4.14 0.51
CA ARG B 165 34.93 -3.68 -0.50
C ARG B 165 35.61 -4.87 -1.17
N THR B 166 36.01 -5.87 -0.38
CA THR B 166 36.68 -7.02 -0.97
C THR B 166 35.76 -7.79 -1.90
N LEU B 167 34.51 -7.99 -1.50
CA LEU B 167 33.56 -8.69 -2.37
C LEU B 167 33.29 -7.90 -3.64
N GLY B 168 33.15 -6.58 -3.53
CA GLY B 168 32.97 -5.76 -4.72
C GLY B 168 34.13 -5.90 -5.68
N GLN B 169 35.36 -5.84 -5.15
CA GLN B 169 36.52 -6.01 -6.01
C GLN B 169 36.63 -7.43 -6.55
N SER B 170 36.06 -8.41 -5.87
CA SER B 170 36.12 -9.79 -6.34
C SER B 170 35.01 -10.15 -7.31
N PHE B 171 33.96 -9.32 -7.40
CA PHE B 171 32.85 -9.54 -8.32
C PHE B 171 32.92 -8.62 -9.53
N LYS B 172 34.12 -8.35 -10.04
CA LYS B 172 34.25 -7.41 -11.15
C LYS B 172 33.54 -7.93 -12.38
N ARG B 173 33.66 -9.22 -12.67
CA ARG B 173 33.01 -9.82 -13.82
C ARG B 173 31.63 -10.36 -13.52
N TYR B 174 31.15 -10.17 -12.30
CA TYR B 174 29.82 -10.62 -11.90
C TYR B 174 28.81 -9.50 -11.86
N GLY B 175 29.20 -8.27 -12.18
CA GLY B 175 28.25 -7.18 -12.23
C GLY B 175 27.51 -6.95 -10.94
N ALA B 176 28.21 -7.05 -9.81
CA ALA B 176 27.55 -6.91 -8.52
C ALA B 176 27.23 -5.45 -8.23
N GLU B 177 26.24 -5.26 -7.35
CA GLU B 177 25.83 -3.93 -6.93
C GLU B 177 25.38 -4.01 -5.48
N LEU B 178 26.07 -3.30 -4.60
CA LEU B 178 25.66 -3.27 -3.20
C LEU B 178 24.41 -2.40 -3.07
N LEU B 179 23.39 -2.93 -2.41
CA LEU B 179 22.12 -2.23 -2.27
C LEU B 179 22.17 -1.29 -1.07
N SER B 180 21.67 -0.07 -1.25
CA SER B 180 21.79 0.94 -0.22
C SER B 180 20.61 1.90 -0.29
N VAL B 181 20.46 2.68 0.77
CA VAL B 181 19.30 3.55 0.93
C VAL B 181 19.17 4.51 -0.23
N TYR B 182 17.96 4.68 -0.73
CA TYR B 182 17.65 5.67 -1.75
C TYR B 182 16.42 6.45 -1.31
N GLU B 183 16.38 7.74 -1.66
CA GLU B 183 15.36 8.64 -1.17
C GLU B 183 14.30 8.89 -2.22
N LYS B 184 13.04 8.82 -1.81
CA LYS B 184 11.91 9.11 -2.71
C LYS B 184 10.94 10.03 -1.98
N GLY B 185 10.75 11.24 -2.53
CA GLY B 185 9.77 12.16 -1.98
C GLY B 185 10.07 12.64 -0.58
N GLY B 186 11.32 13.02 -0.32
CA GLY B 186 11.68 13.55 0.99
C GLY B 186 11.52 12.54 2.11
N HIS B 187 11.83 11.28 1.84
CA HIS B 187 11.71 10.21 2.83
C HIS B 187 12.69 9.12 2.44
N ALA B 188 13.12 8.34 3.42
CA ALA B 188 14.16 7.34 3.22
C ALA B 188 13.53 5.99 2.90
N PHE B 189 13.86 5.44 1.73
CA PHE B 189 13.39 4.12 1.31
C PHE B 189 14.59 3.18 1.27
N SER B 190 14.48 2.06 1.98
CA SER B 190 15.59 1.12 2.05
C SER B 190 15.59 0.19 0.85
N ALA B 191 16.76 -0.03 0.28
CA ALA B 191 16.92 -0.97 -0.81
C ALA B 191 17.03 -2.42 -0.33
N PRO B 192 17.79 -2.72 0.73
CA PRO B 192 17.81 -4.11 1.19
C PRO B 192 16.49 -4.55 1.78
N LEU B 193 15.84 -3.67 2.56
CA LEU B 193 14.60 -4.05 3.21
C LEU B 193 13.55 -4.52 2.22
N GLU B 194 13.57 -4.00 1.00
CA GLU B 194 12.63 -4.50 0.01
C GLU B 194 12.90 -5.96 -0.32
N PHE B 195 14.17 -6.34 -0.40
CA PHE B 195 14.50 -7.73 -0.72
C PHE B 195 14.14 -8.65 0.43
N LEU B 196 14.54 -8.29 1.65
CA LEU B 196 14.21 -9.13 2.80
C LEU B 196 12.70 -9.19 3.03
N ALA B 197 11.99 -8.11 2.74
CA ALA B 197 10.54 -8.13 2.80
C ALA B 197 9.96 -9.06 1.74
N ARG B 198 10.53 -9.05 0.54
CA ARG B 198 10.12 -10.02 -0.46
C ARG B 198 10.30 -11.43 0.06
N LEU B 199 11.38 -11.65 0.82
CA LEU B 199 11.55 -12.94 1.47
C LEU B 199 10.42 -13.23 2.45
N VAL B 200 10.01 -12.22 3.22
CA VAL B 200 8.94 -12.42 4.21
C VAL B 200 7.57 -12.45 3.54
N ASN B 201 7.28 -11.45 2.72
CA ASN B 201 5.92 -11.26 2.20
C ASN B 201 5.61 -12.15 1.01
N GLY B 202 6.57 -12.34 0.11
CA GLY B 202 6.28 -12.93 -1.18
C GLY B 202 5.97 -11.94 -2.26
N GLU B 203 5.85 -10.66 -1.94
CA GLU B 203 5.64 -9.57 -2.89
C GLU B 203 6.82 -8.61 -2.82
N HIS B 204 6.72 -7.51 -3.56
CA HIS B 204 7.72 -6.45 -3.54
C HIS B 204 7.00 -5.20 -3.04
N ILE B 205 6.97 -5.01 -1.74
CA ILE B 205 6.35 -3.84 -1.12
C ILE B 205 7.44 -2.82 -0.82
N PRO B 206 7.40 -1.61 -1.38
CA PRO B 206 8.44 -0.63 -1.10
C PRO B 206 8.47 -0.25 0.37
N MET B 207 9.55 -0.60 1.06
CA MET B 207 9.61 -0.44 2.50
C MET B 207 10.24 0.89 2.85
N PRO B 208 9.51 1.82 3.45
CA PRO B 208 10.12 3.08 3.88
C PRO B 208 10.85 2.92 5.21
N ILE B 209 11.60 3.96 5.57
CA ILE B 209 12.33 4.01 6.83
C ILE B 209 11.49 4.86 7.79
N CYS B 210 10.66 4.21 8.58
CA CYS B 210 9.87 4.91 9.57
C CYS B 210 10.63 4.95 10.89
N ARG B 211 9.95 5.35 11.95
CA ARG B 211 10.57 5.62 13.25
C ARG B 211 10.40 4.46 14.24
N ASP B 212 10.40 3.22 13.76
CA ASP B 212 10.32 2.07 14.62
C ASP B 212 11.43 1.09 14.26
N ARG B 213 11.50 0.00 15.01
CA ARG B 213 12.29 -1.14 14.59
C ARG B 213 11.66 -1.76 13.35
N PHE B 214 12.49 -2.21 12.41
CA PHE B 214 11.93 -2.80 11.20
C PHE B 214 11.13 -4.06 11.52
N SER B 215 11.49 -4.78 12.57
CA SER B 215 10.78 -6.00 12.94
C SER B 215 9.31 -5.72 13.20
N ASP B 216 8.99 -4.49 13.59
CA ASP B 216 7.62 -4.16 13.96
C ASP B 216 6.71 -4.04 12.73
N TYR B 217 7.21 -3.45 11.65
CA TYR B 217 6.35 -3.04 10.55
C TYR B 217 6.83 -3.54 9.19
N MET B 218 7.65 -4.58 9.17
CA MET B 218 8.23 -5.08 7.93
C MET B 218 7.44 -6.22 7.31
N ALA B 219 6.37 -6.68 7.95
CA ALA B 219 5.52 -7.73 7.41
C ALA B 219 4.12 -7.17 7.21
N VAL B 220 3.66 -7.19 5.96
CA VAL B 220 2.33 -6.69 5.62
C VAL B 220 1.45 -7.82 5.09
N ASN B 221 1.90 -9.07 5.19
CA ASN B 221 1.15 -10.22 4.72
C ASN B 221 1.06 -11.23 5.85
N ARG B 222 -0.15 -11.58 6.24
CA ARG B 222 -0.38 -12.57 7.28
C ARG B 222 -0.12 -13.98 6.73
N PRO B 223 0.97 -14.61 7.11
CA PRO B 223 1.23 -15.97 6.61
C PRO B 223 0.40 -16.99 7.37
N MET B 224 0.23 -18.14 6.75
CA MET B 224 -0.50 -19.25 7.37
C MET B 224 0.20 -20.55 7.00
N PHE B 225 0.62 -21.30 8.01
CA PHE B 225 1.30 -22.57 7.80
C PHE B 225 0.40 -23.72 8.21
N SER B 226 0.41 -24.79 7.41
CA SER B 226 -0.43 -25.94 7.68
C SER B 226 0.04 -26.68 8.92
N LYS B 227 -0.91 -27.27 9.65
CA LYS B 227 -0.56 -28.04 10.84
C LYS B 227 0.24 -29.29 10.48
N TRP B 228 -0.22 -30.03 9.48
CA TRP B 228 0.45 -31.26 9.04
C TRP B 228 0.62 -31.15 7.53
N GLY B 229 1.79 -30.68 7.10
CA GLY B 229 2.00 -30.56 5.67
C GLY B 229 3.31 -29.88 5.35
N GLU B 230 3.48 -29.56 4.07
CA GLU B 230 4.65 -28.86 3.57
C GLU B 230 4.32 -27.54 2.91
N VAL B 231 3.04 -27.20 2.75
CA VAL B 231 2.63 -26.03 2.01
C VAL B 231 1.96 -25.05 2.96
N GLY B 232 2.00 -23.78 2.58
CA GLY B 232 1.43 -22.73 3.40
C GLY B 232 0.58 -21.79 2.57
N GLU B 233 0.32 -20.59 3.08
CA GLU B 233 -0.56 -19.67 2.38
C GLU B 233 -0.40 -18.26 2.92
N LEU B 234 -0.18 -17.29 2.03
CA LEU B 234 0.02 -15.90 2.41
C LEU B 234 -1.22 -15.09 2.05
N ARG B 235 -1.92 -14.60 3.07
CA ARG B 235 -3.17 -13.87 2.87
C ARG B 235 -2.86 -12.40 2.69
N SER B 236 -2.83 -11.94 1.44
CA SER B 236 -2.49 -10.56 1.12
C SER B 236 -3.65 -9.88 0.44
N LEU B 237 -3.52 -8.57 0.25
CA LEU B 237 -4.54 -7.82 -0.48
C LEU B 237 -4.59 -8.23 -1.94
N THR B 238 -3.44 -8.28 -2.60
CA THR B 238 -3.41 -8.54 -4.04
C THR B 238 -3.73 -9.99 -4.40
N GLY B 239 -3.82 -10.88 -3.43
CA GLY B 239 -4.16 -12.26 -3.69
C GLY B 239 -3.34 -13.27 -2.91
N LEU B 240 -3.91 -14.45 -2.72
CA LEU B 240 -3.23 -15.52 -1.99
C LEU B 240 -2.07 -16.06 -2.80
N ARG B 241 -1.01 -16.45 -2.10
CA ARG B 241 0.14 -17.12 -2.70
C ARG B 241 0.47 -18.33 -1.83
N ARG B 242 0.39 -19.52 -2.40
CA ARG B 242 0.66 -20.75 -1.66
C ARG B 242 2.08 -21.21 -1.97
N PHE B 243 2.86 -21.46 -0.92
CA PHE B 243 4.28 -21.76 -1.03
C PHE B 243 4.55 -23.13 -0.43
N GLY B 244 5.37 -23.92 -1.12
CA GLY B 244 5.72 -25.22 -0.61
C GLY B 244 7.21 -25.39 -0.54
N MET B 245 7.75 -25.49 0.66
CA MET B 245 9.18 -25.53 0.88
C MET B 245 9.73 -26.90 0.51
N LEU B 246 11.06 -26.99 0.46
CA LEU B 246 11.75 -28.23 0.14
C LEU B 246 13.15 -28.13 0.72
N GLU B 247 13.85 -29.26 0.79
CA GLU B 247 15.09 -29.31 1.53
C GLU B 247 16.02 -30.35 0.95
N ILE B 248 17.33 -30.07 1.01
CA ILE B 248 18.37 -30.98 0.58
C ILE B 248 18.98 -31.64 1.81
N ARG B 249 19.16 -32.95 1.76
CA ARG B 249 19.74 -33.65 2.91
C ARG B 249 20.74 -34.75 2.56
N GLU B 250 21.01 -35.04 1.29
CA GLU B 250 21.89 -36.15 0.94
C GLU B 250 22.73 -35.75 -0.24
N TYR B 251 24.02 -35.48 0.00
CA TYR B 251 24.95 -35.14 -1.06
C TYR B 251 25.42 -36.42 -1.73
N ASP B 252 26.47 -36.31 -2.55
CA ASP B 252 27.09 -37.49 -3.14
C ASP B 252 28.60 -37.33 -3.20
N ASP B 253 29.28 -38.21 -3.94
CA ASP B 253 30.73 -38.15 -4.09
C ASP B 253 31.11 -37.20 -5.23
N ALA B 254 30.60 -35.98 -5.13
CA ALA B 254 30.83 -34.99 -6.17
C ALA B 254 30.41 -33.59 -5.74
N THR B 255 31.08 -32.58 -6.28
CA THR B 255 30.66 -31.19 -6.17
C THR B 255 30.80 -30.52 -7.54
N GLU B 256 30.28 -31.20 -8.57
CA GLU B 256 30.39 -30.71 -9.94
C GLU B 256 29.92 -29.26 -10.02
N PRO B 257 30.62 -28.42 -10.78
CA PRO B 257 30.33 -26.99 -10.75
C PRO B 257 28.96 -26.68 -11.31
N GLY B 258 28.24 -25.83 -10.59
CA GLY B 258 26.92 -25.44 -11.05
C GLY B 258 25.96 -26.59 -11.26
N GLN B 259 25.89 -27.51 -10.29
CA GLN B 259 24.97 -28.63 -10.44
C GLN B 259 23.52 -28.18 -10.21
N LEU B 260 23.34 -27.06 -9.53
CA LEU B 260 22.01 -26.52 -9.34
C LEU B 260 21.63 -25.52 -10.42
N ASN B 261 22.16 -25.68 -11.63
CA ASN B 261 21.74 -24.85 -12.75
C ASN B 261 20.34 -25.21 -13.23
N VAL B 262 19.91 -26.45 -13.02
CA VAL B 262 18.67 -26.93 -13.64
C VAL B 262 17.47 -26.16 -13.11
N LEU B 263 17.58 -25.57 -11.92
CA LEU B 263 16.47 -24.81 -11.37
C LEU B 263 16.44 -23.38 -11.87
N LEU B 264 17.40 -22.99 -12.71
CA LEU B 264 17.35 -21.72 -13.40
C LEU B 264 16.34 -21.72 -14.54
N GLU B 265 16.15 -22.86 -15.19
CA GLU B 265 15.30 -23.01 -16.36
C GLU B 265 13.88 -23.38 -15.97
N SER B 266 13.49 -23.07 -14.73
CA SER B 266 12.27 -23.59 -14.17
C SER B 266 11.04 -22.96 -14.80
N ASP B 267 9.94 -23.70 -14.76
CA ASP B 267 8.64 -23.19 -15.13
C ASP B 267 7.85 -22.72 -13.93
N TYR B 268 8.44 -22.79 -12.74
CA TYR B 268 7.78 -22.51 -11.48
C TYR B 268 8.54 -21.44 -10.73
N GLU B 269 7.84 -20.41 -10.29
CA GLU B 269 8.46 -19.28 -9.62
C GLU B 269 8.73 -19.62 -8.16
N PHE B 270 9.99 -19.48 -7.72
CA PHE B 270 10.41 -20.00 -6.44
C PHE B 270 11.38 -19.02 -5.79
N VAL B 271 11.99 -19.45 -4.69
CA VAL B 271 13.08 -18.75 -4.03
C VAL B 271 14.06 -19.77 -3.48
N LEU B 272 15.23 -19.93 -4.09
CA LEU B 272 16.21 -20.82 -3.51
C LEU B 272 16.88 -20.13 -2.33
N THR B 273 17.66 -20.87 -1.55
CA THR B 273 18.34 -20.29 -0.39
C THR B 273 19.58 -21.13 -0.10
N HIS B 274 20.54 -20.50 0.57
CA HIS B 274 21.71 -21.21 1.04
C HIS B 274 22.14 -20.60 2.36
N SER B 275 23.26 -21.07 2.88
CA SER B 275 23.83 -20.56 4.11
C SER B 275 25.20 -21.17 4.25
N PHE B 276 26.17 -20.38 4.66
CA PHE B 276 27.51 -20.88 4.85
C PHE B 276 28.08 -20.19 6.09
N SER B 277 27.79 -20.76 7.25
CA SER B 277 28.30 -20.22 8.50
C SER B 277 29.75 -20.65 8.65
N VAL B 278 30.64 -19.80 8.15
CA VAL B 278 32.06 -20.10 8.10
C VAL B 278 32.51 -20.53 9.49
N LEU B 279 33.47 -21.45 9.53
CA LEU B 279 33.75 -22.21 10.74
C LEU B 279 35.24 -22.21 11.00
N SER B 280 35.61 -22.25 12.28
CA SER B 280 37.00 -22.07 12.67
C SER B 280 37.87 -23.21 12.16
N ARG B 281 39.13 -22.89 11.88
CA ARG B 281 40.06 -23.92 11.44
C ARG B 281 40.23 -25.04 12.45
N PRO B 282 40.37 -24.80 13.76
CA PRO B 282 40.38 -25.94 14.68
C PRO B 282 39.11 -26.77 14.65
N ALA B 283 37.94 -26.13 14.61
CA ALA B 283 36.69 -26.89 14.58
C ALA B 283 36.54 -27.65 13.27
N ALA B 284 36.91 -27.03 12.16
CA ALA B 284 36.84 -27.73 10.88
C ALA B 284 37.82 -28.90 10.83
N LYS B 285 39.04 -28.70 11.33
CA LYS B 285 39.98 -29.79 11.40
C LYS B 285 39.48 -30.90 12.30
N GLU B 286 38.74 -30.55 13.36
CA GLU B 286 38.19 -31.59 14.22
C GLU B 286 37.09 -32.36 13.51
N TYR B 287 36.24 -31.68 12.76
CA TYR B 287 35.21 -32.37 12.00
C TYR B 287 35.85 -33.33 10.98
N LEU B 288 36.89 -32.86 10.30
CA LEU B 288 37.54 -33.72 9.31
C LEU B 288 38.31 -34.85 9.98
N GLN B 289 38.88 -34.61 11.17
CA GLN B 289 39.50 -35.68 11.94
C GLN B 289 38.45 -36.71 12.36
N ARG B 290 37.24 -36.26 12.68
CA ARG B 290 36.18 -37.19 13.02
C ARG B 290 35.82 -38.06 11.83
N HIS B 291 35.70 -37.47 10.65
CA HIS B 291 35.43 -38.28 9.47
C HIS B 291 36.57 -39.26 9.21
N GLN B 292 37.81 -38.80 9.36
CA GLN B 292 38.95 -39.67 9.18
C GLN B 292 38.91 -40.85 10.15
N LYS B 293 38.63 -40.57 11.42
CA LYS B 293 38.58 -41.62 12.43
C LYS B 293 37.49 -42.63 12.13
N ASN B 294 36.30 -42.14 11.81
CA ASN B 294 35.19 -43.04 11.49
C ASN B 294 35.53 -43.92 10.29
N LEU B 295 36.14 -43.33 9.26
CA LEU B 295 36.47 -44.08 8.07
C LEU B 295 37.54 -45.13 8.36
N ILE B 296 38.55 -44.76 9.15
CA ILE B 296 39.71 -45.61 9.37
C ILE B 296 39.40 -46.66 10.41
N ASP B 297 38.26 -46.53 11.08
CA ASP B 297 37.77 -47.60 11.96
C ASP B 297 36.97 -48.61 11.16
N ALA B 298 37.53 -49.14 10.08
CA ALA B 298 36.80 -50.02 9.19
C ALA B 298 37.79 -50.77 8.30
N ARG B 299 37.24 -51.46 7.30
CA ARG B 299 38.09 -52.13 6.32
C ARG B 299 38.85 -51.10 5.49
N ASP B 300 40.06 -51.48 5.07
CA ASP B 300 40.94 -50.56 4.35
C ASP B 300 40.53 -50.50 2.89
N VAL B 301 39.64 -49.57 2.56
CA VAL B 301 39.40 -49.26 1.16
C VAL B 301 40.69 -48.69 0.56
N ALA B 302 40.95 -49.04 -0.70
CA ALA B 302 42.27 -48.79 -1.28
C ALA B 302 42.56 -47.30 -1.38
N THR B 303 41.66 -46.53 -1.98
CA THR B 303 41.96 -45.13 -2.29
C THR B 303 40.97 -44.14 -1.69
N ASP B 304 39.67 -44.44 -1.73
CA ASP B 304 38.69 -43.55 -1.11
C ASP B 304 39.02 -43.30 0.36
N GLN B 305 39.47 -44.34 1.05
CA GLN B 305 39.86 -44.26 2.45
C GLN B 305 41.00 -43.30 2.73
N ILE B 306 42.19 -43.60 2.23
CA ILE B 306 43.40 -43.09 2.85
C ILE B 306 43.86 -41.78 2.23
N GLU B 307 44.24 -41.82 0.95
CA GLU B 307 44.93 -40.68 0.37
C GLU B 307 44.00 -39.49 0.22
N GLU B 308 42.71 -39.74 0.00
CA GLU B 308 41.78 -38.64 -0.15
C GLU B 308 41.72 -37.79 1.11
N ILE B 309 41.57 -38.44 2.28
CA ILE B 309 41.53 -37.64 3.49
C ILE B 309 42.91 -37.14 3.86
N ASP B 310 43.97 -37.82 3.40
CA ASP B 310 45.32 -37.26 3.55
C ASP B 310 45.38 -35.88 2.92
N GLU B 311 45.01 -35.79 1.65
CA GLU B 311 45.08 -34.50 0.96
C GLU B 311 44.05 -33.53 1.50
N ALA B 312 42.88 -34.02 1.91
CA ALA B 312 41.88 -33.12 2.48
C ALA B 312 42.42 -32.41 3.72
N LEU B 313 42.94 -33.17 4.67
CA LEU B 313 43.47 -32.56 5.88
C LEU B 313 44.68 -31.69 5.57
N ASN B 314 45.54 -32.14 4.66
CA ASN B 314 46.73 -31.35 4.34
C ASN B 314 46.36 -30.01 3.72
N GLN B 315 45.36 -29.99 2.82
CA GLN B 315 44.88 -28.71 2.30
C GLN B 315 44.29 -27.85 3.41
N LEU B 316 43.47 -28.44 4.28
CA LEU B 316 42.81 -27.63 5.30
C LEU B 316 43.84 -26.95 6.19
N ILE B 317 44.90 -27.66 6.57
CA ILE B 317 45.96 -27.02 7.33
C ILE B 317 46.69 -25.99 6.48
N SER B 318 47.00 -26.34 5.24
CA SER B 318 47.73 -25.44 4.33
C SER B 318 46.85 -24.33 3.78
N GLY B 319 45.63 -24.16 4.30
CA GLY B 319 44.81 -23.01 3.93
C GLY B 319 44.38 -22.97 2.48
N HIS B 320 43.56 -23.92 2.06
CA HIS B 320 43.02 -23.92 0.70
C HIS B 320 41.50 -24.01 0.68
N PHE B 321 40.88 -24.26 1.83
CA PHE B 321 39.43 -24.15 1.92
C PHE B 321 39.05 -23.96 3.38
N VAL B 322 37.82 -23.51 3.61
CA VAL B 322 37.32 -23.23 4.95
C VAL B 322 35.94 -23.84 5.10
N MET B 323 35.81 -24.83 5.98
CA MET B 323 34.55 -25.53 6.16
C MET B 323 33.49 -24.60 6.75
N GLY B 324 32.23 -24.99 6.58
CA GLY B 324 31.14 -24.21 7.14
C GLY B 324 29.84 -24.98 7.15
N GLU B 325 28.88 -24.47 7.93
CA GLU B 325 27.58 -25.09 8.11
C GLU B 325 26.59 -24.54 7.10
N HIS B 326 25.90 -25.43 6.40
CA HIS B 326 25.19 -25.10 5.17
C HIS B 326 23.80 -25.72 5.15
N HIS B 327 22.85 -25.03 4.51
CA HIS B 327 21.51 -25.59 4.36
C HIS B 327 20.82 -24.88 3.20
N CYS B 328 20.13 -25.65 2.35
CA CYS B 328 19.50 -25.12 1.15
C CYS B 328 18.02 -25.46 1.13
N THR B 329 17.17 -24.45 1.03
CA THR B 329 15.71 -24.61 1.11
C THR B 329 15.02 -23.97 -0.07
N LEU B 330 14.85 -24.73 -1.14
CA LEU B 330 14.03 -24.28 -2.26
C LEU B 330 12.58 -24.18 -1.84
N THR B 331 11.96 -23.02 -2.04
CA THR B 331 10.55 -22.82 -1.75
C THR B 331 9.84 -22.36 -3.03
N VAL B 332 8.92 -23.17 -3.51
CA VAL B 332 8.19 -22.85 -4.73
C VAL B 332 6.93 -22.08 -4.38
N TYR B 333 6.64 -21.03 -5.14
CA TYR B 333 5.43 -20.25 -4.99
C TYR B 333 4.41 -20.66 -6.04
N GLY B 334 3.14 -20.62 -5.67
CA GLY B 334 2.07 -21.02 -6.56
C GLY B 334 0.75 -20.48 -6.07
N GLU B 335 -0.29 -20.72 -6.86
CA GLU B 335 -1.61 -20.15 -6.59
C GLU B 335 -2.58 -21.14 -5.97
N THR B 336 -2.43 -22.43 -6.22
CA THR B 336 -3.29 -23.44 -5.62
C THR B 336 -2.45 -24.59 -5.08
N VAL B 337 -2.98 -25.25 -4.05
CA VAL B 337 -2.19 -26.21 -3.30
C VAL B 337 -1.80 -27.40 -4.16
N GLN B 338 -2.66 -27.81 -5.09
CA GLN B 338 -2.27 -28.88 -6.00
C GLN B 338 -1.09 -28.44 -6.86
N GLN B 339 -1.13 -27.22 -7.38
CA GLN B 339 -0.09 -26.76 -8.30
C GLN B 339 1.25 -26.62 -7.59
N VAL B 340 1.25 -26.13 -6.35
CA VAL B 340 2.51 -26.00 -5.64
C VAL B 340 3.11 -27.37 -5.33
N ARG B 341 2.27 -28.37 -5.04
CA ARG B 341 2.78 -29.73 -4.88
C ARG B 341 3.34 -30.26 -6.19
N ASP B 342 2.68 -29.95 -7.31
CA ASP B 342 3.21 -30.39 -8.60
C ASP B 342 4.57 -29.78 -8.87
N ASN B 343 4.71 -28.48 -8.59
CA ASN B 343 6.01 -27.83 -8.76
C ASN B 343 7.04 -28.42 -7.80
N LEU B 344 6.62 -28.77 -6.59
CA LEU B 344 7.56 -29.38 -5.64
C LEU B 344 8.05 -30.72 -6.15
N ALA B 345 7.16 -31.54 -6.69
CA ALA B 345 7.59 -32.81 -7.27
C ALA B 345 8.52 -32.58 -8.45
N HIS B 346 8.25 -31.55 -9.25
CA HIS B 346 9.14 -31.22 -10.36
C HIS B 346 10.53 -30.82 -9.86
N ALA B 347 10.58 -30.00 -8.80
CA ALA B 347 11.86 -29.58 -8.27
C ALA B 347 12.61 -30.74 -7.66
N SER B 348 11.89 -31.67 -7.02
CA SER B 348 12.53 -32.87 -6.49
C SER B 348 13.12 -33.71 -7.62
N ALA B 349 12.38 -33.86 -8.72
CA ALA B 349 12.94 -34.57 -9.87
C ALA B 349 14.18 -33.87 -10.40
N ALA B 350 14.14 -32.54 -10.45
CA ALA B 350 15.29 -31.78 -10.95
C ALA B 350 16.51 -31.97 -10.06
N MET B 351 16.34 -31.86 -8.74
CA MET B 351 17.47 -32.07 -7.84
C MET B 351 17.98 -33.51 -7.91
N LEU B 352 17.09 -34.50 -7.97
CA LEU B 352 17.56 -35.87 -8.10
C LEU B 352 18.30 -36.10 -9.40
N ASP B 353 17.97 -35.36 -10.45
CA ASP B 353 18.72 -35.47 -11.70
C ASP B 353 20.19 -35.12 -11.54
N VAL B 354 20.52 -34.23 -10.60
CA VAL B 354 21.90 -33.81 -10.41
C VAL B 354 22.49 -34.41 -9.12
N ALA B 355 21.93 -35.51 -8.65
CA ALA B 355 22.53 -36.30 -7.57
C ALA B 355 22.68 -35.50 -6.27
N VAL B 356 21.59 -34.88 -5.83
CA VAL B 356 21.48 -34.38 -4.47
C VAL B 356 20.10 -34.75 -3.93
N LEU B 357 20.02 -35.85 -3.20
CA LEU B 357 18.73 -36.42 -2.86
C LEU B 357 17.95 -35.45 -1.96
N PRO B 358 16.85 -34.88 -2.44
CA PRO B 358 16.06 -33.98 -1.61
C PRO B 358 14.90 -34.67 -0.93
N LYS B 359 14.52 -34.18 0.26
CA LYS B 359 13.36 -34.69 0.97
C LYS B 359 12.53 -33.50 1.38
N PRO B 360 11.25 -33.42 0.99
CA PRO B 360 10.44 -32.25 1.30
C PRO B 360 10.35 -32.03 2.79
N VAL B 361 10.49 -30.78 3.20
CA VAL B 361 10.41 -30.45 4.62
C VAL B 361 8.95 -30.44 5.03
N ASP B 362 8.63 -31.21 6.08
CA ASP B 362 7.26 -31.41 6.51
C ASP B 362 7.01 -30.92 7.93
N LEU B 363 7.79 -31.37 8.90
CA LEU B 363 7.61 -30.89 10.27
C LEU B 363 8.17 -29.50 10.48
N ALA B 364 9.30 -29.17 9.85
CA ALA B 364 9.96 -27.89 10.04
C ALA B 364 9.68 -26.93 8.88
N LEU B 365 8.45 -26.92 8.35
CA LEU B 365 8.12 -25.95 7.32
C LEU B 365 8.26 -24.53 7.84
N GLU B 366 7.74 -24.26 9.03
CA GLU B 366 7.79 -22.90 9.56
C GLU B 366 9.22 -22.54 9.96
N ALA B 367 9.97 -23.50 10.50
CA ALA B 367 11.35 -23.21 10.86
C ALA B 367 12.18 -22.91 9.63
N GLY B 368 11.99 -23.69 8.56
CA GLY B 368 12.68 -23.38 7.31
C GLY B 368 12.30 -22.03 6.76
N TYR B 369 10.99 -21.73 6.75
CA TYR B 369 10.54 -20.46 6.19
C TYR B 369 11.08 -19.28 6.99
N TRP B 370 11.28 -19.45 8.28
CA TRP B 370 11.96 -18.42 9.06
C TRP B 370 13.48 -18.55 9.02
N ALA B 371 14.00 -19.56 8.34
CA ALA B 371 15.44 -19.73 8.19
C ALA B 371 15.97 -19.08 6.93
N GLN B 372 15.11 -18.46 6.13
CA GLN B 372 15.54 -17.79 4.93
C GLN B 372 16.05 -16.38 5.19
N LEU B 373 15.45 -15.68 6.12
CA LEU B 373 15.87 -14.33 6.43
C LEU B 373 17.31 -14.36 6.93
N PRO B 374 18.22 -13.58 6.35
CA PRO B 374 19.61 -13.60 6.80
C PRO B 374 19.70 -13.23 8.27
N ALA B 375 20.74 -13.77 8.92
CA ALA B 375 20.95 -13.66 10.36
C ALA B 375 19.97 -14.49 11.16
N ASN B 376 19.64 -15.70 10.69
CA ASN B 376 18.82 -16.65 11.42
C ASN B 376 19.48 -18.04 11.36
N TRP B 377 20.36 -18.32 12.31
CA TRP B 377 20.91 -19.66 12.44
C TRP B 377 20.05 -20.53 13.33
N GLN B 378 19.34 -19.92 14.27
CA GLN B 378 18.58 -20.68 15.25
C GLN B 378 17.38 -21.35 14.63
N TRP B 379 17.07 -21.04 13.37
CA TRP B 379 15.89 -21.58 12.71
C TRP B 379 16.23 -22.52 11.56
N ARG B 380 17.50 -22.77 11.30
CA ARG B 380 17.86 -23.63 10.19
C ARG B 380 17.53 -25.08 10.51
N PRO B 381 16.83 -25.79 9.64
CA PRO B 381 16.55 -27.21 9.90
C PRO B 381 17.78 -28.12 9.92
N ARG B 382 18.56 -28.16 8.86
CA ARG B 382 19.61 -29.17 8.70
C ARG B 382 20.93 -28.55 8.28
N PRO B 383 21.68 -27.95 9.21
CA PRO B 383 23.02 -27.44 8.90
C PRO B 383 24.05 -28.55 8.91
N ALA B 384 24.66 -28.81 7.76
CA ALA B 384 25.61 -29.90 7.59
C ALA B 384 26.93 -29.36 7.04
N PRO B 385 28.04 -29.50 7.76
CA PRO B 385 29.30 -28.89 7.30
C PRO B 385 29.79 -29.47 5.99
N ILE B 386 30.36 -28.59 5.15
CA ILE B 386 30.90 -28.94 3.84
C ILE B 386 32.13 -28.10 3.56
N THR B 387 32.90 -28.53 2.56
CA THR B 387 34.03 -27.76 2.10
C THR B 387 33.56 -26.46 1.46
N SER B 388 34.40 -25.42 1.54
CA SER B 388 34.00 -24.13 0.99
C SER B 388 33.94 -24.16 -0.53
N LEU B 389 34.89 -24.85 -1.17
CA LEU B 389 34.85 -25.06 -2.60
C LEU B 389 33.47 -25.60 -2.96
N ASN B 390 32.99 -26.51 -2.12
CA ASN B 390 31.71 -27.14 -2.40
C ASN B 390 30.57 -26.15 -2.30
N PHE B 391 30.60 -25.26 -1.30
CA PHE B 391 29.53 -24.27 -1.23
C PHE B 391 29.55 -23.35 -2.43
N LEU B 392 30.73 -22.88 -2.82
CA LEU B 392 30.78 -22.05 -4.03
C LEU B 392 30.43 -22.85 -5.27
N SER B 393 30.40 -24.17 -5.17
CA SER B 393 29.85 -25.00 -6.25
C SER B 393 28.35 -25.21 -6.14
N PHE B 394 27.74 -24.99 -4.98
CA PHE B 394 26.29 -24.88 -4.87
C PHE B 394 25.76 -23.49 -5.15
N SER B 395 26.62 -22.51 -5.38
CA SER B 395 26.14 -21.19 -5.74
C SER B 395 27.22 -20.45 -6.51
N PRO B 396 27.52 -20.86 -7.75
CA PRO B 396 28.57 -20.19 -8.52
C PRO B 396 28.16 -18.84 -9.06
N PHE B 397 26.97 -18.37 -8.72
CA PHE B 397 26.41 -17.14 -9.27
C PHE B 397 26.36 -17.18 -10.79
N HIS B 398 25.98 -18.34 -11.32
CA HIS B 398 25.56 -18.46 -12.70
C HIS B 398 24.17 -17.89 -12.88
N ASN B 399 23.88 -17.44 -14.09
CA ASN B 399 22.59 -16.84 -14.40
C ASN B 399 22.50 -16.70 -15.91
N PHE B 400 21.31 -16.93 -16.44
CA PHE B 400 21.05 -16.60 -17.83
C PHE B 400 20.97 -15.09 -17.97
N MET B 401 21.50 -14.57 -19.07
CA MET B 401 21.39 -13.14 -19.30
C MET B 401 19.93 -12.76 -19.50
N SER B 402 19.51 -11.69 -18.83
CA SER B 402 18.12 -11.29 -18.87
C SER B 402 17.95 -9.81 -19.11
N GLY B 403 18.95 -9.01 -18.76
CA GLY B 403 18.83 -7.58 -18.90
C GLY B 403 17.90 -7.00 -17.85
N LYS B 404 17.73 -5.68 -17.91
CA LYS B 404 16.93 -4.98 -16.93
C LYS B 404 15.64 -4.49 -17.58
N PRO B 405 14.47 -4.99 -17.16
CA PRO B 405 13.23 -4.51 -17.78
C PRO B 405 12.96 -3.03 -17.56
N THR B 406 12.93 -2.57 -16.31
CA THR B 406 12.66 -1.18 -16.00
C THR B 406 13.88 -0.57 -15.33
N GLY B 407 13.75 0.70 -14.96
CA GLY B 407 14.83 1.43 -14.33
C GLY B 407 15.91 1.92 -15.26
N ASN B 408 15.77 1.67 -16.56
CA ASN B 408 16.76 2.09 -17.53
C ASN B 408 16.79 3.60 -17.65
N PRO B 409 17.89 4.17 -18.17
CA PRO B 409 17.94 5.63 -18.36
C PRO B 409 16.78 6.16 -19.19
N TRP B 410 16.36 5.42 -20.21
CA TRP B 410 15.26 5.90 -21.04
C TRP B 410 13.91 5.49 -20.46
N GLY B 411 13.85 4.34 -19.80
CA GLY B 411 12.61 3.86 -19.22
C GLY B 411 12.48 2.36 -19.32
N PRO B 412 11.40 1.89 -19.92
CA PRO B 412 11.23 0.45 -20.13
C PRO B 412 12.20 -0.05 -21.20
N ALA B 413 12.42 -1.36 -21.16
CA ALA B 413 13.30 -1.99 -22.14
C ALA B 413 12.70 -1.88 -23.54
N VAL B 414 13.59 -1.82 -24.54
CA VAL B 414 13.13 -1.55 -25.90
C VAL B 414 12.37 -2.76 -26.46
N THR B 415 12.98 -3.93 -26.44
CA THR B 415 12.32 -5.12 -26.97
C THR B 415 12.59 -6.28 -26.03
N ILE B 416 11.89 -7.37 -26.27
CA ILE B 416 12.12 -8.64 -25.59
C ILE B 416 12.37 -9.70 -26.66
N LEU B 417 13.47 -10.41 -26.53
CA LEU B 417 13.93 -11.32 -27.58
C LEU B 417 13.87 -12.76 -27.09
N LYS B 418 13.52 -13.67 -27.99
CA LYS B 418 13.62 -15.09 -27.67
C LYS B 418 15.08 -15.45 -27.46
N THR B 419 15.33 -16.34 -26.51
CA THR B 419 16.66 -16.87 -26.28
C THR B 419 16.64 -18.37 -26.46
N VAL B 420 17.68 -18.92 -27.08
CA VAL B 420 17.75 -20.37 -27.28
C VAL B 420 17.70 -21.10 -25.96
N SER B 421 18.24 -20.49 -24.90
CA SER B 421 18.13 -21.09 -23.57
C SER B 421 16.67 -21.23 -23.16
N GLY B 422 15.87 -20.21 -23.45
CA GLY B 422 14.46 -20.24 -23.11
C GLY B 422 14.05 -19.04 -22.27
N THR B 423 14.92 -18.63 -21.36
CA THR B 423 14.65 -17.46 -20.55
C THR B 423 14.72 -16.19 -21.40
N PRO B 424 13.70 -15.35 -21.38
CA PRO B 424 13.67 -14.22 -22.30
C PRO B 424 14.66 -13.14 -21.91
N LEU B 425 15.21 -12.48 -22.91
CA LEU B 425 16.14 -11.38 -22.72
C LEU B 425 15.41 -10.07 -22.95
N TYR B 426 15.58 -9.13 -22.03
CA TYR B 426 14.89 -7.85 -22.09
C TYR B 426 15.88 -6.86 -22.71
N PHE B 427 15.91 -6.81 -24.03
CA PHE B 427 16.94 -6.05 -24.73
C PHE B 427 16.80 -4.57 -24.45
N ASN B 428 17.94 -3.88 -24.42
CA ASN B 428 18.02 -2.44 -24.26
C ASN B 428 19.42 -1.98 -24.61
N PHE B 429 19.52 -0.82 -25.26
CA PHE B 429 20.82 -0.36 -25.72
C PHE B 429 21.75 -0.03 -24.56
N HIS B 430 21.24 0.63 -23.54
CA HIS B 430 22.10 1.12 -22.48
C HIS B 430 22.62 -0.02 -21.62
N ALA B 431 23.89 -0.34 -21.78
CA ALA B 431 24.56 -1.35 -20.97
C ALA B 431 25.22 -0.67 -19.78
N SER B 432 25.81 -1.49 -18.91
CA SER B 432 26.33 -1.01 -17.64
C SER B 432 27.85 -0.92 -17.70
N LYS B 433 28.37 0.29 -17.90
CA LYS B 433 29.77 0.62 -17.64
C LYS B 433 30.73 -0.24 -18.47
N GLU B 434 30.74 -0.02 -19.78
CA GLU B 434 31.74 -0.67 -20.61
C GLU B 434 33.09 0.04 -20.51
N GLU B 435 33.09 1.37 -20.55
CA GLU B 435 34.35 2.11 -20.56
C GLU B 435 35.10 1.95 -19.25
N GLU B 436 34.38 1.96 -18.12
CA GLU B 436 34.92 1.58 -16.81
C GLU B 436 36.05 2.50 -16.37
N ASP B 437 35.93 3.80 -16.67
CA ASP B 437 36.92 4.78 -16.23
C ASP B 437 36.38 5.72 -15.15
N ALA B 438 35.09 6.04 -15.20
CA ALA B 438 34.48 6.90 -14.19
C ALA B 438 33.06 6.41 -13.93
N THR B 439 32.64 6.52 -12.65
CA THR B 439 31.32 6.04 -12.27
C THR B 439 30.22 7.02 -12.65
N ASP B 440 30.41 8.31 -12.40
CA ASP B 440 29.40 9.31 -12.70
C ASP B 440 29.43 9.62 -14.20
N LYS B 441 28.34 9.29 -14.89
CA LYS B 441 28.29 9.38 -16.34
C LYS B 441 26.85 9.10 -16.78
N ARG B 442 26.65 9.12 -18.10
CA ARG B 442 25.46 8.60 -18.73
C ARG B 442 25.81 7.25 -19.35
N LEU B 443 24.93 6.26 -19.14
CA LEU B 443 25.24 4.89 -19.53
C LEU B 443 25.58 4.83 -21.02
N LEU B 444 26.68 4.16 -21.34
CA LEU B 444 27.07 3.99 -22.73
C LEU B 444 25.98 3.24 -23.48
N GLY B 445 25.58 3.77 -24.63
CA GLY B 445 24.42 3.23 -25.30
C GLY B 445 24.66 2.78 -26.73
N ASN B 446 25.91 2.70 -27.16
CA ASN B 446 26.19 2.32 -28.53
C ASN B 446 25.79 0.88 -28.78
N THR B 447 26.00 0.43 -30.01
CA THR B 447 25.68 -0.92 -30.44
C THR B 447 26.40 -1.20 -31.75
N MET B 448 26.95 -2.39 -31.89
CA MET B 448 27.66 -2.75 -33.11
C MET B 448 27.20 -4.11 -33.60
N LEU B 449 26.36 -4.12 -34.63
CA LEU B 449 25.96 -5.35 -35.30
C LEU B 449 27.02 -5.69 -36.32
N ILE B 450 27.54 -6.91 -36.28
CA ILE B 450 28.54 -7.35 -37.26
C ILE B 450 28.15 -8.71 -37.77
N GLY B 451 28.37 -8.95 -39.06
CA GLY B 451 28.07 -10.23 -39.65
C GLY B 451 27.65 -10.07 -41.09
N GLN B 452 27.90 -11.12 -41.87
CA GLN B 452 27.62 -11.06 -43.30
C GLN B 452 26.12 -10.91 -43.53
N SER B 453 25.76 -10.00 -44.43
CA SER B 453 24.38 -9.55 -44.57
C SER B 453 23.50 -10.64 -45.18
N SER B 454 22.23 -10.30 -45.38
CA SER B 454 21.12 -11.16 -45.82
C SER B 454 20.78 -12.18 -44.74
N SER B 455 21.53 -12.24 -43.65
CA SER B 455 21.22 -13.08 -42.50
C SER B 455 20.30 -12.37 -41.52
N GLY B 456 19.59 -11.35 -41.96
CA GLY B 456 18.68 -10.62 -41.11
C GLY B 456 19.23 -9.35 -40.50
N LYS B 457 20.41 -8.90 -40.91
CA LYS B 457 20.97 -7.68 -40.32
C LYS B 457 20.05 -6.49 -40.56
N THR B 458 19.61 -6.30 -41.81
CA THR B 458 18.64 -5.24 -42.07
C THR B 458 17.30 -5.55 -41.41
N VAL B 459 16.90 -6.82 -41.40
CA VAL B 459 15.69 -7.20 -40.69
C VAL B 459 15.80 -6.85 -39.21
N LEU B 460 16.93 -7.20 -38.61
CA LEU B 460 17.15 -6.92 -37.20
C LEU B 460 17.12 -5.42 -36.92
N LEU B 461 17.91 -4.64 -37.66
CA LEU B 461 17.99 -3.22 -37.38
C LEU B 461 16.66 -2.54 -37.64
N GLY B 462 15.94 -2.95 -38.68
CA GLY B 462 14.60 -2.45 -38.87
C GLY B 462 13.68 -2.81 -37.72
N PHE B 463 13.83 -4.00 -37.17
CA PHE B 463 12.98 -4.41 -36.06
C PHE B 463 13.23 -3.55 -34.84
N LEU B 464 14.49 -3.36 -34.47
CA LEU B 464 14.78 -2.50 -33.32
C LEU B 464 14.33 -1.07 -33.57
N LEU B 465 14.60 -0.52 -34.75
CA LEU B 465 14.25 0.86 -35.01
C LEU B 465 12.75 1.02 -35.17
N ALA B 466 12.04 -0.08 -35.39
CA ALA B 466 10.58 -0.03 -35.48
C ALA B 466 9.94 -0.12 -34.11
N GLN B 467 10.55 -0.88 -33.20
CA GLN B 467 9.98 -1.02 -31.88
C GLN B 467 10.45 0.08 -30.92
N ALA B 468 11.49 0.82 -31.25
CA ALA B 468 12.04 1.81 -30.34
C ALA B 468 11.23 3.10 -30.27
N GLN B 469 10.09 3.19 -30.95
CA GLN B 469 9.32 4.43 -30.98
C GLN B 469 8.52 4.69 -29.72
N LYS B 470 8.52 3.75 -28.76
CA LYS B 470 7.88 4.04 -27.49
C LYS B 470 8.61 5.15 -26.75
N PHE B 471 9.86 5.42 -27.12
CA PHE B 471 10.65 6.52 -26.57
C PHE B 471 10.44 7.83 -27.31
N LYS B 472 9.75 7.81 -28.46
CA LYS B 472 9.66 8.93 -29.38
C LYS B 472 11.05 9.44 -29.75
N PRO B 473 11.93 8.59 -30.28
CA PRO B 473 13.31 9.03 -30.53
C PRO B 473 13.54 9.55 -31.93
N THR B 474 14.31 10.62 -32.06
CA THR B 474 14.81 11.02 -33.36
C THR B 474 15.75 9.96 -33.90
N ILE B 475 15.73 9.78 -35.22
CA ILE B 475 16.57 8.79 -35.88
C ILE B 475 17.13 9.41 -37.15
N VAL B 476 18.40 9.11 -37.45
CA VAL B 476 19.04 9.54 -38.68
C VAL B 476 19.76 8.33 -39.23
N ALA B 477 19.28 7.79 -40.33
CA ALA B 477 19.71 6.48 -40.82
C ALA B 477 20.50 6.61 -42.10
N PHE B 478 21.81 6.38 -42.02
CA PHE B 478 22.67 6.25 -43.18
C PHE B 478 22.69 4.79 -43.56
N ASP B 479 21.96 4.42 -44.60
CA ASP B 479 21.82 3.02 -44.99
C ASP B 479 22.58 2.76 -46.28
N LYS B 480 22.52 1.51 -46.72
CA LYS B 480 23.17 1.08 -47.95
C LYS B 480 22.22 0.16 -48.72
N ASP B 481 22.21 0.32 -50.04
CA ASP B 481 21.40 -0.43 -50.98
C ASP B 481 19.90 -0.28 -50.75
N ARG B 482 19.43 0.90 -50.35
CA ARG B 482 18.01 1.28 -50.32
C ARG B 482 17.17 0.37 -49.44
N GLY B 483 17.79 -0.43 -48.57
CA GLY B 483 17.02 -1.37 -47.78
C GLY B 483 16.09 -0.69 -46.79
N MET B 484 16.56 0.37 -46.15
CA MET B 484 15.78 0.96 -45.07
C MET B 484 14.73 1.94 -45.56
N GLU B 485 14.63 2.15 -46.89
CA GLU B 485 13.69 3.14 -47.39
C GLU B 485 12.26 2.78 -47.01
N ILE B 486 11.89 1.52 -47.20
CA ILE B 486 10.51 1.10 -46.94
C ILE B 486 10.17 1.30 -45.48
N SER B 487 11.07 0.89 -44.59
CA SER B 487 10.81 1.06 -43.16
C SER B 487 10.73 2.53 -42.78
N ILE B 488 11.71 3.33 -43.19
CA ILE B 488 11.75 4.74 -42.78
C ILE B 488 10.52 5.47 -43.30
N ARG B 489 10.06 5.13 -44.50
CA ARG B 489 8.79 5.67 -44.96
C ARG B 489 7.65 5.19 -44.08
N ALA B 490 7.67 3.91 -43.68
CA ALA B 490 6.60 3.38 -42.84
C ALA B 490 6.56 4.06 -41.48
N MET B 491 7.71 4.48 -40.97
CA MET B 491 7.77 5.21 -39.71
C MET B 491 7.45 6.69 -39.87
N GLY B 492 6.96 7.10 -41.05
CA GLY B 492 6.46 8.44 -41.24
C GLY B 492 7.50 9.54 -41.09
N GLY B 493 8.65 9.36 -41.74
CA GLY B 493 9.66 10.40 -41.79
C GLY B 493 10.22 10.52 -43.20
N ARG B 494 10.91 11.63 -43.43
CA ARG B 494 11.54 11.87 -44.72
C ARG B 494 12.65 10.86 -44.94
N TYR B 495 12.68 10.26 -46.11
CA TYR B 495 13.80 9.45 -46.55
C TYR B 495 14.27 10.02 -47.89
N LEU B 496 15.51 10.47 -47.94
CA LEU B 496 16.04 11.02 -49.17
C LEU B 496 16.76 9.93 -49.94
N PRO B 497 16.26 9.52 -51.08
CA PRO B 497 16.94 8.51 -51.85
C PRO B 497 17.98 9.08 -52.80
N LEU B 498 19.12 9.47 -52.26
CA LEU B 498 20.17 10.07 -53.06
C LEU B 498 20.60 9.13 -54.17
N LYS B 499 20.72 9.66 -55.38
CA LYS B 499 21.15 8.87 -56.53
C LYS B 499 21.85 9.79 -57.51
N THR B 500 22.74 9.21 -58.31
CA THR B 500 23.44 9.97 -59.34
C THR B 500 22.47 10.36 -60.45
N GLY B 501 22.72 11.52 -61.06
CA GLY B 501 21.95 11.98 -62.19
C GLY B 501 20.71 12.77 -61.85
N GLU B 502 20.24 12.71 -60.60
CA GLU B 502 19.07 13.47 -60.20
C GLU B 502 19.53 14.60 -59.28
N PRO B 503 18.88 15.76 -59.32
CA PRO B 503 19.35 16.89 -58.50
C PRO B 503 19.39 16.53 -57.02
N SER B 504 20.38 17.10 -56.32
CA SER B 504 20.67 16.68 -54.96
C SER B 504 19.48 16.94 -54.03
N GLY B 505 18.84 18.09 -54.14
CA GLY B 505 17.68 18.41 -53.34
C GLY B 505 17.96 19.23 -52.11
N PHE B 506 19.17 19.18 -51.57
CA PHE B 506 19.57 20.01 -50.44
C PHE B 506 20.93 20.63 -50.70
N ASN B 507 21.09 21.88 -50.32
CA ASN B 507 22.31 22.63 -50.53
C ASN B 507 22.46 23.69 -49.45
N PRO B 508 23.69 24.12 -49.16
CA PRO B 508 23.93 25.08 -48.07
C PRO B 508 23.67 26.54 -48.43
N PHE B 509 22.91 26.83 -49.48
CA PHE B 509 22.78 28.21 -49.96
C PHE B 509 22.15 29.11 -48.90
N GLN B 510 21.13 28.61 -48.19
CA GLN B 510 20.36 29.43 -47.27
C GLN B 510 20.82 29.29 -45.82
N LEU B 511 22.10 28.98 -45.58
CA LEU B 511 22.57 28.71 -44.23
C LEU B 511 22.51 29.97 -43.37
N PRO B 512 22.36 29.82 -42.05
CA PRO B 512 22.38 30.99 -41.18
C PRO B 512 23.74 31.66 -41.17
N PRO B 513 23.80 32.97 -40.95
CA PRO B 513 25.06 33.71 -41.17
C PRO B 513 25.92 33.94 -39.94
N THR B 514 25.60 33.31 -38.81
CA THR B 514 26.38 33.54 -37.60
C THR B 514 27.84 33.11 -37.80
N HIS B 515 28.73 33.64 -36.95
CA HIS B 515 30.16 33.46 -37.16
C HIS B 515 30.56 31.99 -37.04
N ALA B 516 29.90 31.25 -36.16
CA ALA B 516 30.15 29.81 -36.09
C ALA B 516 29.73 29.11 -37.38
N ASN B 517 28.56 29.48 -37.91
CA ASN B 517 28.12 28.90 -39.17
C ASN B 517 29.05 29.32 -40.31
N LEU B 518 29.57 30.55 -40.25
CA LEU B 518 30.59 30.95 -41.22
C LEU B 518 31.83 30.08 -41.09
N ILE B 519 32.23 29.76 -39.86
CA ILE B 519 33.35 28.86 -39.65
C ILE B 519 33.09 27.53 -40.34
N PHE B 520 31.90 26.95 -40.11
CA PHE B 520 31.60 25.67 -40.75
C PHE B 520 31.62 25.76 -42.26
N LEU B 521 31.01 26.81 -42.83
CA LEU B 521 30.88 26.85 -44.28
C LEU B 521 32.25 27.10 -44.92
N LYS B 522 33.10 27.89 -44.26
CA LYS B 522 34.47 28.04 -44.72
C LYS B 522 35.19 26.69 -44.69
N GLN B 523 34.99 25.94 -43.60
CA GLN B 523 35.61 24.62 -43.53
C GLN B 523 35.13 23.72 -44.66
N PHE B 524 33.83 23.74 -44.94
CA PHE B 524 33.28 22.88 -45.99
C PHE B 524 33.88 23.22 -47.34
N VAL B 525 33.87 24.49 -47.72
CA VAL B 525 34.40 24.85 -49.04
C VAL B 525 35.90 24.58 -49.08
N LYS B 526 36.57 24.62 -47.93
CA LYS B 526 37.97 24.21 -47.91
C LYS B 526 38.11 22.70 -48.05
N LYS B 527 37.05 21.95 -47.73
CA LYS B 527 37.10 20.50 -47.90
C LYS B 527 36.55 20.08 -49.25
N LEU B 528 35.51 20.76 -49.74
CA LEU B 528 35.02 20.50 -51.08
C LEU B 528 36.13 20.67 -52.10
N ALA B 529 36.96 21.69 -51.94
CA ALA B 529 38.09 21.89 -52.83
C ALA B 529 39.08 20.75 -52.67
N ALA B 530 39.13 19.88 -53.67
CA ALA B 530 40.03 18.73 -53.67
C ALA B 530 40.13 18.21 -55.09
N ALA B 531 40.92 17.17 -55.26
CA ALA B 531 41.09 16.54 -56.56
C ALA B 531 41.22 15.04 -56.41
N LEU B 607 11.97 24.00 -47.96
CA LEU B 607 11.75 22.83 -47.13
C LEU B 607 12.35 23.03 -45.75
N ASP B 608 11.96 22.17 -44.81
CA ASP B 608 12.41 22.25 -43.42
C ASP B 608 12.99 20.89 -43.00
N LEU B 609 14.12 20.92 -42.31
CA LEU B 609 14.67 19.70 -41.71
C LEU B 609 14.03 19.41 -40.36
N SER B 610 13.24 20.34 -39.81
CA SER B 610 12.65 20.14 -38.49
C SER B 610 11.29 19.47 -38.57
N THR B 611 10.86 19.07 -39.78
CA THR B 611 9.49 18.59 -39.96
C THR B 611 9.25 17.29 -39.21
N HIS B 612 9.93 16.22 -39.60
CA HIS B 612 9.60 14.89 -39.13
C HIS B 612 10.53 14.47 -38.00
N GLN B 613 10.41 13.21 -37.59
CA GLN B 613 11.21 12.64 -36.53
C GLN B 613 12.24 11.64 -37.03
N ILE B 614 11.83 10.66 -37.84
CA ILE B 614 12.73 9.61 -38.26
C ILE B 614 13.20 9.86 -39.69
N TYR B 615 14.43 10.35 -39.83
CA TYR B 615 14.96 10.66 -41.13
C TYR B 615 15.74 9.49 -41.70
N GLY B 616 15.96 9.51 -42.99
CA GLY B 616 16.83 8.55 -43.64
C GLY B 616 17.56 9.20 -44.78
N PHE B 617 18.80 8.76 -45.00
CA PHE B 617 19.59 9.21 -46.13
C PHE B 617 20.32 8.02 -46.72
N ASP B 618 20.33 7.94 -48.04
CA ASP B 618 21.00 6.85 -48.72
C ASP B 618 22.33 7.33 -49.30
N ILE B 619 23.37 6.56 -49.03
CA ILE B 619 24.73 6.90 -49.46
C ILE B 619 25.32 5.73 -50.21
N THR B 620 24.46 4.96 -50.89
CA THR B 620 24.89 3.72 -51.52
C THR B 620 25.92 3.97 -52.61
N GLU B 621 25.72 4.99 -53.44
CA GLU B 621 26.62 5.23 -54.56
C GLU B 621 27.93 5.87 -54.12
N PHE B 622 28.03 6.21 -52.84
CA PHE B 622 29.23 6.88 -52.36
C PHE B 622 30.31 5.92 -51.88
N LEU B 623 30.06 4.61 -51.92
CA LEU B 623 31.10 3.65 -51.55
C LEU B 623 32.24 3.67 -52.55
N ASP B 624 31.94 3.96 -53.81
CA ASP B 624 32.95 4.06 -54.85
C ASP B 624 33.53 5.47 -54.97
N ASN B 625 33.07 6.40 -54.15
CA ASN B 625 33.45 7.81 -54.30
C ASN B 625 34.46 8.18 -53.23
N PRO B 626 35.71 8.46 -53.58
CA PRO B 626 36.68 8.92 -52.59
C PRO B 626 36.40 10.35 -52.14
N GLU B 627 36.14 11.24 -53.10
CA GLU B 627 36.06 12.66 -52.81
C GLU B 627 34.76 13.03 -52.09
N ALA B 628 33.63 12.47 -52.53
CA ALA B 628 32.34 13.03 -52.15
C ALA B 628 31.88 12.58 -50.77
N ARG B 629 32.48 11.51 -50.23
CA ARG B 629 32.06 11.02 -48.92
C ARG B 629 32.26 12.10 -47.86
N THR B 630 33.40 12.79 -47.90
CA THR B 630 33.65 13.83 -46.91
C THR B 630 32.62 14.96 -46.98
N PRO B 631 32.32 15.55 -48.14
CA PRO B 631 31.28 16.59 -48.14
C PRO B 631 29.91 16.08 -47.72
N VAL B 632 29.47 14.94 -48.25
CA VAL B 632 28.12 14.47 -47.94
C VAL B 632 27.99 14.21 -46.44
N MET B 633 28.92 13.45 -45.86
CA MET B 633 28.81 13.14 -44.44
C MET B 633 29.01 14.39 -43.60
N MET B 634 29.92 15.29 -44.02
CA MET B 634 30.13 16.52 -43.28
C MET B 634 28.84 17.31 -43.18
N TYR B 635 28.17 17.55 -44.31
CA TYR B 635 26.95 18.35 -44.29
C TYR B 635 25.84 17.66 -43.53
N LEU B 636 25.63 16.37 -43.76
CA LEU B 636 24.55 15.67 -43.09
C LEU B 636 24.76 15.65 -41.58
N LEU B 637 25.98 15.34 -41.15
CA LEU B 637 26.29 15.31 -39.73
C LEU B 637 26.19 16.68 -39.10
N TYR B 638 26.62 17.74 -39.81
CA TYR B 638 26.48 19.06 -39.23
C TYR B 638 25.03 19.41 -39.03
N ARG B 639 24.18 19.10 -40.02
CA ARG B 639 22.76 19.40 -39.86
C ARG B 639 22.17 18.63 -38.69
N THR B 640 22.58 17.37 -38.51
CA THR B 640 22.04 16.60 -37.40
C THR B 640 22.65 17.04 -36.07
N GLU B 641 23.82 17.69 -36.07
CA GLU B 641 24.44 18.10 -34.82
C GLU B 641 23.57 19.11 -34.08
N SER B 642 22.94 20.04 -34.81
CA SER B 642 22.08 21.02 -34.17
C SER B 642 20.83 20.38 -33.59
N MET B 643 20.53 19.15 -34.00
CA MET B 643 19.33 18.48 -33.51
C MET B 643 19.45 18.09 -32.05
N ILE B 644 20.66 17.74 -31.61
CA ILE B 644 20.84 17.10 -30.30
C ILE B 644 20.89 18.15 -29.21
N ASP B 645 19.72 18.51 -28.67
CA ASP B 645 19.62 19.51 -27.62
C ASP B 645 19.03 18.89 -26.35
N GLY B 646 19.12 17.57 -26.21
CA GLY B 646 18.57 16.86 -25.08
C GLY B 646 17.48 15.87 -25.44
N ARG B 647 16.83 16.04 -26.59
CA ARG B 647 15.82 15.08 -27.01
C ARG B 647 16.46 13.74 -27.28
N ARG B 648 15.69 12.67 -27.03
CA ARG B 648 16.20 11.32 -27.27
C ARG B 648 16.58 11.16 -28.73
N PHE B 649 17.87 11.04 -28.99
CA PHE B 649 18.40 11.00 -30.35
C PHE B 649 19.10 9.68 -30.57
N MET B 650 18.83 9.05 -31.72
CA MET B 650 19.39 7.75 -32.05
C MET B 650 19.98 7.78 -33.46
N TYR B 651 21.24 8.17 -33.56
CA TYR B 651 22.00 7.91 -34.76
C TYR B 651 21.99 6.41 -35.04
N VAL B 652 21.83 6.03 -36.30
CA VAL B 652 22.13 4.67 -36.70
C VAL B 652 22.97 4.74 -37.96
N PHE B 653 23.46 3.61 -38.44
CA PHE B 653 24.37 3.60 -39.57
C PHE B 653 24.21 2.27 -40.29
N ASP B 654 25.09 2.02 -41.26
CA ASP B 654 25.16 0.72 -41.93
C ASP B 654 26.46 0.66 -42.70
N GLU B 655 27.18 -0.47 -42.57
CA GLU B 655 28.53 -0.61 -43.10
C GLU B 655 29.36 0.62 -42.76
N PHE B 656 29.58 0.82 -41.46
CA PHE B 656 29.96 2.12 -40.95
C PHE B 656 31.29 2.63 -41.51
N TRP B 657 32.27 1.76 -41.69
CA TRP B 657 33.64 2.26 -41.82
C TRP B 657 33.79 3.13 -43.08
N LYS B 658 33.19 2.72 -44.19
CA LYS B 658 33.34 3.49 -45.43
C LYS B 658 32.77 4.90 -45.29
N PRO B 659 31.57 5.12 -44.74
CA PRO B 659 31.19 6.50 -44.40
C PRO B 659 32.16 7.16 -43.44
N LEU B 660 32.76 6.39 -42.54
CA LEU B 660 33.65 6.93 -41.53
C LEU B 660 35.11 6.87 -41.95
N GLN B 661 35.40 6.38 -43.16
CA GLN B 661 36.78 6.29 -43.65
C GLN B 661 37.20 7.64 -44.21
N ASP B 662 37.29 8.62 -43.31
CA ASP B 662 37.59 9.99 -43.69
C ASP B 662 38.55 10.57 -42.67
N GLU B 663 39.60 11.20 -43.18
CA GLU B 663 40.62 11.79 -42.32
C GLU B 663 40.10 13.01 -41.56
N TYR B 664 39.07 13.68 -42.08
CA TYR B 664 38.59 14.90 -41.44
C TYR B 664 38.07 14.65 -40.03
N PHE B 665 36.96 13.94 -39.91
CA PHE B 665 36.14 14.07 -38.72
C PHE B 665 36.30 12.92 -37.73
N GLU B 666 37.42 12.21 -37.72
CA GLU B 666 37.63 11.23 -36.65
C GLU B 666 37.79 11.92 -35.30
N ASP B 667 38.57 13.01 -35.25
CA ASP B 667 38.75 13.73 -33.99
C ASP B 667 37.48 14.45 -33.58
N LEU B 668 36.82 15.11 -34.53
CA LEU B 668 35.53 15.71 -34.23
C LEU B 668 34.52 14.67 -33.79
N ALA B 669 34.56 13.48 -34.38
CA ALA B 669 33.67 12.41 -33.99
C ALA B 669 33.90 11.99 -32.54
N LYS B 670 35.16 11.76 -32.15
CA LYS B 670 35.41 11.33 -30.78
C LYS B 670 35.02 12.43 -29.77
N ASN B 671 35.36 13.69 -30.08
CA ASN B 671 35.05 14.76 -29.15
C ASN B 671 33.54 14.98 -29.03
N LYS B 672 32.86 15.12 -30.17
CA LYS B 672 31.41 15.29 -30.14
C LYS B 672 30.73 14.04 -29.62
N GLN B 673 31.38 12.88 -29.70
CA GLN B 673 30.83 11.68 -29.09
C GLN B 673 30.80 11.81 -27.58
N LYS B 674 31.94 12.22 -27.00
CA LYS B 674 31.96 12.47 -25.57
C LYS B 674 30.97 13.55 -25.17
N THR B 675 30.77 14.55 -26.03
CA THR B 675 29.80 15.60 -25.72
C THR B 675 28.38 15.07 -25.79
N ILE B 676 28.03 14.38 -26.87
CA ILE B 676 26.66 13.96 -27.13
C ILE B 676 26.21 12.92 -26.12
N ARG B 677 27.09 11.99 -25.76
CA ARG B 677 26.74 10.91 -24.83
C ARG B 677 26.03 11.44 -23.60
N LYS B 678 26.26 12.72 -23.25
CA LYS B 678 25.62 13.28 -22.07
C LYS B 678 24.12 13.48 -22.28
N GLN B 679 23.74 14.19 -23.34
CA GLN B 679 22.32 14.55 -23.53
C GLN B 679 21.57 13.52 -24.36
N ASN B 680 21.63 12.26 -23.92
CA ASN B 680 20.86 11.17 -24.50
C ASN B 680 21.17 10.99 -25.99
N GLY B 681 22.42 10.63 -26.27
CA GLY B 681 22.85 10.32 -27.61
C GLY B 681 23.19 8.84 -27.71
N ILE B 682 22.97 8.27 -28.90
CA ILE B 682 23.21 6.86 -29.16
C ILE B 682 23.75 6.71 -30.57
N PHE B 683 24.72 5.82 -30.73
CA PHE B 683 25.22 5.40 -32.03
C PHE B 683 24.87 3.92 -32.18
N VAL B 684 24.16 3.56 -33.23
CA VAL B 684 23.84 2.16 -33.52
C VAL B 684 24.54 1.81 -34.81
N PHE B 685 25.73 1.26 -34.71
CA PHE B 685 26.55 0.96 -35.87
C PHE B 685 26.02 -0.29 -36.57
N ALA B 686 26.75 -0.74 -37.58
CA ALA B 686 26.45 -1.96 -38.30
C ALA B 686 27.66 -2.31 -39.14
N THR B 687 27.62 -3.49 -39.75
CA THR B 687 28.75 -3.96 -40.54
C THR B 687 28.35 -5.21 -41.30
N GLN B 688 28.85 -5.35 -42.53
CA GLN B 688 28.72 -6.60 -43.27
C GLN B 688 29.97 -7.45 -43.23
N GLU B 689 31.15 -6.84 -43.27
CA GLU B 689 32.42 -7.57 -43.27
C GLU B 689 33.29 -7.03 -42.14
N PRO B 690 33.19 -7.63 -40.95
CA PRO B 690 33.93 -7.08 -39.80
C PRO B 690 35.44 -7.17 -39.99
N SER B 691 35.87 -8.05 -40.90
CA SER B 691 37.28 -8.13 -41.23
C SER B 691 37.76 -6.85 -41.90
N ASP B 692 36.94 -6.29 -42.79
CA ASP B 692 37.28 -5.10 -43.52
C ASP B 692 37.31 -3.86 -42.63
N ALA B 693 36.68 -3.91 -41.46
CA ALA B 693 36.55 -2.72 -40.63
C ALA B 693 37.67 -2.59 -39.62
N LEU B 694 37.99 -3.69 -38.91
CA LEU B 694 38.95 -3.62 -37.82
C LEU B 694 40.33 -3.17 -38.30
N GLU B 695 40.59 -3.29 -39.61
CA GLU B 695 41.90 -2.91 -40.14
C GLU B 695 42.17 -1.42 -39.97
N SER B 696 41.20 -0.58 -40.27
CA SER B 696 41.43 0.86 -40.29
C SER B 696 41.54 1.40 -38.87
N ASN B 697 42.17 2.58 -38.75
CA ASN B 697 42.33 3.22 -37.46
C ASN B 697 40.98 3.66 -36.91
N ILE B 698 40.13 4.26 -37.75
CA ILE B 698 38.91 4.90 -37.25
C ILE B 698 37.98 3.88 -36.62
N ALA B 699 37.90 2.69 -37.21
CA ALA B 699 36.95 1.70 -36.70
C ALA B 699 37.36 1.17 -35.33
N LYS B 700 38.65 1.29 -34.99
CA LYS B 700 39.13 0.73 -33.73
C LYS B 700 38.50 1.39 -32.51
N THR B 701 38.52 2.71 -32.46
CA THR B 701 37.94 3.42 -31.33
C THR B 701 36.45 3.15 -31.23
N LEU B 702 35.79 2.97 -32.37
CA LEU B 702 34.35 2.76 -32.36
C LEU B 702 33.98 1.34 -31.97
N ILE B 703 34.82 0.36 -32.32
CA ILE B 703 34.63 -1.00 -31.80
C ILE B 703 34.82 -1.01 -30.29
N GLN B 704 35.84 -0.31 -29.81
CA GLN B 704 36.07 -0.30 -28.37
C GLN B 704 35.11 0.61 -27.63
N GLN B 705 34.34 1.44 -28.34
CA GLN B 705 33.42 2.38 -27.73
C GLN B 705 31.95 1.98 -27.87
N CYS B 706 31.67 0.70 -28.12
CA CYS B 706 30.30 0.21 -28.21
C CYS B 706 30.07 -0.75 -27.05
N ALA B 707 29.02 -0.49 -26.28
CA ALA B 707 28.71 -1.35 -25.14
C ALA B 707 28.03 -2.64 -25.59
N THR B 708 26.97 -2.53 -26.38
CA THR B 708 26.10 -3.64 -26.70
C THR B 708 26.50 -4.22 -28.06
N TYR B 709 27.41 -5.18 -28.06
CA TYR B 709 27.70 -5.88 -29.30
C TYR B 709 26.51 -6.76 -29.68
N ILE B 710 26.32 -6.94 -30.97
CA ILE B 710 25.36 -7.92 -31.49
C ILE B 710 26.01 -8.65 -32.66
N PHE B 711 26.56 -9.83 -32.41
CA PHE B 711 27.26 -10.54 -33.47
C PHE B 711 26.28 -11.36 -34.30
N LEU B 712 26.55 -11.50 -35.58
CA LEU B 712 25.75 -12.33 -36.46
C LEU B 712 26.64 -13.43 -37.05
N ALA B 713 26.00 -14.39 -37.73
CA ALA B 713 26.68 -15.58 -38.19
C ALA B 713 27.36 -15.35 -39.53
N ASN B 714 28.36 -16.19 -39.82
CA ASN B 714 29.05 -16.14 -41.09
C ASN B 714 29.63 -17.51 -41.42
N PRO B 715 29.47 -17.99 -42.65
CA PRO B 715 30.14 -19.25 -43.04
C PRO B 715 31.65 -19.17 -42.97
N LYS B 716 32.22 -17.96 -43.01
CA LYS B 716 33.66 -17.76 -42.95
C LYS B 716 33.99 -16.91 -41.74
N ALA B 717 34.89 -17.41 -40.90
CA ALA B 717 35.27 -16.72 -39.67
C ALA B 717 36.77 -16.80 -39.49
N ASP B 718 37.31 -15.84 -38.74
CA ASP B 718 38.74 -15.77 -38.49
C ASP B 718 38.95 -15.50 -37.00
N TYR B 719 39.88 -16.26 -36.39
CA TYR B 719 40.13 -16.12 -34.96
C TYR B 719 40.59 -14.71 -34.62
N GLU B 720 41.51 -14.17 -35.43
CA GLU B 720 42.20 -12.93 -35.08
C GLU B 720 41.22 -11.80 -34.87
N ASP B 721 40.37 -11.54 -35.85
CA ASP B 721 39.48 -10.38 -35.77
C ASP B 721 38.55 -10.50 -34.56
N TYR B 722 37.83 -11.62 -34.46
CA TYR B 722 36.81 -11.75 -33.43
C TYR B 722 37.39 -11.73 -32.02
N THR B 723 38.54 -12.37 -31.81
CA THR B 723 39.09 -12.34 -30.46
C THR B 723 39.82 -11.03 -30.16
N GLN B 724 40.81 -10.69 -30.99
CA GLN B 724 41.64 -9.52 -30.69
C GLN B 724 40.82 -8.23 -30.69
N GLY B 725 40.01 -8.01 -31.72
CA GLY B 725 39.33 -6.74 -31.84
C GLY B 725 38.11 -6.58 -30.97
N PHE B 726 37.28 -7.62 -30.89
CA PHE B 726 35.94 -7.51 -30.35
C PHE B 726 35.81 -8.07 -28.93
N LYS B 727 36.93 -8.35 -28.26
CA LYS B 727 36.92 -8.86 -26.88
C LYS B 727 35.95 -10.04 -26.71
N LEU B 728 36.06 -11.01 -27.61
CA LEU B 728 35.20 -12.18 -27.62
C LEU B 728 36.05 -13.40 -27.30
N THR B 729 35.59 -14.22 -26.35
CA THR B 729 36.38 -15.33 -25.84
C THR B 729 36.43 -16.47 -26.86
N ASP B 730 37.24 -17.48 -26.54
CA ASP B 730 37.46 -18.58 -27.47
C ASP B 730 36.23 -19.48 -27.57
N SER B 731 35.63 -19.82 -26.43
CA SER B 731 34.41 -20.61 -26.46
C SER B 731 33.30 -19.89 -27.20
N GLU B 732 33.14 -18.59 -26.93
CA GLU B 732 32.10 -17.82 -27.60
C GLU B 732 32.39 -17.71 -29.10
N PHE B 733 33.65 -17.60 -29.48
CA PHE B 733 33.97 -17.56 -30.90
C PHE B 733 33.63 -18.87 -31.57
N GLU B 734 33.95 -20.00 -30.94
CA GLU B 734 33.58 -21.28 -31.51
C GLU B 734 32.07 -21.42 -31.58
N LEU B 735 31.36 -20.84 -30.61
CA LEU B 735 29.90 -20.81 -30.66
C LEU B 735 29.41 -20.04 -31.87
N VAL B 736 30.03 -18.88 -32.13
CA VAL B 736 29.63 -18.06 -33.29
C VAL B 736 29.90 -18.80 -34.59
N ARG B 737 31.06 -19.45 -34.69
CA ARG B 737 31.35 -20.25 -35.87
C ARG B 737 30.34 -21.37 -36.05
N GLY B 738 29.94 -22.00 -34.95
CA GLY B 738 29.01 -23.11 -35.02
C GLY B 738 27.63 -22.74 -35.50
N LEU B 739 27.32 -21.45 -35.59
CA LEU B 739 26.01 -21.01 -36.03
C LEU B 739 25.75 -21.45 -37.47
N GLY B 740 24.48 -21.62 -37.79
CA GLY B 740 24.10 -21.98 -39.13
C GLY B 740 24.33 -20.85 -40.12
N GLU B 741 24.30 -21.22 -41.41
CA GLU B 741 24.57 -20.24 -42.46
C GLU B 741 23.51 -19.14 -42.48
N PHE B 742 22.23 -19.53 -42.53
CA PHE B 742 21.13 -18.56 -42.57
C PHE B 742 20.15 -18.74 -41.41
N SER B 743 20.50 -19.52 -40.41
CA SER B 743 19.64 -19.61 -39.23
C SER B 743 19.72 -18.32 -38.44
N ARG B 744 18.55 -17.80 -38.06
CA ARG B 744 18.46 -16.53 -37.34
C ARG B 744 18.91 -16.76 -35.91
N ARG B 745 20.13 -16.31 -35.60
CA ARG B 745 20.72 -16.52 -34.29
C ARG B 745 21.85 -15.52 -34.12
N PHE B 746 21.71 -14.60 -33.17
CA PHE B 746 22.72 -13.55 -33.01
C PHE B 746 23.12 -13.42 -31.55
N LEU B 747 24.44 -13.38 -31.31
CA LEU B 747 25.00 -13.41 -29.97
C LEU B 747 25.09 -12.00 -29.40
N ILE B 748 24.13 -11.61 -28.57
CA ILE B 748 24.22 -10.34 -27.86
C ILE B 748 25.31 -10.43 -26.81
N LYS B 749 26.00 -9.32 -26.58
CA LYS B 749 27.11 -9.33 -25.64
C LYS B 749 27.18 -8.06 -24.78
N GLN B 750 26.05 -7.65 -24.19
CA GLN B 750 26.05 -6.43 -23.38
C GLN B 750 26.97 -6.60 -22.19
N GLY B 751 28.11 -5.93 -22.22
CA GLY B 751 29.06 -6.11 -21.13
C GLY B 751 29.74 -7.46 -21.19
N ASP B 752 30.14 -7.95 -20.02
CA ASP B 752 30.77 -9.26 -19.95
C ASP B 752 29.77 -10.37 -20.21
N GLN B 753 28.51 -10.18 -19.80
CA GLN B 753 27.50 -11.20 -19.97
C GLN B 753 27.25 -11.46 -21.45
N SER B 754 26.88 -12.69 -21.78
CA SER B 754 26.60 -13.10 -23.14
C SER B 754 25.34 -13.94 -23.18
N ALA B 755 24.70 -13.97 -24.35
CA ALA B 755 23.51 -14.78 -24.54
C ALA B 755 23.21 -14.96 -26.01
N LEU B 756 23.17 -16.21 -26.48
CA LEU B 756 22.90 -16.48 -27.88
C LEU B 756 21.39 -16.38 -28.09
N ALA B 757 20.93 -15.15 -28.27
CA ALA B 757 19.52 -14.89 -28.48
C ALA B 757 19.15 -15.12 -29.93
N GLU B 758 17.86 -15.06 -30.21
CA GLU B 758 17.37 -15.15 -31.59
C GLU B 758 15.97 -14.57 -31.63
N MET B 759 15.81 -13.41 -32.25
CA MET B 759 14.47 -12.98 -32.64
C MET B 759 14.07 -13.80 -33.85
N ASN B 760 12.86 -14.36 -33.83
CA ASN B 760 12.43 -15.27 -34.88
C ASN B 760 11.04 -14.87 -35.36
N LEU B 761 10.80 -15.10 -36.65
CA LEU B 761 9.60 -14.69 -37.34
C LEU B 761 8.97 -15.87 -38.05
N GLY B 762 8.84 -16.99 -37.31
CA GLY B 762 8.29 -18.20 -37.86
C GLY B 762 6.80 -18.35 -37.61
N LYS B 763 6.25 -19.41 -38.21
CA LYS B 763 4.82 -19.69 -38.10
C LYS B 763 4.49 -20.17 -36.70
N PHE B 764 3.31 -19.79 -36.20
CA PHE B 764 2.90 -20.12 -34.85
C PHE B 764 1.39 -19.97 -34.69
N ARG B 765 0.89 -20.35 -33.52
CA ARG B 765 -0.53 -20.35 -33.21
C ARG B 765 -0.85 -19.34 -32.13
N THR B 766 -2.08 -18.84 -32.16
CA THR B 766 -2.56 -17.83 -31.23
C THR B 766 -3.73 -18.37 -30.42
N ILE B 767 -3.68 -18.18 -29.11
CA ILE B 767 -4.76 -18.61 -28.23
C ILE B 767 -5.75 -17.46 -28.03
N VAL B 768 -6.68 -17.30 -28.97
CA VAL B 768 -7.77 -16.33 -28.86
C VAL B 768 -9.07 -17.01 -29.24
N ASP B 769 -10.09 -16.82 -28.42
CA ASP B 769 -11.44 -17.36 -28.65
C ASP B 769 -11.43 -18.84 -28.99
N GLY B 770 -10.42 -19.58 -28.54
CA GLY B 770 -10.26 -20.96 -28.96
C GLY B 770 -9.95 -21.11 -30.43
N GLU B 771 -9.45 -20.06 -31.07
CA GLU B 771 -9.17 -20.04 -32.49
C GLU B 771 -7.67 -19.89 -32.70
N THR B 772 -7.06 -20.84 -33.41
CA THR B 772 -5.64 -20.76 -33.77
C THR B 772 -5.54 -19.90 -35.03
N VAL B 773 -5.66 -18.59 -34.82
CA VAL B 773 -5.62 -17.64 -35.94
C VAL B 773 -4.19 -17.59 -36.46
N GLU B 774 -3.96 -18.21 -37.61
CA GLU B 774 -2.63 -18.22 -38.20
C GLU B 774 -2.14 -16.80 -38.43
N ARG B 775 -1.07 -16.43 -37.75
CA ARG B 775 -0.53 -15.08 -37.86
C ARG B 775 0.91 -15.19 -38.37
N ASP B 776 1.21 -14.40 -39.41
CA ASP B 776 2.50 -14.47 -40.07
C ASP B 776 3.13 -13.08 -40.08
N PHE B 777 4.44 -13.03 -39.87
CA PHE B 777 5.16 -11.78 -39.88
C PHE B 777 5.69 -11.39 -41.25
N ASP B 778 5.36 -12.14 -42.31
CA ASP B 778 5.91 -11.84 -43.62
C ASP B 778 5.37 -10.52 -44.16
N ASP B 779 4.12 -10.18 -43.81
CA ASP B 779 3.56 -8.90 -44.22
C ASP B 779 4.38 -7.73 -43.69
N GLU B 780 5.15 -7.93 -42.64
CA GLU B 780 6.10 -6.94 -42.14
C GLU B 780 7.54 -7.27 -42.51
N LEU B 781 7.83 -8.52 -42.90
CA LEU B 781 9.16 -8.84 -43.39
C LEU B 781 9.41 -8.18 -44.74
N LEU B 782 8.47 -8.33 -45.67
CA LEU B 782 8.62 -7.70 -46.98
C LEU B 782 8.61 -6.18 -46.88
N VAL B 783 8.21 -5.63 -45.74
CA VAL B 783 8.36 -4.19 -45.50
C VAL B 783 9.74 -3.88 -44.93
N LEU B 784 10.12 -4.60 -43.86
CA LEU B 784 11.36 -4.29 -43.18
C LEU B 784 12.57 -4.80 -43.95
N SER B 785 12.46 -5.96 -44.59
CA SER B 785 13.61 -6.55 -45.27
C SER B 785 14.07 -5.66 -46.41
N GLY B 786 15.38 -5.61 -46.59
CA GLY B 786 15.96 -4.77 -47.63
C GLY B 786 15.88 -5.42 -48.99
N THR B 787 15.25 -4.74 -49.95
CA THR B 787 15.14 -5.24 -51.31
C THR B 787 15.07 -4.05 -52.25
N PRO B 788 16.10 -3.80 -53.07
CA PRO B 788 15.98 -2.74 -54.07
C PRO B 788 14.83 -2.98 -55.03
N ASP B 789 14.55 -4.24 -55.37
CA ASP B 789 13.42 -4.53 -56.24
C ASP B 789 12.10 -4.12 -55.61
N ASN B 790 11.85 -4.57 -54.38
CA ASN B 790 10.61 -4.18 -53.72
C ASN B 790 10.55 -2.68 -53.52
N ALA B 791 11.69 -2.04 -53.29
CA ALA B 791 11.69 -0.60 -53.07
C ALA B 791 11.39 0.16 -54.36
N GLU B 792 11.80 -0.38 -55.51
CA GLU B 792 11.57 0.32 -56.76
C GLU B 792 10.11 0.27 -57.22
N ILE B 793 9.29 -0.61 -56.65
CA ILE B 793 7.85 -0.59 -56.86
C ILE B 793 7.13 0.08 -55.70
N ALA B 794 7.70 0.03 -54.49
CA ALA B 794 7.18 0.86 -53.41
C ALA B 794 7.26 2.33 -53.78
N GLU B 795 8.37 2.74 -54.39
CA GLU B 795 8.49 4.12 -54.85
C GLU B 795 7.45 4.45 -55.90
N SER B 796 7.17 3.51 -56.81
CA SER B 796 6.14 3.74 -57.81
C SER B 796 4.77 3.95 -57.17
N ILE B 797 4.42 3.10 -56.20
CA ILE B 797 3.09 3.20 -55.60
C ILE B 797 2.98 4.44 -54.73
N ILE B 798 4.09 4.86 -54.10
CA ILE B 798 4.07 6.12 -53.36
C ILE B 798 3.96 7.30 -54.32
N ALA B 799 4.61 7.20 -55.48
CA ALA B 799 4.50 8.27 -56.46
C ALA B 799 3.07 8.42 -56.94
N GLU B 800 2.38 7.30 -57.17
CA GLU B 800 0.97 7.38 -57.58
C GLU B 800 0.11 7.97 -56.47
N VAL B 801 0.34 7.58 -55.23
CA VAL B 801 -0.41 8.09 -54.07
C VAL B 801 0.60 8.33 -52.95
N GLY B 802 0.89 9.60 -52.68
CA GLY B 802 1.88 9.91 -51.64
C GLY B 802 1.26 10.61 -50.45
N ASP B 803 -0.02 10.38 -50.20
CA ASP B 803 -0.78 11.07 -49.16
C ASP B 803 -0.13 10.98 -47.78
N ASP B 804 -0.01 9.77 -47.25
CA ASP B 804 0.50 9.55 -45.90
C ASP B 804 0.80 8.07 -45.69
N PRO B 805 1.92 7.76 -45.01
CA PRO B 805 2.25 6.35 -44.74
C PRO B 805 1.18 5.59 -44.00
N ALA B 806 0.43 6.26 -43.12
CA ALA B 806 -0.70 5.60 -42.46
C ALA B 806 -1.81 5.29 -43.48
N VAL B 807 -1.85 6.05 -44.58
CA VAL B 807 -2.90 5.87 -45.57
C VAL B 807 -2.44 4.92 -46.68
N TRP B 808 -1.21 5.10 -47.18
CA TRP B 808 -0.82 4.34 -48.36
C TRP B 808 -0.31 2.94 -48.00
N LEU B 809 -0.20 2.64 -46.71
CA LEU B 809 0.26 1.30 -46.30
C LEU B 809 -0.65 0.17 -46.79
N PRO B 810 -1.98 0.23 -46.63
CA PRO B 810 -2.82 -0.85 -47.18
C PRO B 810 -2.65 -1.04 -48.67
N ILE B 811 -2.55 0.04 -49.44
CA ILE B 811 -2.46 -0.13 -50.88
C ILE B 811 -1.07 -0.59 -51.30
N PHE B 812 -0.04 -0.24 -50.53
CA PHE B 812 1.28 -0.82 -50.78
C PHE B 812 1.26 -2.32 -50.54
N LEU B 813 0.60 -2.76 -49.46
CA LEU B 813 0.42 -4.18 -49.24
C LEU B 813 -0.40 -4.81 -50.35
N ASP B 814 -1.37 -4.07 -50.89
CA ASP B 814 -2.18 -4.56 -52.01
C ASP B 814 -1.31 -4.82 -53.23
N ARG B 815 -0.48 -3.85 -53.61
CA ARG B 815 0.40 -4.06 -54.76
C ARG B 815 1.42 -5.15 -54.48
N VAL B 816 1.82 -5.32 -53.22
CA VAL B 816 2.68 -6.45 -52.85
C VAL B 816 1.98 -7.76 -53.13
N LYS B 817 0.71 -7.87 -52.72
CA LYS B 817 -0.07 -9.07 -53.03
C LYS B 817 -0.29 -9.22 -54.52
N ALA B 818 -0.24 -8.12 -55.27
CA ALA B 818 -0.43 -8.19 -56.71
C ALA B 818 0.78 -8.78 -57.42
N GLU B 819 1.99 -8.48 -56.95
CA GLU B 819 3.21 -9.05 -57.52
C GLU B 819 3.56 -10.40 -56.94
N ARG B 820 3.04 -10.74 -55.75
CA ARG B 820 3.48 -11.94 -55.06
C ARG B 820 3.06 -13.21 -55.79
N SER B 821 2.27 -13.07 -56.85
CA SER B 821 2.07 -14.12 -57.84
C SER B 821 2.04 -13.56 -59.26
N ASP B 822 2.43 -12.30 -59.44
CA ASP B 822 2.39 -11.61 -60.72
C ASP B 822 0.97 -11.60 -61.30
N PRO C 15 -28.18 -5.44 22.21
CA PRO C 15 -27.99 -5.72 20.79
C PRO C 15 -26.76 -5.01 20.21
N VAL C 16 -26.90 -3.72 19.89
CA VAL C 16 -25.81 -2.94 19.33
C VAL C 16 -25.45 -1.74 20.22
N GLY C 17 -26.38 -1.24 21.03
CA GLY C 17 -26.09 -0.14 21.94
C GLY C 17 -24.93 -0.38 22.89
N GLN C 18 -24.36 -1.59 22.90
CA GLN C 18 -23.22 -1.89 23.76
C GLN C 18 -21.96 -1.17 23.33
N PHE C 19 -21.94 -0.54 22.16
CA PHE C 19 -20.77 0.18 21.69
C PHE C 19 -20.98 1.67 21.53
N ILE C 20 -22.22 2.14 21.44
CA ILE C 20 -22.53 3.55 21.18
C ILE C 20 -22.71 4.32 22.48
N PRO C 21 -21.90 5.33 22.75
CA PRO C 21 -21.94 5.99 24.07
C PRO C 21 -22.94 7.12 24.22
N TYR C 22 -23.70 7.46 23.19
CA TYR C 22 -24.45 8.72 23.22
C TYR C 22 -25.75 8.55 23.98
N SER C 23 -26.10 9.55 24.78
CA SER C 23 -27.29 9.47 25.63
C SER C 23 -28.34 10.51 25.28
N HIS C 24 -28.03 11.78 25.34
CA HIS C 24 -29.05 12.83 25.23
C HIS C 24 -28.35 14.17 25.16
N HIS C 25 -29.12 15.24 24.96
CA HIS C 25 -28.60 16.59 24.92
C HIS C 25 -28.52 17.17 26.32
N VAL C 26 -27.56 18.08 26.52
CA VAL C 26 -27.44 18.84 27.75
C VAL C 26 -27.69 20.32 27.52
N THR C 27 -27.27 20.85 26.38
CA THR C 27 -27.65 22.17 25.91
C THR C 27 -27.81 22.04 24.40
N ASP C 28 -28.26 23.11 23.75
CA ASP C 28 -28.64 23.03 22.34
C ASP C 28 -27.51 22.48 21.48
N THR C 29 -26.26 22.73 21.86
CA THR C 29 -25.12 22.39 21.02
C THR C 29 -24.17 21.37 21.65
N ILE C 30 -24.57 20.72 22.75
CA ILE C 30 -23.67 19.75 23.39
C ILE C 30 -24.41 18.47 23.74
N ILE C 31 -24.22 17.44 22.90
CA ILE C 31 -24.71 16.11 23.25
C ILE C 31 -23.93 15.56 24.43
N SER C 32 -24.62 14.83 25.30
CA SER C 32 -23.99 14.21 26.46
C SER C 32 -23.47 12.81 26.09
N THR C 33 -23.08 12.04 27.10
CA THR C 33 -22.59 10.70 26.88
C THR C 33 -23.08 9.85 28.04
N LYS C 34 -23.09 8.53 27.85
CA LYS C 34 -23.52 7.64 28.92
C LYS C 34 -22.67 7.82 30.17
N ASN C 35 -21.36 7.88 30.01
CA ASN C 35 -20.44 8.01 31.13
C ASN C 35 -20.17 9.46 31.49
N ALA C 36 -21.08 10.37 31.14
CA ALA C 36 -20.91 11.80 31.40
C ALA C 36 -19.67 12.36 30.73
N GLU C 37 -19.62 12.26 29.40
CA GLU C 37 -18.54 12.84 28.60
C GLU C 37 -19.16 13.76 27.56
N TYR C 38 -19.34 15.03 27.92
CA TYR C 38 -20.03 15.98 27.06
C TYR C 38 -19.28 16.16 25.75
N LEU C 39 -20.04 16.43 24.69
CA LEU C 39 -19.51 16.36 23.34
C LEU C 39 -20.05 17.53 22.53
N SER C 40 -19.36 17.83 21.43
CA SER C 40 -19.83 18.83 20.48
C SER C 40 -19.39 18.42 19.08
N VAL C 41 -20.14 18.87 18.08
CA VAL C 41 -19.86 18.54 16.69
C VAL C 41 -19.75 19.83 15.90
N TRP C 42 -18.73 19.94 15.07
CA TRP C 42 -18.55 21.08 14.20
C TRP C 42 -18.49 20.61 12.75
N LYS C 43 -19.12 21.37 11.85
CA LYS C 43 -19.13 21.07 10.42
C LYS C 43 -18.13 22.00 9.74
N ILE C 44 -16.95 21.48 9.44
CA ILE C 44 -15.86 22.26 8.89
C ILE C 44 -15.87 22.12 7.38
N ASP C 45 -16.05 23.24 6.68
CA ASP C 45 -15.97 23.21 5.22
C ASP C 45 -14.54 23.00 4.76
N GLY C 46 -13.57 23.58 5.44
CA GLY C 46 -12.19 23.45 5.07
C GLY C 46 -11.76 24.50 4.06
N ARG C 47 -10.47 24.82 4.07
CA ARG C 47 -9.90 25.80 3.18
C ARG C 47 -9.25 25.09 2.01
N SER C 48 -9.31 25.70 0.84
CA SER C 48 -8.77 25.05 -0.35
C SER C 48 -7.25 25.09 -0.33
N HIS C 49 -6.64 23.94 -0.61
CA HIS C 49 -5.20 23.82 -0.62
C HIS C 49 -4.59 24.04 -2.00
N GLN C 50 -5.42 24.36 -2.99
CA GLN C 50 -4.93 24.73 -4.31
C GLN C 50 -4.89 26.23 -4.53
N SER C 51 -5.80 26.98 -3.90
CA SER C 51 -5.85 28.42 -4.11
C SER C 51 -4.57 29.09 -3.59
N ALA C 52 -4.08 28.67 -2.43
CA ALA C 52 -2.91 29.26 -1.81
C ALA C 52 -1.69 28.37 -2.04
N SER C 53 -0.55 29.00 -2.23
CA SER C 53 0.68 28.28 -2.51
C SER C 53 1.14 27.53 -1.27
N GLU C 54 2.31 26.89 -1.37
CA GLU C 54 2.87 26.17 -0.25
C GLU C 54 3.31 27.07 0.89
N ALA C 55 3.35 28.39 0.66
CA ALA C 55 3.84 29.29 1.69
C ALA C 55 2.85 29.42 2.84
N ASP C 56 1.56 29.53 2.53
CA ASP C 56 0.54 29.79 3.55
C ASP C 56 0.04 28.54 4.25
N VAL C 57 0.33 27.36 3.70
CA VAL C 57 -0.13 26.13 4.33
C VAL C 57 0.54 25.94 5.69
N PHE C 58 1.85 26.22 5.75
CA PHE C 58 2.56 26.16 7.02
C PHE C 58 1.97 27.13 8.04
N GLN C 59 1.62 28.33 7.59
CA GLN C 59 1.02 29.30 8.51
C GLN C 59 -0.33 28.81 9.02
N TRP C 60 -1.12 28.17 8.15
CA TRP C 60 -2.37 27.58 8.60
C TRP C 60 -2.13 26.56 9.70
N ILE C 61 -1.19 25.64 9.46
CA ILE C 61 -0.90 24.61 10.45
C ILE C 61 -0.46 25.25 11.77
N ARG C 62 0.37 26.28 11.68
CA ARG C 62 0.87 26.93 12.89
C ARG C 62 -0.25 27.61 13.66
N GLU C 63 -1.19 28.27 12.98
CA GLU C 63 -2.28 28.90 13.70
C GLU C 63 -3.20 27.87 14.33
N LEU C 64 -3.44 26.74 13.65
CA LEU C 64 -4.24 25.68 14.26
C LEU C 64 -3.54 25.12 15.50
N ASN C 65 -2.22 24.94 15.42
CA ASN C 65 -1.45 24.51 16.58
C ASN C 65 -1.58 25.50 17.73
N ASN C 66 -1.45 26.79 17.43
CA ASN C 66 -1.57 27.83 18.44
C ASN C 66 -2.92 27.73 19.13
N THR C 67 -4.00 27.70 18.35
CA THR C 67 -5.32 27.71 18.96
C THR C 67 -5.65 26.39 19.65
N LEU C 68 -4.99 25.30 19.29
CA LEU C 68 -5.20 24.04 20.00
C LEU C 68 -4.48 24.05 21.34
N ARG C 69 -3.18 24.34 21.33
CA ARG C 69 -2.43 24.40 22.58
C ARG C 69 -2.93 25.53 23.48
N GLY C 70 -3.66 26.49 22.93
CA GLY C 70 -4.28 27.50 23.78
C GLY C 70 -5.29 26.90 24.73
N ILE C 71 -6.11 25.97 24.25
CA ILE C 71 -7.10 25.30 25.07
C ILE C 71 -6.66 23.89 25.45
N SER C 72 -5.36 23.63 25.42
CA SER C 72 -4.87 22.30 25.76
C SER C 72 -5.18 21.98 27.23
N SER C 73 -5.75 20.80 27.45
CA SER C 73 -6.02 20.29 28.78
C SER C 73 -6.13 18.79 28.67
N ALA C 74 -5.96 18.09 29.79
CA ALA C 74 -6.08 16.64 29.75
C ALA C 74 -7.51 16.17 29.54
N ASN C 75 -8.49 17.06 29.67
CA ASN C 75 -9.89 16.69 29.53
C ASN C 75 -10.28 16.52 28.06
N LEU C 76 -9.67 17.29 27.17
CA LEU C 76 -10.10 17.44 25.80
C LEU C 76 -9.84 16.18 25.00
N SER C 77 -10.31 16.18 23.76
CA SER C 77 -10.02 15.15 22.76
C SER C 77 -10.61 15.66 21.45
N LEU C 78 -10.23 14.99 20.35
CA LEU C 78 -10.72 15.42 19.04
C LEU C 78 -10.73 14.22 18.09
N TRP C 79 -11.86 13.99 17.45
CA TRP C 79 -11.94 13.13 16.27
C TRP C 79 -12.06 13.96 15.01
N THR C 80 -11.61 13.39 13.90
CA THR C 80 -11.64 14.07 12.62
C THR C 80 -11.97 13.07 11.52
N HIS C 81 -12.96 13.40 10.70
CA HIS C 81 -13.46 12.49 9.69
C HIS C 81 -13.52 13.18 8.33
N ILE C 82 -13.04 12.49 7.30
CA ILE C 82 -13.19 12.95 5.92
C ILE C 82 -14.10 11.98 5.20
N VAL C 83 -15.41 12.27 5.21
CA VAL C 83 -16.39 11.37 4.63
C VAL C 83 -16.63 11.77 3.18
N ARG C 84 -16.54 10.81 2.28
CA ARG C 84 -16.77 11.02 0.86
C ARG C 84 -18.09 10.39 0.46
N ARG C 85 -18.89 11.10 -0.32
CA ARG C 85 -20.21 10.64 -0.69
C ARG C 85 -20.36 10.62 -2.21
N ARG C 86 -21.20 9.69 -2.68
CA ARG C 86 -21.74 9.76 -4.03
C ARG C 86 -23.07 10.48 -3.89
N VAL C 87 -23.06 11.79 -4.08
CA VAL C 87 -24.18 12.63 -3.69
C VAL C 87 -25.38 12.36 -4.58
N TYR C 88 -26.53 12.08 -3.95
CA TYR C 88 -27.79 11.89 -4.64
C TYR C 88 -28.80 12.97 -4.32
N GLU C 89 -28.57 13.76 -3.27
CA GLU C 89 -29.53 14.78 -2.85
C GLU C 89 -29.63 15.95 -3.80
N TYR C 90 -28.86 15.95 -4.90
CA TYR C 90 -28.95 16.98 -5.93
C TYR C 90 -29.99 16.55 -6.97
N PRO C 91 -31.18 17.15 -6.97
CA PRO C 91 -32.28 16.61 -7.78
C PRO C 91 -32.40 17.24 -9.15
N ASP C 92 -32.91 16.47 -10.11
CA ASP C 92 -33.22 16.99 -11.43
C ASP C 92 -34.44 17.89 -11.36
N ALA C 93 -34.47 18.93 -12.18
CA ALA C 93 -35.56 19.89 -12.19
C ALA C 93 -36.12 20.06 -13.60
N GLU C 94 -37.44 20.18 -13.68
CA GLU C 94 -38.14 20.32 -14.95
C GLU C 94 -38.56 21.78 -15.13
N PHE C 95 -38.18 22.38 -16.25
CA PHE C 95 -38.51 23.76 -16.54
C PHE C 95 -39.91 23.84 -17.15
N ASP C 96 -40.25 25.01 -17.69
CA ASP C 96 -41.44 25.20 -18.50
C ASP C 96 -41.09 25.85 -19.83
N ASN C 97 -39.92 25.50 -20.38
CA ASN C 97 -39.50 26.00 -21.67
C ASN C 97 -38.58 24.98 -22.31
N VAL C 98 -38.75 24.74 -23.61
CA VAL C 98 -38.06 23.64 -24.27
C VAL C 98 -36.57 23.94 -24.42
N PHE C 99 -36.22 25.21 -24.63
CA PHE C 99 -34.81 25.55 -24.85
C PHE C 99 -33.98 25.26 -23.61
N CYS C 100 -34.45 25.74 -22.45
CA CYS C 100 -33.74 25.46 -21.21
C CYS C 100 -33.69 23.96 -20.92
N ARG C 101 -34.76 23.24 -21.22
CA ARG C 101 -34.74 21.79 -21.03
C ARG C 101 -33.69 21.13 -21.90
N GLN C 102 -33.58 21.57 -23.15
CA GLN C 102 -32.52 21.06 -24.02
C GLN C 102 -31.15 21.33 -23.42
N LEU C 103 -30.92 22.56 -22.98
CA LEU C 103 -29.62 22.92 -22.41
C LEU C 103 -29.30 22.05 -21.21
N ASP C 104 -30.28 21.87 -20.32
CA ASP C 104 -30.09 21.07 -19.12
C ASP C 104 -29.80 19.63 -19.48
N GLU C 105 -30.55 19.06 -20.44
CA GLU C 105 -30.39 17.65 -20.74
C GLU C 105 -29.02 17.36 -21.35
N LYS C 106 -28.58 18.15 -22.33
CA LYS C 106 -27.24 17.94 -22.85
C LYS C 106 -26.16 18.19 -21.81
N TYR C 107 -26.31 19.22 -20.98
CA TYR C 107 -25.24 19.50 -20.03
C TYR C 107 -25.14 18.38 -18.98
N ARG C 108 -26.28 17.79 -18.61
CA ARG C 108 -26.25 16.65 -17.71
C ARG C 108 -25.66 15.42 -18.39
N GLU C 109 -25.97 15.21 -19.67
CA GLU C 109 -25.36 14.10 -20.39
C GLU C 109 -23.87 14.27 -20.57
N SER C 110 -23.34 15.49 -20.42
CA SER C 110 -21.90 15.68 -20.46
C SER C 110 -21.16 15.05 -19.28
N PHE C 111 -21.85 14.34 -18.38
CA PHE C 111 -21.26 13.90 -17.14
C PHE C 111 -21.14 12.39 -17.00
N THR C 112 -21.49 11.63 -18.03
CA THR C 112 -21.44 10.17 -17.91
C THR C 112 -20.01 9.69 -17.77
N GLY C 113 -19.68 9.17 -16.59
CA GLY C 113 -18.36 8.65 -16.31
C GLY C 113 -17.50 9.50 -15.41
N TYR C 114 -18.04 10.58 -14.84
CA TYR C 114 -17.24 11.50 -14.04
C TYR C 114 -17.25 11.03 -12.59
N ASN C 115 -16.58 11.81 -11.73
CA ASN C 115 -16.47 11.39 -10.33
C ASN C 115 -17.76 11.58 -9.55
N LEU C 116 -18.26 12.81 -9.48
CA LEU C 116 -19.51 13.11 -8.77
C LEU C 116 -19.43 12.75 -7.29
N MET C 117 -18.35 13.15 -6.63
CA MET C 117 -18.16 12.87 -5.22
C MET C 117 -17.83 14.15 -4.47
N VAL C 118 -18.38 14.30 -3.28
CA VAL C 118 -18.15 15.46 -2.45
C VAL C 118 -17.44 15.02 -1.18
N ASN C 119 -16.62 15.90 -0.62
CA ASN C 119 -15.97 15.67 0.66
C ASN C 119 -16.61 16.53 1.73
N ASP C 120 -16.84 15.94 2.90
CA ASP C 120 -17.30 16.68 4.05
C ASP C 120 -16.34 16.41 5.20
N LEU C 121 -15.97 17.45 5.93
CA LEU C 121 -15.02 17.35 7.01
C LEU C 121 -15.71 17.71 8.31
N TYR C 122 -15.60 16.83 9.30
CA TYR C 122 -16.28 16.99 10.58
C TYR C 122 -15.25 16.92 11.70
N LEU C 123 -15.26 17.92 12.58
CA LEU C 123 -14.46 17.91 13.79
C LEU C 123 -15.39 17.89 14.99
N THR C 124 -15.13 16.97 15.92
CA THR C 124 -15.91 16.85 17.15
C THR C 124 -14.99 17.05 18.33
N VAL C 125 -15.43 17.84 19.31
CA VAL C 125 -14.67 18.09 20.53
C VAL C 125 -15.44 17.49 21.70
N VAL C 126 -14.79 16.59 22.43
CA VAL C 126 -15.37 15.93 23.58
C VAL C 126 -14.56 16.29 24.82
N TYR C 127 -15.26 16.65 25.89
CA TYR C 127 -14.65 17.20 27.09
C TYR C 127 -15.09 16.35 28.28
N ARG C 128 -14.27 15.34 28.63
CA ARG C 128 -14.63 14.41 29.69
C ARG C 128 -13.98 14.84 30.99
N PRO C 129 -14.74 15.19 32.02
CA PRO C 129 -14.13 15.50 33.31
C PRO C 129 -13.46 14.28 33.92
N VAL C 130 -12.40 14.53 34.69
CA VAL C 130 -11.67 13.46 35.35
C VAL C 130 -12.03 13.43 36.84
N ASP C 147 -24.55 21.88 47.58
CA ASP C 147 -24.97 21.99 46.18
C ASP C 147 -23.77 21.96 45.24
N GLN C 148 -22.83 21.04 45.52
CA GLN C 148 -21.63 20.95 44.71
C GLN C 148 -21.87 20.27 43.37
N LYS C 149 -22.75 19.26 43.33
CA LYS C 149 -22.92 18.48 42.11
C LYS C 149 -23.52 19.33 40.98
N LYS C 150 -24.54 20.11 41.30
CA LYS C 150 -25.15 20.96 40.27
C LYS C 150 -24.16 22.01 39.77
N HIS C 151 -23.40 22.60 40.68
CA HIS C 151 -22.41 23.59 40.27
C HIS C 151 -21.32 22.95 39.41
N ARG C 152 -21.00 21.67 39.66
CA ARG C 152 -20.03 20.99 38.79
C ARG C 152 -20.61 20.66 37.42
N GLN C 153 -21.90 20.29 37.36
CA GLN C 153 -22.55 20.16 36.06
C GLN C 153 -22.47 21.45 35.27
N GLU C 154 -22.80 22.57 35.92
CA GLU C 154 -22.73 23.87 35.28
C GLU C 154 -21.30 24.20 34.86
N SER C 155 -20.32 23.86 35.71
CA SER C 155 -18.93 24.11 35.39
C SER C 155 -18.50 23.33 34.16
N CYS C 156 -18.93 22.08 34.05
CA CYS C 156 -18.57 21.27 32.90
C CYS C 156 -19.14 21.86 31.62
N ILE C 157 -20.43 22.21 31.62
CA ILE C 157 -21.02 22.74 30.41
C ILE C 157 -20.43 24.10 30.05
N LYS C 158 -20.13 24.93 31.05
CA LYS C 158 -19.54 26.23 30.77
C LYS C 158 -18.13 26.09 30.20
N ALA C 159 -17.35 25.15 30.74
CA ALA C 159 -16.02 24.91 30.17
C ALA C 159 -16.13 24.49 28.71
N LEU C 160 -17.08 23.60 28.40
CA LEU C 160 -17.17 23.17 27.02
C LEU C 160 -17.66 24.28 26.11
N GLU C 161 -18.56 25.13 26.58
CA GLU C 161 -19.01 26.23 25.71
C GLU C 161 -17.91 27.25 25.49
N ASP C 162 -17.07 27.50 26.49
CA ASP C 162 -15.94 28.39 26.29
C ASP C 162 -14.95 27.79 25.30
N ILE C 163 -14.74 26.47 25.38
CA ILE C 163 -13.90 25.79 24.40
C ILE C 163 -14.48 25.97 23.00
N ASN C 164 -15.79 25.85 22.87
CA ASN C 164 -16.44 26.06 21.57
C ASN C 164 -16.24 27.47 21.07
N ARG C 165 -16.36 28.47 21.95
CA ARG C 165 -16.17 29.85 21.52
C ARG C 165 -14.74 30.05 20.99
N THR C 166 -13.75 29.52 21.70
CA THR C 166 -12.37 29.68 21.23
C THR C 166 -12.16 28.98 19.89
N LEU C 167 -12.69 27.77 19.74
CA LEU C 167 -12.52 27.07 18.48
C LEU C 167 -13.19 27.81 17.34
N GLY C 168 -14.35 28.42 17.60
CA GLY C 168 -15.02 29.21 16.58
C GLY C 168 -14.25 30.44 16.19
N GLN C 169 -13.69 31.15 17.16
CA GLN C 169 -12.78 32.24 16.84
C GLN C 169 -11.65 31.76 15.96
N SER C 170 -11.15 30.54 16.20
CA SER C 170 -10.03 30.04 15.42
C SER C 170 -10.42 29.74 13.99
N PHE C 171 -11.56 29.08 13.79
CA PHE C 171 -11.90 28.53 12.48
C PHE C 171 -12.61 29.53 11.56
N LYS C 172 -12.44 30.83 11.78
CA LYS C 172 -13.18 31.82 11.00
C LYS C 172 -12.87 31.69 9.51
N ARG C 173 -11.59 31.54 9.17
CA ARG C 173 -11.23 31.37 7.77
C ARG C 173 -11.77 30.08 7.17
N TYR C 174 -11.86 29.02 7.96
CA TYR C 174 -12.28 27.72 7.41
C TYR C 174 -13.77 27.69 7.13
N GLY C 175 -14.56 28.45 7.88
CA GLY C 175 -15.98 28.57 7.62
C GLY C 175 -16.85 27.55 8.28
N ALA C 176 -16.47 27.04 9.43
CA ALA C 176 -17.24 26.01 10.10
C ALA C 176 -18.51 26.59 10.72
N GLU C 177 -19.49 25.72 10.94
CA GLU C 177 -20.73 26.10 11.59
C GLU C 177 -21.00 25.15 12.75
N LEU C 178 -21.54 25.69 13.82
CA LEU C 178 -21.79 24.91 15.04
C LEU C 178 -23.10 24.14 14.90
N LEU C 179 -23.02 22.81 14.92
CA LEU C 179 -24.22 22.01 14.77
C LEU C 179 -25.09 22.14 16.01
N SER C 180 -26.36 22.49 15.81
CA SER C 180 -27.27 22.76 16.91
C SER C 180 -28.66 22.32 16.51
N VAL C 181 -29.55 22.25 17.51
CA VAL C 181 -30.90 21.77 17.26
C VAL C 181 -31.62 22.70 16.30
N TYR C 182 -32.58 22.15 15.57
CA TYR C 182 -33.39 22.90 14.62
C TYR C 182 -34.81 22.37 14.67
N GLU C 183 -35.74 23.20 15.12
CA GLU C 183 -37.14 22.79 15.19
C GLU C 183 -37.71 22.66 13.79
N LYS C 184 -38.42 21.55 13.55
CA LYS C 184 -39.11 21.35 12.27
C LYS C 184 -40.58 21.06 12.58
N GLY C 185 -41.38 22.13 12.66
CA GLY C 185 -42.81 22.01 12.79
C GLY C 185 -43.27 21.32 14.06
N GLY C 186 -42.72 21.72 15.20
CA GLY C 186 -43.10 21.16 16.48
C GLY C 186 -42.37 19.89 16.88
N HIS C 187 -41.70 19.24 15.95
CA HIS C 187 -40.84 18.09 16.26
C HIS C 187 -39.41 18.61 16.32
N ALA C 188 -38.94 18.89 17.53
CA ALA C 188 -37.55 19.30 17.70
C ALA C 188 -36.62 18.20 17.21
N PHE C 189 -35.57 18.60 16.52
CA PHE C 189 -34.55 17.69 16.01
C PHE C 189 -33.22 18.07 16.63
N SER C 190 -32.16 17.40 16.17
CA SER C 190 -30.82 17.65 16.72
C SER C 190 -29.80 17.39 15.64
N ALA C 191 -29.18 18.47 15.15
CA ALA C 191 -28.20 18.33 14.09
C ALA C 191 -27.01 17.43 14.43
N PRO C 192 -26.41 17.49 15.62
CA PRO C 192 -25.23 16.64 15.86
C PRO C 192 -25.50 15.16 15.70
N LEU C 193 -26.72 14.70 15.98
CA LEU C 193 -27.00 13.27 15.85
C LEU C 193 -26.83 12.80 14.42
N GLU C 194 -26.96 13.71 13.44
CA GLU C 194 -26.92 13.27 12.05
C GLU C 194 -25.52 12.79 11.66
N PHE C 195 -24.48 13.52 12.07
CA PHE C 195 -23.12 13.10 11.74
C PHE C 195 -22.77 11.79 12.43
N LEU C 196 -23.07 11.70 13.72
CA LEU C 196 -22.79 10.47 14.46
C LEU C 196 -23.59 9.31 13.89
N ALA C 197 -24.74 9.59 13.30
CA ALA C 197 -25.50 8.56 12.60
C ALA C 197 -24.78 8.11 11.34
N ARG C 198 -24.35 9.07 10.53
CA ARG C 198 -23.67 8.72 9.28
C ARG C 198 -22.41 7.90 9.56
N LEU C 199 -21.79 8.12 10.73
CA LEU C 199 -20.62 7.32 11.08
C LEU C 199 -20.97 5.84 11.16
N VAL C 200 -22.08 5.51 11.81
CA VAL C 200 -22.47 4.11 11.99
C VAL C 200 -23.42 3.66 10.90
N ASN C 201 -24.45 4.43 10.61
CA ASN C 201 -25.45 4.00 9.63
C ASN C 201 -24.87 3.92 8.23
N GLY C 202 -23.95 4.83 7.90
CA GLY C 202 -23.38 4.87 6.57
C GLY C 202 -24.22 5.58 5.54
N GLU C 203 -25.46 5.92 5.87
CA GLU C 203 -26.34 6.70 5.00
C GLU C 203 -27.04 7.73 5.86
N HIS C 204 -27.19 8.96 5.35
CA HIS C 204 -27.72 10.04 6.15
C HIS C 204 -29.19 9.79 6.45
N ILE C 205 -29.47 9.29 7.64
CA ILE C 205 -30.83 9.00 8.10
C ILE C 205 -31.16 10.00 9.21
N PRO C 206 -32.05 10.96 8.96
CA PRO C 206 -32.35 11.95 10.01
C PRO C 206 -32.97 11.29 11.22
N MET C 207 -32.66 11.84 12.39
CA MET C 207 -33.25 11.32 13.62
C MET C 207 -33.77 12.45 14.47
N PRO C 208 -34.87 12.22 15.20
CA PRO C 208 -35.36 13.21 16.15
C PRO C 208 -34.73 13.04 17.51
N ILE C 209 -34.71 14.14 18.25
CA ILE C 209 -34.34 14.09 19.66
C ILE C 209 -35.57 13.66 20.44
N CYS C 210 -35.45 12.61 21.24
CA CYS C 210 -36.57 12.07 21.99
C CYS C 210 -36.07 11.58 23.34
N ARG C 211 -37.00 11.08 24.16
CA ARG C 211 -36.73 10.86 25.58
C ARG C 211 -35.88 9.63 25.85
N ASP C 212 -35.67 8.75 24.87
CA ASP C 212 -34.77 7.63 25.09
C ASP C 212 -33.33 8.11 25.24
N ARG C 213 -32.42 7.17 25.45
CA ARG C 213 -31.01 7.41 25.21
C ARG C 213 -30.74 7.08 23.75
N PHE C 214 -30.05 7.98 23.05
CA PHE C 214 -29.94 7.85 21.61
C PHE C 214 -29.21 6.58 21.20
N SER C 215 -28.49 5.96 22.12
CA SER C 215 -27.79 4.73 21.79
C SER C 215 -28.74 3.63 21.35
N ASP C 216 -29.96 3.61 21.91
CA ASP C 216 -30.90 2.54 21.56
C ASP C 216 -31.31 2.59 20.10
N TYR C 217 -31.58 3.78 19.57
CA TYR C 217 -32.12 3.87 18.22
C TYR C 217 -31.27 4.69 17.26
N MET C 218 -30.08 5.15 17.66
CA MET C 218 -29.28 5.93 16.72
C MET C 218 -28.87 5.07 15.54
N ALA C 219 -28.61 3.79 15.78
CA ALA C 219 -28.36 2.86 14.70
C ALA C 219 -29.67 2.39 14.10
N VAL C 220 -29.72 2.36 12.77
CA VAL C 220 -30.88 1.83 12.06
C VAL C 220 -30.43 0.70 11.15
N ASN C 221 -29.32 0.90 10.47
CA ASN C 221 -28.74 -0.09 9.57
C ASN C 221 -27.46 -0.62 10.19
N ARG C 222 -27.58 -1.71 10.95
CA ARG C 222 -26.46 -2.15 11.80
C ARG C 222 -25.48 -2.99 11.01
N PRO C 223 -24.19 -2.66 11.07
CA PRO C 223 -23.19 -3.44 10.32
C PRO C 223 -23.06 -4.86 10.85
N MET C 224 -22.61 -5.74 9.97
CA MET C 224 -22.47 -7.16 10.28
C MET C 224 -21.06 -7.60 9.85
N PHE C 225 -20.11 -7.51 10.77
CA PHE C 225 -18.72 -7.84 10.48
C PHE C 225 -18.55 -9.33 10.40
N SER C 226 -17.89 -9.81 9.34
CA SER C 226 -17.52 -11.22 9.27
C SER C 226 -16.65 -11.57 10.47
N LYS C 227 -16.89 -12.74 11.06
CA LYS C 227 -16.21 -13.10 12.30
C LYS C 227 -14.70 -13.16 12.12
N TRP C 228 -14.21 -13.47 10.92
CA TRP C 228 -12.77 -13.39 10.69
C TRP C 228 -12.30 -11.95 10.56
N GLY C 229 -13.17 -11.05 10.11
CA GLY C 229 -12.91 -9.63 10.20
C GLY C 229 -12.18 -9.00 9.03
N GLU C 230 -12.12 -9.65 7.88
CA GLU C 230 -11.45 -9.01 6.75
C GLU C 230 -12.30 -7.89 6.17
N VAL C 231 -13.62 -8.11 6.05
CA VAL C 231 -14.54 -7.15 5.45
C VAL C 231 -15.79 -7.05 6.32
N GLY C 232 -16.76 -6.27 5.85
CA GLY C 232 -17.98 -6.07 6.60
C GLY C 232 -19.24 -6.07 5.75
N GLU C 233 -20.33 -5.56 6.30
CA GLU C 233 -21.60 -5.46 5.60
C GLU C 233 -22.38 -4.27 6.14
N LEU C 234 -23.41 -3.88 5.39
CA LEU C 234 -24.31 -2.81 5.80
C LEU C 234 -25.66 -3.07 5.14
N ARG C 235 -26.72 -2.60 5.78
CA ARG C 235 -28.07 -2.69 5.22
C ARG C 235 -28.63 -1.30 4.92
N LEU C 240 -25.91 -3.81 1.84
CA LEU C 240 -25.72 -3.25 0.52
C LEU C 240 -24.26 -3.02 0.19
N ARG C 241 -23.51 -2.45 1.12
CA ARG C 241 -22.16 -1.97 0.85
C ARG C 241 -21.15 -2.70 1.72
N ARG C 242 -20.18 -3.33 1.07
CA ARG C 242 -19.09 -3.99 1.78
C ARG C 242 -17.95 -3.01 2.01
N PHE C 243 -17.27 -3.16 3.14
CA PHE C 243 -16.23 -2.22 3.50
C PHE C 243 -15.10 -2.91 4.23
N GLY C 244 -13.88 -2.72 3.74
CA GLY C 244 -12.70 -3.18 4.43
C GLY C 244 -11.89 -2.00 4.91
N MET C 245 -10.97 -2.19 5.84
CA MET C 245 -10.32 -1.07 6.48
C MET C 245 -8.81 -1.11 6.26
N LEU C 246 -8.17 -0.01 6.61
CA LEU C 246 -6.72 0.13 6.65
C LEU C 246 -6.37 0.94 7.88
N GLU C 247 -5.28 0.58 8.54
CA GLU C 247 -4.82 1.36 9.70
C GLU C 247 -3.53 2.06 9.32
N ILE C 248 -3.54 3.38 9.41
CA ILE C 248 -2.44 4.22 8.95
C ILE C 248 -1.68 4.63 10.21
N ARG C 249 -0.74 3.80 10.63
CA ARG C 249 0.04 4.08 11.83
C ARG C 249 1.38 4.67 11.38
N GLU C 250 1.54 5.97 11.54
CA GLU C 250 2.74 6.67 11.13
C GLU C 250 3.27 7.51 12.28
N TYR C 251 4.60 7.50 12.44
CA TYR C 251 5.31 8.24 13.48
C TYR C 251 6.15 9.38 12.95
N ASP C 252 6.80 9.18 11.80
CA ASP C 252 7.66 10.19 11.23
C ASP C 252 6.90 11.49 11.00
N ASP C 253 7.58 12.60 11.26
CA ASP C 253 7.01 13.91 10.97
C ASP C 253 6.68 14.00 9.49
N ALA C 254 5.51 14.54 9.18
CA ALA C 254 5.05 14.59 7.81
C ALA C 254 5.94 15.48 6.97
N THR C 255 6.05 15.15 5.69
CA THR C 255 6.80 15.99 4.76
C THR C 255 5.98 17.20 4.37
N GLU C 256 4.84 16.99 3.73
CA GLU C 256 3.93 18.07 3.44
C GLU C 256 3.06 18.36 4.66
N PRO C 257 2.64 19.61 4.84
CA PRO C 257 1.67 19.89 5.91
C PRO C 257 0.34 19.18 5.71
N GLY C 258 0.02 18.79 4.48
CA GLY C 258 -0.99 17.79 4.26
C GLY C 258 -0.39 16.64 3.50
N GLN C 259 -0.22 15.49 4.15
CA GLN C 259 0.54 14.42 3.53
C GLN C 259 -0.33 13.51 2.67
N LEU C 260 -1.30 12.85 3.29
CA LEU C 260 -2.11 11.85 2.61
C LEU C 260 -3.35 12.45 1.95
N ASN C 261 -3.28 13.72 1.54
CA ASN C 261 -4.37 14.37 0.83
C ASN C 261 -4.56 13.84 -0.58
N VAL C 262 -3.77 12.86 -1.02
CA VAL C 262 -4.04 12.22 -2.30
C VAL C 262 -5.35 11.45 -2.25
N LEU C 263 -5.82 11.11 -1.05
CA LEU C 263 -7.08 10.39 -0.91
C LEU C 263 -8.29 11.27 -1.14
N LEU C 264 -8.12 12.60 -1.04
CA LEU C 264 -9.25 13.50 -1.28
C LEU C 264 -9.79 13.39 -2.68
N GLU C 265 -8.99 12.88 -3.62
CA GLU C 265 -9.43 12.62 -4.98
C GLU C 265 -9.21 11.14 -5.29
N SER C 266 -10.28 10.36 -5.22
CA SER C 266 -10.19 8.94 -5.54
C SER C 266 -11.58 8.46 -5.93
N ASP C 267 -11.63 7.30 -6.57
CA ASP C 267 -12.85 6.76 -7.12
C ASP C 267 -13.65 5.92 -6.13
N TYR C 268 -13.27 5.90 -4.86
CA TYR C 268 -13.95 5.11 -3.86
C TYR C 268 -14.36 5.98 -2.68
N GLU C 269 -15.42 5.59 -2.00
CA GLU C 269 -15.85 6.28 -0.80
C GLU C 269 -15.06 5.78 0.41
N PHE C 270 -14.97 6.61 1.44
CA PHE C 270 -14.33 6.19 2.69
C PHE C 270 -14.74 7.13 3.81
N VAL C 271 -14.32 6.79 5.03
CA VAL C 271 -14.41 7.68 6.17
C VAL C 271 -13.07 7.61 6.91
N LEU C 272 -12.17 8.55 6.61
CA LEU C 272 -10.83 8.54 7.18
C LEU C 272 -10.88 9.18 8.57
N THR C 273 -10.42 8.48 9.58
CA THR C 273 -10.63 8.86 10.97
C THR C 273 -9.31 9.03 11.70
N HIS C 274 -9.20 10.13 12.44
CA HIS C 274 -8.09 10.38 13.34
C HIS C 274 -8.64 10.79 14.69
N SER C 275 -7.98 10.39 15.77
CA SER C 275 -8.35 10.81 17.11
C SER C 275 -7.15 11.45 17.78
N PHE C 276 -7.40 12.44 18.61
CA PHE C 276 -6.33 13.07 19.39
C PHE C 276 -6.77 13.12 20.84
N SER C 277 -6.57 12.02 21.55
CA SER C 277 -6.78 12.00 22.99
C SER C 277 -5.53 12.56 23.64
N VAL C 278 -5.60 13.82 24.07
CA VAL C 278 -4.42 14.50 24.58
C VAL C 278 -3.86 13.79 25.80
N LEU C 279 -2.57 14.01 26.03
CA LEU C 279 -1.90 13.57 27.25
C LEU C 279 -1.51 14.81 28.04
N SER C 280 -1.76 14.78 29.34
CA SER C 280 -1.28 15.84 30.20
C SER C 280 0.23 15.92 30.12
N ARG C 281 0.75 17.15 30.21
CA ARG C 281 2.17 17.40 29.96
C ARG C 281 3.11 16.48 30.74
N PRO C 282 2.94 16.26 32.05
CA PRO C 282 3.78 15.26 32.71
C PRO C 282 3.65 13.88 32.12
N ALA C 283 2.47 13.50 31.64
CA ALA C 283 2.34 12.18 31.03
C ALA C 283 3.14 12.08 29.74
N ALA C 284 3.14 13.13 28.93
CA ALA C 284 3.95 13.13 27.72
C ALA C 284 5.44 13.04 28.05
N LYS C 285 5.88 13.81 29.05
CA LYS C 285 7.28 13.74 29.47
C LYS C 285 7.65 12.34 29.90
N GLU C 286 6.79 11.71 30.71
CA GLU C 286 7.07 10.35 31.17
C GLU C 286 7.12 9.36 30.02
N TYR C 287 6.22 9.49 29.05
CA TYR C 287 6.23 8.56 27.92
C TYR C 287 7.52 8.71 27.12
N LEU C 288 7.93 9.95 26.85
CA LEU C 288 9.16 10.14 26.09
C LEU C 288 10.36 9.60 26.85
N GLN C 289 10.38 9.79 28.17
CA GLN C 289 11.48 9.26 28.96
C GLN C 289 11.53 7.74 28.91
N ARG C 290 10.37 7.08 29.05
CA ARG C 290 10.36 5.63 28.99
C ARG C 290 10.76 5.12 27.62
N HIS C 291 10.31 5.78 26.56
CA HIS C 291 10.70 5.37 25.22
C HIS C 291 12.20 5.49 25.01
N GLN C 292 12.79 6.61 25.44
CA GLN C 292 14.22 6.78 25.31
C GLN C 292 14.97 5.72 26.10
N LYS C 293 14.48 5.38 27.30
CA LYS C 293 15.14 4.38 28.12
C LYS C 293 15.10 3.01 27.46
N ASN C 294 13.93 2.62 26.96
CA ASN C 294 13.80 1.30 26.33
C ASN C 294 14.54 1.22 25.00
N LEU C 295 14.76 2.36 24.34
CA LEU C 295 15.60 2.36 23.16
C LEU C 295 17.07 2.28 23.52
N ILE C 296 17.47 2.90 24.63
CA ILE C 296 18.86 2.81 25.07
C ILE C 296 19.21 1.39 25.48
N ASP C 297 18.35 0.77 26.30
CA ASP C 297 18.67 -0.52 26.91
C ASP C 297 18.42 -1.65 25.91
N ALA C 298 19.17 -1.61 24.82
CA ALA C 298 19.09 -2.62 23.77
C ALA C 298 20.51 -3.02 23.36
N ARG C 299 20.61 -4.09 22.57
CA ARG C 299 21.90 -4.62 22.20
C ARG C 299 22.53 -3.93 20.99
N ASP C 300 21.76 -3.15 20.24
CA ASP C 300 22.28 -2.43 19.09
C ASP C 300 22.12 -0.93 19.34
N VAL C 301 23.15 -0.17 19.02
CA VAL C 301 23.12 1.28 19.20
C VAL C 301 22.79 1.92 17.85
N ALA C 302 21.83 2.83 17.87
CA ALA C 302 21.39 3.55 16.68
C ALA C 302 21.36 5.03 17.04
N THR C 303 22.44 5.74 16.74
CA THR C 303 22.53 7.15 17.10
C THR C 303 21.73 8.04 16.18
N ASP C 304 21.03 7.47 15.20
CA ASP C 304 20.10 8.25 14.40
C ASP C 304 18.75 8.41 15.08
N GLN C 305 18.52 7.68 16.17
CA GLN C 305 17.23 7.67 16.88
C GLN C 305 17.30 8.30 18.26
N ILE C 306 18.32 7.93 19.05
CA ILE C 306 18.38 8.36 20.44
C ILE C 306 18.54 9.87 20.54
N GLU C 307 19.42 10.45 19.71
CA GLU C 307 19.62 11.89 19.78
C GLU C 307 18.39 12.65 19.31
N GLU C 308 17.72 12.13 18.29
CA GLU C 308 16.50 12.78 17.82
C GLU C 308 15.43 12.80 18.90
N ILE C 309 15.21 11.66 19.57
CA ILE C 309 14.21 11.60 20.61
C ILE C 309 14.58 12.52 21.77
N ASP C 310 15.86 12.52 22.15
CA ASP C 310 16.29 13.41 23.23
C ASP C 310 16.17 14.88 22.85
N GLU C 311 16.30 15.20 21.57
CA GLU C 311 16.01 16.55 21.11
C GLU C 311 14.54 16.86 21.29
N ALA C 312 13.67 15.93 20.90
CA ALA C 312 12.23 16.19 20.98
C ALA C 312 11.76 16.32 22.42
N LEU C 313 12.43 15.63 23.36
CA LEU C 313 11.95 15.62 24.74
C LEU C 313 11.96 17.01 25.36
N ASN C 314 13.01 17.79 25.13
CA ASN C 314 13.04 19.18 25.54
C ASN C 314 12.72 20.13 24.41
N GLN C 315 12.32 19.61 23.24
CA GLN C 315 11.56 20.42 22.31
C GLN C 315 10.12 20.57 22.80
N LEU C 316 9.63 19.56 23.50
CA LEU C 316 8.24 19.56 23.97
C LEU C 316 7.98 20.71 24.92
N ILE C 317 8.90 20.94 25.86
CA ILE C 317 8.75 22.01 26.83
C ILE C 317 8.85 23.36 26.13
N SER C 318 9.81 23.48 25.21
CA SER C 318 10.14 24.79 24.65
C SER C 318 9.48 25.02 23.30
N GLY C 319 9.18 23.95 22.57
CA GLY C 319 8.46 24.10 21.31
C GLY C 319 6.98 24.34 21.46
N HIS C 320 6.44 24.08 22.65
CA HIS C 320 5.03 24.31 22.96
C HIS C 320 4.11 23.64 21.93
N PHE C 321 4.15 22.32 21.91
CA PHE C 321 3.09 21.52 21.30
C PHE C 321 2.81 20.36 22.23
N VAL C 322 1.54 20.06 22.46
CA VAL C 322 1.15 19.06 23.44
C VAL C 322 0.80 17.76 22.71
N MET C 323 1.30 16.64 23.24
CA MET C 323 1.16 15.36 22.58
C MET C 323 -0.20 14.74 22.89
N GLY C 324 -0.43 13.55 22.36
CA GLY C 324 -1.66 12.83 22.64
C GLY C 324 -1.71 11.55 21.85
N GLU C 325 -2.71 10.73 22.17
CA GLU C 325 -2.92 9.47 21.47
C GLU C 325 -3.51 9.72 20.09
N HIS C 326 -3.31 8.77 19.19
CA HIS C 326 -3.71 8.97 17.80
C HIS C 326 -3.75 7.64 17.08
N HIS C 327 -4.93 7.23 16.61
CA HIS C 327 -5.03 6.11 15.69
C HIS C 327 -5.67 6.62 14.41
N CYS C 328 -5.24 6.08 13.27
CA CYS C 328 -5.78 6.48 11.98
C CYS C 328 -6.32 5.24 11.27
N THR C 329 -7.54 5.35 10.77
CA THR C 329 -8.19 4.23 10.10
C THR C 329 -8.95 4.72 8.88
N LEU C 330 -8.80 4.01 7.77
CA LEU C 330 -9.48 4.33 6.51
C LEU C 330 -10.44 3.20 6.21
N THR C 331 -11.72 3.52 6.05
CA THR C 331 -12.77 2.52 5.83
C THR C 331 -13.40 2.72 4.46
N VAL C 332 -12.80 2.12 3.45
CA VAL C 332 -13.30 2.26 2.09
C VAL C 332 -14.57 1.42 1.93
N TYR C 333 -15.54 1.97 1.22
CA TYR C 333 -16.78 1.26 0.93
C TYR C 333 -16.76 0.72 -0.49
N GLY C 334 -17.68 -0.20 -0.76
CA GLY C 334 -17.76 -0.78 -2.09
C GLY C 334 -19.04 -1.56 -2.26
N GLU C 335 -19.11 -2.27 -3.38
CA GLU C 335 -20.26 -3.13 -3.69
C GLU C 335 -19.88 -4.60 -3.69
N THR C 336 -18.89 -4.97 -4.48
CA THR C 336 -18.37 -6.34 -4.49
C THR C 336 -17.15 -6.42 -3.58
N VAL C 337 -17.00 -7.57 -2.92
CA VAL C 337 -15.90 -7.72 -1.97
C VAL C 337 -14.55 -7.66 -2.67
N GLN C 338 -14.46 -8.24 -3.88
CA GLN C 338 -13.25 -8.09 -4.67
C GLN C 338 -13.01 -6.63 -5.03
N GLN C 339 -14.09 -5.89 -5.30
CA GLN C 339 -13.96 -4.46 -5.56
C GLN C 339 -13.39 -3.73 -4.35
N VAL C 340 -13.80 -4.14 -3.15
CA VAL C 340 -13.25 -3.52 -1.94
C VAL C 340 -11.77 -3.80 -1.82
N ARG C 341 -11.33 -5.02 -2.16
CA ARG C 341 -9.91 -5.33 -2.13
C ARG C 341 -9.13 -4.54 -3.18
N ASP C 342 -9.73 -4.34 -4.36
CA ASP C 342 -9.07 -3.49 -5.36
C ASP C 342 -8.96 -2.06 -4.87
N ASN C 343 -10.00 -1.56 -4.20
CA ASN C 343 -9.93 -0.22 -3.61
C ASN C 343 -8.81 -0.15 -2.58
N LEU C 344 -8.70 -1.18 -1.74
CA LEU C 344 -7.64 -1.17 -0.74
C LEU C 344 -6.26 -1.21 -1.36
N ALA C 345 -6.07 -2.01 -2.41
CA ALA C 345 -4.78 -2.05 -3.08
C ALA C 345 -4.45 -0.70 -3.71
N HIS C 346 -5.43 -0.08 -4.35
CA HIS C 346 -5.21 1.25 -4.93
C HIS C 346 -4.86 2.26 -3.86
N ALA C 347 -5.54 2.23 -2.71
CA ALA C 347 -5.25 3.17 -1.64
C ALA C 347 -3.87 2.90 -1.05
N SER C 348 -3.50 1.63 -0.90
CA SER C 348 -2.18 1.30 -0.38
C SER C 348 -1.08 1.81 -1.30
N ALA C 349 -1.26 1.66 -2.62
CA ALA C 349 -0.28 2.18 -3.56
C ALA C 349 -0.23 3.71 -3.50
N ALA C 350 -1.39 4.34 -3.56
CA ALA C 350 -1.46 5.80 -3.57
C ALA C 350 -1.00 6.42 -2.26
N MET C 351 -0.86 5.63 -1.20
CA MET C 351 -0.30 6.15 0.04
C MET C 351 1.15 5.74 0.26
N LEU C 352 1.60 4.62 -0.32
CA LEU C 352 3.04 4.38 -0.41
C LEU C 352 3.72 5.43 -1.28
N ASP C 353 2.98 6.02 -2.22
CA ASP C 353 3.53 7.12 -3.00
C ASP C 353 3.84 8.34 -2.14
N VAL C 354 3.30 8.40 -0.92
CA VAL C 354 3.49 9.58 -0.08
C VAL C 354 4.18 9.14 1.21
N ALA C 355 5.00 8.10 1.10
CA ALA C 355 5.94 7.67 2.14
C ALA C 355 5.25 7.14 3.40
N VAL C 356 4.00 6.73 3.32
CA VAL C 356 3.32 6.09 4.45
C VAL C 356 2.93 4.68 4.02
N LEU C 357 3.10 3.73 4.94
CA LEU C 357 2.87 2.32 4.66
C LEU C 357 1.58 1.87 5.32
N PRO C 358 0.54 1.53 4.56
CA PRO C 358 -0.72 1.11 5.17
C PRO C 358 -0.62 -0.33 5.63
N LYS C 359 -1.07 -0.59 6.85
CA LYS C 359 -1.12 -1.95 7.34
C LYS C 359 -2.54 -2.46 7.29
N PRO C 360 -2.85 -3.47 6.50
CA PRO C 360 -4.23 -3.96 6.41
C PRO C 360 -4.72 -4.51 7.73
N VAL C 361 -6.02 -4.40 7.93
CA VAL C 361 -6.69 -4.87 9.15
C VAL C 361 -7.36 -6.20 8.84
N ASP C 362 -7.10 -7.20 9.68
CA ASP C 362 -7.60 -8.55 9.46
C ASP C 362 -8.52 -9.04 10.55
N LEU C 363 -8.16 -8.88 11.82
CA LEU C 363 -9.01 -9.30 12.92
C LEU C 363 -9.51 -8.14 13.78
N ALA C 364 -8.96 -6.95 13.60
CA ALA C 364 -9.32 -5.81 14.42
C ALA C 364 -10.44 -4.98 13.82
N LEU C 365 -11.07 -5.47 12.75
CA LEU C 365 -12.00 -4.63 12.00
C LEU C 365 -13.17 -4.20 12.86
N GLU C 366 -13.70 -5.11 13.69
CA GLU C 366 -14.81 -4.74 14.56
C GLU C 366 -14.42 -3.63 15.51
N ALA C 367 -13.25 -3.77 16.15
CA ALA C 367 -12.75 -2.72 17.04
C ALA C 367 -12.50 -1.43 16.29
N GLY C 368 -11.93 -1.53 15.09
CA GLY C 368 -11.67 -0.32 14.31
C GLY C 368 -12.95 0.43 13.99
N TYR C 369 -13.96 -0.29 13.50
CA TYR C 369 -15.20 0.37 13.10
C TYR C 369 -15.92 0.94 14.30
N TRP C 370 -15.99 0.19 15.40
CA TRP C 370 -16.66 0.75 16.55
C TRP C 370 -15.82 1.81 17.24
N ALA C 371 -14.57 2.00 16.82
CA ALA C 371 -13.74 3.08 17.31
C ALA C 371 -13.97 4.38 16.56
N GLN C 372 -14.73 4.37 15.49
CA GLN C 372 -14.97 5.59 14.73
C GLN C 372 -15.87 6.55 15.47
N LEU C 373 -16.82 6.02 16.22
CA LEU C 373 -17.74 6.87 16.96
C LEU C 373 -16.93 7.73 17.92
N PRO C 374 -17.15 9.04 17.95
CA PRO C 374 -16.51 9.85 18.99
C PRO C 374 -16.90 9.37 20.38
N ALA C 375 -15.94 9.48 21.30
CA ALA C 375 -16.03 9.01 22.68
C ALA C 375 -15.90 7.49 22.81
N ASN C 376 -15.51 6.80 21.74
CA ASN C 376 -15.16 5.38 21.84
C ASN C 376 -13.64 5.22 21.95
N TRP C 377 -13.08 5.74 23.05
CA TRP C 377 -11.67 5.54 23.32
C TRP C 377 -11.34 4.07 23.46
N GLN C 378 -12.27 3.30 24.05
CA GLN C 378 -11.98 1.94 24.46
C GLN C 378 -11.63 1.04 23.29
N TRP C 379 -12.21 1.29 22.12
CA TRP C 379 -12.13 0.36 21.00
C TRP C 379 -11.04 0.72 19.99
N ARG C 380 -10.16 1.65 20.32
CA ARG C 380 -9.06 1.96 19.42
C ARG C 380 -8.13 0.77 19.34
N PRO C 381 -7.72 0.36 18.14
CA PRO C 381 -6.89 -0.85 18.02
C PRO C 381 -5.55 -0.75 18.74
N ARG C 382 -4.72 0.22 18.36
CA ARG C 382 -3.38 0.33 18.93
C ARG C 382 -2.87 1.75 18.81
N PRO C 383 -3.41 2.69 19.57
CA PRO C 383 -2.96 4.07 19.49
C PRO C 383 -1.53 4.23 20.00
N ALA C 384 -0.83 5.20 19.41
CA ALA C 384 0.54 5.52 19.82
C ALA C 384 0.70 7.03 19.79
N PRO C 385 1.40 7.59 20.78
CA PRO C 385 1.44 9.05 20.92
C PRO C 385 2.05 9.74 19.70
N ILE C 386 1.45 10.88 19.35
CA ILE C 386 1.82 11.66 18.17
C ILE C 386 1.87 13.13 18.55
N THR C 387 2.88 13.84 18.06
CA THR C 387 3.00 15.26 18.35
C THR C 387 1.83 16.03 17.75
N SER C 388 1.51 17.17 18.36
CA SER C 388 0.36 17.94 17.91
C SER C 388 0.53 18.43 16.48
N LEU C 389 1.75 18.86 16.14
CA LEU C 389 2.02 19.26 14.77
C LEU C 389 1.70 18.15 13.79
N ASN C 390 2.02 16.91 14.14
CA ASN C 390 1.78 15.81 13.23
C ASN C 390 0.32 15.42 13.14
N PHE C 391 -0.47 15.59 14.21
CA PHE C 391 -1.90 15.39 14.06
C PHE C 391 -2.50 16.45 13.15
N LEU C 392 -2.20 17.73 13.42
CA LEU C 392 -2.74 18.78 12.56
C LEU C 392 -2.14 18.75 11.15
N SER C 393 -1.05 18.03 10.94
CA SER C 393 -0.50 17.85 9.61
C SER C 393 -0.90 16.54 8.96
N PHE C 394 -1.59 15.67 9.68
CA PHE C 394 -2.22 14.51 9.04
C PHE C 394 -3.66 14.81 8.65
N SER C 395 -4.35 15.61 9.47
CA SER C 395 -5.70 16.06 9.18
C SER C 395 -5.73 17.58 9.26
N PRO C 396 -5.27 18.29 8.23
CA PRO C 396 -5.23 19.77 8.28
C PRO C 396 -6.47 20.46 7.75
N PHE C 397 -7.52 19.71 7.40
CA PHE C 397 -8.78 20.26 6.89
C PHE C 397 -8.58 20.94 5.54
N HIS C 398 -7.98 20.19 4.62
CA HIS C 398 -7.88 20.58 3.21
C HIS C 398 -8.92 19.80 2.42
N ASN C 399 -9.65 20.49 1.57
CA ASN C 399 -10.52 19.82 0.62
C ASN C 399 -10.71 20.70 -0.60
N PHE C 400 -10.90 20.06 -1.75
CA PHE C 400 -11.22 20.82 -2.95
C PHE C 400 -12.60 21.43 -2.78
N MET C 401 -12.70 22.74 -3.03
CA MET C 401 -13.94 23.44 -2.74
C MET C 401 -15.05 22.89 -3.62
N SER C 402 -16.21 22.62 -3.00
CA SER C 402 -17.29 21.98 -3.72
C SER C 402 -18.67 22.57 -3.49
N GLY C 403 -18.84 23.50 -2.55
CA GLY C 403 -20.13 24.13 -2.39
C GLY C 403 -21.19 23.19 -1.86
N LYS C 404 -22.41 23.70 -1.79
CA LYS C 404 -23.52 22.96 -1.21
C LYS C 404 -24.33 22.30 -2.31
N PRO C 405 -24.39 20.97 -2.37
CA PRO C 405 -25.24 20.32 -3.38
C PRO C 405 -26.71 20.68 -3.26
N THR C 406 -27.22 20.85 -2.05
CA THR C 406 -28.62 21.21 -1.84
C THR C 406 -28.77 21.82 -0.45
N GLY C 407 -30.01 22.11 -0.10
CA GLY C 407 -30.31 22.78 1.15
C GLY C 407 -30.21 24.29 1.10
N ASN C 408 -30.01 24.86 -0.08
CA ASN C 408 -29.87 26.30 -0.24
C ASN C 408 -31.21 27.00 -0.02
N PRO C 409 -31.19 28.31 0.25
CA PRO C 409 -32.44 29.05 0.39
C PRO C 409 -33.26 29.14 -0.87
N TRP C 410 -32.76 28.65 -1.99
CA TRP C 410 -33.42 28.74 -3.29
C TRP C 410 -33.44 27.40 -3.98
N GLY C 411 -33.81 26.35 -3.26
CA GLY C 411 -33.78 25.02 -3.81
C GLY C 411 -32.36 24.53 -3.97
N PRO C 412 -32.15 23.59 -4.88
CA PRO C 412 -30.82 23.00 -5.04
C PRO C 412 -29.83 23.95 -5.70
N ALA C 413 -28.59 23.50 -5.87
CA ALA C 413 -27.60 24.31 -6.55
C ALA C 413 -27.97 24.47 -8.02
N VAL C 414 -27.71 25.65 -8.58
CA VAL C 414 -28.18 25.97 -9.91
C VAL C 414 -27.56 25.03 -10.95
N THR C 415 -26.28 24.74 -10.82
CA THR C 415 -25.61 23.87 -11.77
C THR C 415 -24.31 23.38 -11.17
N ILE C 416 -23.72 22.40 -11.82
CA ILE C 416 -22.64 21.60 -11.26
C ILE C 416 -21.42 21.78 -12.16
N LEU C 417 -20.59 22.77 -11.83
CA LEU C 417 -19.42 23.06 -12.64
C LEU C 417 -18.33 22.03 -12.38
N LYS C 418 -17.58 21.71 -13.44
CA LYS C 418 -16.40 20.87 -13.29
C LYS C 418 -15.30 21.68 -12.61
N THR C 419 -14.18 21.00 -12.31
CA THR C 419 -13.05 21.68 -11.70
C THR C 419 -11.77 20.96 -12.10
N VAL C 420 -10.67 21.70 -12.16
CA VAL C 420 -9.37 21.07 -12.30
C VAL C 420 -9.16 20.11 -11.15
N SER C 421 -8.56 18.95 -11.45
CA SER C 421 -8.33 17.81 -10.57
C SER C 421 -9.60 16.99 -10.38
N GLY C 422 -10.68 17.29 -11.10
CA GLY C 422 -11.84 16.44 -11.12
C GLY C 422 -12.63 16.37 -9.82
N THR C 423 -13.28 17.47 -9.45
CA THR C 423 -14.21 17.47 -8.34
C THR C 423 -15.37 18.39 -8.74
N PRO C 424 -16.61 17.98 -8.49
CA PRO C 424 -17.76 18.75 -8.98
C PRO C 424 -18.06 19.92 -8.05
N LEU C 425 -17.81 21.14 -8.52
CA LEU C 425 -18.29 22.34 -7.86
C LEU C 425 -19.77 22.52 -8.12
N TYR C 426 -20.56 22.61 -7.05
CA TYR C 426 -21.99 22.82 -7.13
C TYR C 426 -22.24 24.31 -6.96
N PHE C 427 -22.24 25.03 -8.07
CA PHE C 427 -22.33 26.48 -8.04
C PHE C 427 -23.68 26.94 -7.47
N ASN C 428 -23.64 28.09 -6.79
CA ASN C 428 -24.84 28.75 -6.29
C ASN C 428 -24.48 30.14 -5.80
N PHE C 429 -25.44 31.07 -5.86
CA PHE C 429 -25.14 32.46 -5.56
C PHE C 429 -25.17 32.73 -4.06
N HIS C 430 -25.62 31.77 -3.26
CA HIS C 430 -25.82 31.98 -1.83
C HIS C 430 -24.69 31.29 -1.04
N ALA C 431 -23.68 32.07 -0.70
CA ALA C 431 -22.53 31.59 0.04
C ALA C 431 -22.32 32.44 1.27
N SER C 432 -21.84 31.83 2.35
CA SER C 432 -21.62 32.54 3.60
C SER C 432 -20.45 33.51 3.50
N LYS C 441 -33.09 36.61 8.35
CA LYS C 441 -31.87 37.14 7.76
C LYS C 441 -31.31 36.20 6.71
N ARG C 442 -31.92 36.20 5.53
CA ARG C 442 -31.49 35.29 4.47
C ARG C 442 -30.08 35.65 4.01
N LEU C 443 -29.35 34.63 3.57
CA LEU C 443 -27.96 34.81 3.21
C LEU C 443 -27.82 35.74 2.01
N LEU C 444 -26.66 36.39 1.93
CA LEU C 444 -26.38 37.32 0.85
C LEU C 444 -26.26 36.57 -0.48
N GLY C 445 -26.71 37.21 -1.56
CA GLY C 445 -26.73 36.55 -2.84
C GLY C 445 -26.13 37.34 -3.98
N ASN C 446 -25.81 38.61 -3.75
CA ASN C 446 -25.25 39.45 -4.81
C ASN C 446 -23.98 38.82 -5.36
N THR C 447 -23.87 38.81 -6.69
CA THR C 447 -22.79 38.11 -7.37
C THR C 447 -22.16 39.04 -8.40
N MET C 448 -20.86 38.92 -8.58
CA MET C 448 -20.15 39.72 -9.57
C MET C 448 -19.34 38.82 -10.49
N LEU C 449 -19.30 39.20 -11.77
CA LEU C 449 -18.68 38.40 -12.81
C LEU C 449 -17.70 39.29 -13.56
N ILE C 450 -16.47 39.37 -13.08
CA ILE C 450 -15.48 40.29 -13.62
C ILE C 450 -14.63 39.57 -14.65
N GLY C 451 -14.68 40.07 -15.89
CA GLY C 451 -13.91 39.50 -16.99
C GLY C 451 -14.32 40.07 -18.33
N GLN C 452 -13.53 39.80 -19.37
CA GLN C 452 -13.80 40.35 -20.68
C GLN C 452 -15.07 39.76 -21.27
N SER C 453 -15.86 40.62 -21.93
CA SER C 453 -17.12 40.18 -22.52
C SER C 453 -16.89 39.18 -23.64
N SER C 454 -15.84 39.40 -24.45
CA SER C 454 -15.55 38.48 -25.53
C SER C 454 -15.16 37.10 -25.01
N SER C 455 -14.43 37.06 -23.89
CA SER C 455 -13.93 35.81 -23.34
C SER C 455 -14.95 35.13 -22.44
N GLY C 456 -16.09 34.76 -23.03
CA GLY C 456 -17.04 33.87 -22.40
C GLY C 456 -17.86 34.45 -21.28
N LYS C 457 -17.87 35.77 -21.09
CA LYS C 457 -18.72 36.35 -20.05
C LYS C 457 -20.20 36.16 -20.38
N THR C 458 -20.59 36.53 -21.60
CA THR C 458 -21.99 36.46 -21.99
C THR C 458 -22.46 35.01 -22.06
N VAL C 459 -21.61 34.12 -22.56
CA VAL C 459 -21.96 32.70 -22.62
C VAL C 459 -22.21 32.18 -21.21
N LEU C 460 -21.32 32.53 -20.27
CA LEU C 460 -21.48 32.07 -18.89
C LEU C 460 -22.77 32.62 -18.29
N LEU C 461 -23.06 33.90 -18.49
CA LEU C 461 -24.28 34.47 -17.92
C LEU C 461 -25.51 33.82 -18.51
N GLY C 462 -25.53 33.62 -19.83
CA GLY C 462 -26.66 32.96 -20.44
C GLY C 462 -26.84 31.55 -19.92
N PHE C 463 -25.75 30.81 -19.78
CA PHE C 463 -25.83 29.45 -19.28
C PHE C 463 -26.36 29.41 -17.87
N LEU C 464 -25.85 30.28 -17.00
CA LEU C 464 -26.28 30.28 -15.61
C LEU C 464 -27.76 30.64 -15.50
N LEU C 465 -28.20 31.66 -16.23
CA LEU C 465 -29.61 32.03 -16.16
C LEU C 465 -30.50 30.95 -16.74
N ALA C 466 -30.08 30.33 -17.85
CA ALA C 466 -30.89 29.29 -18.46
C ALA C 466 -31.04 28.10 -17.54
N GLN C 467 -29.96 27.67 -16.89
CA GLN C 467 -30.07 26.50 -16.01
C GLN C 467 -30.63 26.86 -14.65
N ALA C 468 -30.64 28.14 -14.28
CA ALA C 468 -31.31 28.59 -13.07
C ALA C 468 -32.75 29.01 -13.33
N GLN C 469 -33.23 28.82 -14.55
CA GLN C 469 -34.65 28.98 -14.82
C GLN C 469 -35.49 27.99 -14.04
N LYS C 470 -34.89 26.92 -13.51
CA LYS C 470 -35.64 25.93 -12.73
C LYS C 470 -36.31 26.55 -11.51
N PHE C 471 -35.85 27.70 -11.05
CA PHE C 471 -36.40 28.35 -9.88
C PHE C 471 -37.68 29.09 -10.21
N LYS C 472 -37.95 29.30 -11.49
CA LYS C 472 -38.97 30.21 -11.97
C LYS C 472 -38.93 31.56 -11.26
N PRO C 473 -37.78 32.26 -11.23
CA PRO C 473 -37.76 33.62 -10.71
C PRO C 473 -37.88 34.65 -11.81
N THR C 474 -38.31 35.86 -11.47
CA THR C 474 -38.29 36.95 -12.44
C THR C 474 -36.86 37.41 -12.64
N ILE C 475 -36.45 37.57 -13.88
CA ILE C 475 -35.13 38.08 -14.23
C ILE C 475 -35.30 39.41 -14.94
N VAL C 476 -34.70 40.46 -14.41
CA VAL C 476 -34.78 41.78 -15.03
C VAL C 476 -33.43 42.06 -15.67
N ALA C 477 -33.27 41.68 -16.94
CA ALA C 477 -31.98 41.72 -17.59
C ALA C 477 -31.66 43.13 -18.09
N PHE C 478 -30.40 43.53 -17.92
CA PHE C 478 -29.86 44.72 -18.56
C PHE C 478 -28.64 44.29 -19.36
N ASP C 479 -28.41 44.96 -20.48
CA ASP C 479 -27.49 44.43 -21.47
C ASP C 479 -26.55 45.51 -21.98
N LYS C 480 -25.43 45.07 -22.53
CA LYS C 480 -24.47 45.92 -23.21
C LYS C 480 -24.13 45.27 -24.55
N ASP C 481 -24.27 46.05 -25.63
CA ASP C 481 -24.04 45.59 -27.00
C ASP C 481 -24.86 44.35 -27.34
N ARG C 482 -26.13 44.34 -26.95
CA ARG C 482 -27.08 43.28 -27.33
C ARG C 482 -26.55 41.90 -26.94
N GLY C 483 -25.95 41.78 -25.75
CA GLY C 483 -25.33 40.53 -25.36
C GLY C 483 -26.31 39.39 -25.19
N MET C 484 -27.47 39.66 -24.61
CA MET C 484 -28.39 38.61 -24.20
C MET C 484 -29.73 38.63 -24.92
N GLU C 485 -29.85 39.32 -26.05
CA GLU C 485 -31.17 39.42 -26.70
C GLU C 485 -31.69 38.05 -27.12
N ILE C 486 -30.88 37.30 -27.85
CA ILE C 486 -31.33 36.00 -28.33
C ILE C 486 -31.60 35.05 -27.17
N SER C 487 -30.74 35.07 -26.16
CA SER C 487 -30.93 34.20 -25.02
C SER C 487 -32.24 34.51 -24.30
N ILE C 488 -32.51 35.79 -24.04
CA ILE C 488 -33.75 36.13 -23.35
C ILE C 488 -34.95 35.78 -24.21
N ARG C 489 -34.92 36.13 -25.50
CA ARG C 489 -36.08 35.84 -26.36
C ARG C 489 -36.31 34.34 -26.49
N ALA C 490 -35.26 33.54 -26.35
CA ALA C 490 -35.44 32.10 -26.30
C ALA C 490 -36.11 31.66 -25.01
N MET C 491 -35.79 32.33 -23.90
CA MET C 491 -36.32 31.98 -22.59
C MET C 491 -37.70 32.60 -22.32
N GLY C 492 -38.39 33.03 -23.37
CA GLY C 492 -39.75 33.53 -23.21
C GLY C 492 -39.86 34.82 -22.44
N GLY C 493 -38.93 35.76 -22.66
CA GLY C 493 -39.04 37.09 -22.12
C GLY C 493 -39.69 38.05 -23.09
N ARG C 494 -39.62 39.34 -22.76
CA ARG C 494 -40.02 40.42 -23.66
C ARG C 494 -38.91 41.47 -23.68
N TYR C 495 -37.67 41.01 -23.84
CA TYR C 495 -36.53 41.90 -24.06
C TYR C 495 -36.91 43.03 -24.99
N LEU C 496 -36.70 44.26 -24.54
CA LEU C 496 -37.08 45.41 -25.34
C LEU C 496 -35.85 46.08 -25.93
N PRO C 497 -35.50 45.78 -27.18
CA PRO C 497 -34.36 46.48 -27.81
C PRO C 497 -34.68 47.96 -27.95
N LEU C 498 -33.68 48.80 -27.70
CA LEU C 498 -33.85 50.23 -27.78
C LEU C 498 -33.11 50.79 -28.99
N LEU C 607 -46.84 47.90 -20.42
CA LEU C 607 -45.43 47.76 -20.06
C LEU C 607 -45.26 47.33 -18.61
N ASP C 608 -46.30 46.71 -18.04
CA ASP C 608 -46.31 46.30 -16.65
C ASP C 608 -45.81 44.86 -16.59
N LEU C 609 -45.26 44.49 -15.43
CA LEU C 609 -44.45 43.28 -15.37
C LEU C 609 -45.30 42.03 -15.17
N SER C 610 -46.62 42.19 -15.13
CA SER C 610 -47.48 41.05 -14.80
C SER C 610 -47.55 40.04 -15.94
N THR C 611 -47.43 40.49 -17.20
CA THR C 611 -47.66 39.60 -18.33
C THR C 611 -46.59 38.50 -18.42
N HIS C 612 -45.32 38.88 -18.38
CA HIS C 612 -44.23 37.92 -18.41
C HIS C 612 -43.59 37.80 -17.04
N GLN C 613 -42.73 36.80 -16.92
CA GLN C 613 -41.86 36.63 -15.76
C GLN C 613 -40.52 37.33 -15.98
N ILE C 614 -39.92 37.11 -17.15
CA ILE C 614 -38.65 37.73 -17.48
C ILE C 614 -38.88 39.01 -18.28
N TYR C 615 -38.06 40.01 -18.02
CA TYR C 615 -37.93 41.17 -18.89
C TYR C 615 -36.47 41.56 -18.98
N GLY C 616 -36.11 42.10 -20.14
CA GLY C 616 -34.77 42.61 -20.35
C GLY C 616 -34.85 43.96 -21.03
N PHE C 617 -34.10 44.91 -20.49
CA PHE C 617 -34.06 46.26 -21.02
C PHE C 617 -32.66 46.52 -21.54
N ASP C 618 -32.57 46.91 -22.81
CA ASP C 618 -31.27 47.20 -23.43
C ASP C 618 -31.06 48.70 -23.43
N ILE C 619 -30.01 49.15 -22.74
CA ILE C 619 -29.63 50.55 -22.77
C ILE C 619 -28.24 50.76 -23.36
N THR C 620 -27.74 49.80 -24.14
CA THR C 620 -26.43 49.98 -24.78
C THR C 620 -26.46 51.16 -25.75
N GLU C 621 -27.63 51.46 -26.30
CA GLU C 621 -27.80 52.72 -27.04
C GLU C 621 -27.63 53.90 -26.10
N PHE C 622 -28.20 53.80 -24.90
CA PHE C 622 -28.26 54.92 -23.96
C PHE C 622 -27.22 54.77 -22.85
N LEU C 623 -26.03 54.28 -23.18
CA LEU C 623 -25.06 53.93 -22.14
C LEU C 623 -24.17 55.12 -21.77
N ASP C 624 -23.40 55.61 -22.71
CA ASP C 624 -22.49 56.75 -22.49
C ASP C 624 -23.07 58.05 -23.01
N ASN C 625 -24.17 58.51 -22.42
CA ASN C 625 -24.78 59.77 -22.83
C ASN C 625 -25.28 60.48 -21.58
N PRO C 626 -24.44 61.27 -20.92
CA PRO C 626 -24.69 61.62 -19.50
C PRO C 626 -25.94 62.44 -19.24
N GLU C 627 -26.75 62.68 -20.27
CA GLU C 627 -27.92 63.54 -20.09
C GLU C 627 -28.96 62.85 -19.21
N ALA C 628 -29.28 61.59 -19.50
CA ALA C 628 -30.44 61.01 -18.83
C ALA C 628 -30.29 59.54 -18.43
N ARG C 629 -29.05 59.03 -18.29
CA ARG C 629 -28.92 57.69 -17.73
C ARG C 629 -29.57 57.64 -16.36
N THR C 630 -29.35 58.67 -15.55
CA THR C 630 -29.94 58.69 -14.22
C THR C 630 -31.46 58.70 -14.29
N PRO C 631 -32.11 59.52 -15.12
CA PRO C 631 -33.58 59.39 -15.26
C PRO C 631 -34.04 58.02 -15.70
N VAL C 632 -33.48 57.47 -16.77
CA VAL C 632 -34.01 56.21 -17.29
C VAL C 632 -33.78 55.11 -16.26
N MET C 633 -32.67 55.17 -15.53
CA MET C 633 -32.42 54.15 -14.52
C MET C 633 -33.35 54.31 -13.33
N MET C 634 -33.66 55.54 -12.91
CA MET C 634 -34.64 55.68 -11.84
C MET C 634 -35.96 55.10 -12.28
N TYR C 635 -36.39 55.36 -13.52
CA TYR C 635 -37.69 54.89 -13.94
C TYR C 635 -37.75 53.37 -13.97
N LEU C 636 -36.75 52.74 -14.60
CA LEU C 636 -36.74 51.28 -14.66
C LEU C 636 -36.69 50.67 -13.26
N LEU C 637 -35.79 51.19 -12.42
CA LEU C 637 -35.66 50.64 -11.06
C LEU C 637 -36.94 50.84 -10.25
N TYR C 638 -37.56 52.01 -10.35
CA TYR C 638 -38.77 52.28 -9.58
C TYR C 638 -39.91 51.37 -10.01
N ARG C 639 -40.12 51.23 -11.32
CA ARG C 639 -41.21 50.37 -11.78
C ARG C 639 -40.96 48.91 -11.41
N THR C 640 -39.73 48.44 -11.57
CA THR C 640 -39.41 47.07 -11.20
C THR C 640 -39.55 46.85 -9.70
N GLU C 641 -39.11 47.83 -8.90
CA GLU C 641 -39.20 47.74 -7.45
C GLU C 641 -40.64 47.69 -6.98
N SER C 642 -41.53 48.38 -7.69
CA SER C 642 -42.95 48.30 -7.35
C SER C 642 -43.47 46.87 -7.46
N MET C 643 -42.81 46.05 -8.28
CA MET C 643 -43.22 44.67 -8.51
C MET C 643 -42.61 43.71 -7.49
N ILE C 644 -41.70 44.18 -6.65
CA ILE C 644 -40.93 43.36 -5.74
C ILE C 644 -41.70 43.03 -4.47
N ASP C 645 -42.50 41.96 -4.48
CA ASP C 645 -43.20 41.50 -3.29
C ASP C 645 -43.46 40.01 -3.40
N GLY C 646 -42.91 39.24 -2.47
CA GLY C 646 -43.17 37.82 -2.39
C GLY C 646 -42.47 36.98 -3.43
N ARG C 647 -42.52 37.41 -4.69
CA ARG C 647 -41.93 36.67 -5.78
C ARG C 647 -40.42 36.53 -5.59
N ARG C 648 -39.91 35.32 -5.82
CA ARG C 648 -38.46 35.13 -5.85
C ARG C 648 -37.87 36.00 -6.95
N PHE C 649 -36.87 36.80 -6.58
CA PHE C 649 -36.53 37.98 -7.36
C PHE C 649 -35.06 38.00 -7.73
N MET C 650 -34.75 38.73 -8.80
CA MET C 650 -33.40 38.80 -9.31
C MET C 650 -33.22 40.05 -10.17
N TYR C 651 -31.99 40.57 -10.17
CA TYR C 651 -31.51 41.53 -11.15
C TYR C 651 -30.31 40.96 -11.89
N VAL C 652 -30.08 41.48 -13.09
CA VAL C 652 -28.83 41.25 -13.82
C VAL C 652 -28.37 42.58 -14.37
N PHE C 653 -27.13 42.95 -14.05
CA PHE C 653 -26.50 44.15 -14.58
C PHE C 653 -25.26 43.73 -15.35
N ASP C 654 -25.28 43.90 -16.66
CA ASP C 654 -24.10 43.58 -17.45
C ASP C 654 -22.94 44.51 -17.11
N GLU C 655 -23.23 45.81 -17.01
CA GLU C 655 -22.24 46.81 -16.61
C GLU C 655 -22.94 47.88 -15.80
N PHE C 656 -22.42 48.14 -14.60
CA PHE C 656 -23.13 48.98 -13.64
C PHE C 656 -22.38 50.24 -13.24
N TRP C 657 -21.10 50.37 -13.59
CA TRP C 657 -20.32 51.50 -13.08
C TRP C 657 -20.77 52.82 -13.71
N LYS C 658 -21.31 52.78 -14.92
CA LYS C 658 -21.92 54.00 -15.47
C LYS C 658 -23.15 54.42 -14.67
N PRO C 659 -24.15 53.56 -14.43
CA PRO C 659 -25.23 53.98 -13.52
C PRO C 659 -24.77 54.18 -12.09
N LEU C 660 -23.59 53.68 -11.73
CA LEU C 660 -23.15 53.76 -10.35
C LEU C 660 -22.76 55.18 -9.96
N GLN C 661 -22.14 55.92 -10.88
CA GLN C 661 -21.72 57.28 -10.56
C GLN C 661 -22.88 58.25 -10.49
N ASP C 662 -24.12 57.76 -10.57
CA ASP C 662 -25.28 58.61 -10.40
C ASP C 662 -25.38 59.04 -8.94
N GLU C 663 -25.55 60.34 -8.72
CA GLU C 663 -25.64 60.83 -7.35
C GLU C 663 -26.94 60.42 -6.69
N TYR C 664 -28.08 60.61 -7.38
CA TYR C 664 -29.37 60.38 -6.77
C TYR C 664 -29.68 58.88 -6.68
N PHE C 665 -29.27 58.13 -7.70
CA PHE C 665 -29.68 56.73 -7.80
C PHE C 665 -28.91 55.83 -6.84
N GLU C 666 -27.66 56.19 -6.51
CA GLU C 666 -26.84 55.30 -5.71
C GLU C 666 -27.36 55.16 -4.29
N ASP C 667 -27.79 56.28 -3.67
CA ASP C 667 -28.34 56.20 -2.32
C ASP C 667 -29.61 55.36 -2.29
N LEU C 668 -30.48 55.54 -3.28
CA LEU C 668 -31.68 54.72 -3.37
C LEU C 668 -31.32 53.24 -3.54
N ALA C 669 -30.30 52.95 -4.35
CA ALA C 669 -29.89 51.56 -4.53
C ALA C 669 -29.40 50.96 -3.22
N LYS C 670 -28.61 51.72 -2.45
CA LYS C 670 -28.08 51.17 -1.20
C LYS C 670 -29.18 50.96 -0.17
N ASN C 671 -30.10 51.93 -0.04
CA ASN C 671 -31.21 51.76 0.89
C ASN C 671 -32.12 50.60 0.48
N LYS C 672 -32.43 50.49 -0.81
CA LYS C 672 -33.23 49.37 -1.28
C LYS C 672 -32.50 48.05 -1.09
N GLN C 673 -31.16 48.04 -1.19
CA GLN C 673 -30.39 46.85 -0.86
C GLN C 673 -30.57 46.44 0.59
N LYS C 674 -30.43 47.41 1.50
CA LYS C 674 -30.64 47.11 2.92
C LYS C 674 -32.04 46.57 3.17
N THR C 675 -33.03 47.10 2.45
CA THR C 675 -34.40 46.60 2.62
C THR C 675 -34.58 45.21 2.01
N ILE C 676 -33.94 44.95 0.87
CA ILE C 676 -34.21 43.75 0.09
C ILE C 676 -33.44 42.53 0.57
N ARG C 677 -32.31 42.72 1.26
CA ARG C 677 -31.45 41.58 1.59
C ARG C 677 -32.23 40.42 2.21
N LYS C 678 -33.32 40.71 2.91
CA LYS C 678 -34.19 39.69 3.48
C LYS C 678 -35.37 39.33 2.58
N GLN C 679 -35.43 39.87 1.36
CA GLN C 679 -36.56 39.65 0.48
C GLN C 679 -36.18 38.92 -0.80
N ASN C 680 -35.34 37.89 -0.67
CA ASN C 680 -34.98 37.00 -1.78
C ASN C 680 -34.42 37.78 -2.96
N GLY C 681 -33.58 38.77 -2.65
CA GLY C 681 -32.96 39.62 -3.64
C GLY C 681 -31.62 39.05 -4.06
N ILE C 682 -31.44 38.89 -5.37
CA ILE C 682 -30.18 38.40 -5.92
C ILE C 682 -29.73 39.31 -7.04
N PHE C 683 -28.87 40.28 -6.74
CA PHE C 683 -28.23 41.03 -7.80
C PHE C 683 -27.18 40.15 -8.46
N VAL C 684 -27.00 40.30 -9.77
CA VAL C 684 -25.94 39.61 -10.49
C VAL C 684 -25.18 40.68 -11.26
N PHE C 685 -24.15 41.24 -10.64
CA PHE C 685 -23.37 42.28 -11.27
C PHE C 685 -22.33 41.66 -12.21
N ALA C 686 -21.80 42.50 -13.11
CA ALA C 686 -20.78 42.07 -14.04
C ALA C 686 -20.02 43.30 -14.51
N THR C 687 -18.82 43.06 -15.04
CA THR C 687 -18.00 44.15 -15.53
C THR C 687 -16.99 43.58 -16.53
N GLN C 688 -16.77 44.32 -17.61
CA GLN C 688 -15.83 43.88 -18.64
C GLN C 688 -14.39 43.88 -18.16
N GLU C 689 -14.04 44.83 -17.29
CA GLU C 689 -12.69 44.93 -16.74
C GLU C 689 -12.77 45.66 -15.42
N PRO C 690 -12.15 45.13 -14.36
CA PRO C 690 -12.33 45.72 -13.03
C PRO C 690 -11.88 47.16 -12.93
N SER C 691 -10.84 47.57 -13.67
CA SER C 691 -10.37 48.95 -13.61
C SER C 691 -11.48 49.92 -13.99
N ASP C 692 -12.43 49.47 -14.78
CA ASP C 692 -13.60 50.29 -15.07
C ASP C 692 -14.45 50.51 -13.82
N ALA C 693 -14.55 49.48 -12.98
CA ALA C 693 -15.38 49.58 -11.78
C ALA C 693 -14.68 50.38 -10.69
N LEU C 694 -13.44 50.01 -10.37
CA LEU C 694 -12.73 50.64 -9.27
C LEU C 694 -12.37 52.09 -9.55
N GLU C 695 -12.55 52.56 -10.78
CA GLU C 695 -12.37 53.98 -11.07
C GLU C 695 -13.33 54.82 -10.23
N SER C 696 -14.50 54.27 -9.91
CA SER C 696 -15.50 54.96 -9.10
C SER C 696 -15.39 54.48 -7.65
N ASN C 697 -15.49 55.43 -6.71
CA ASN C 697 -15.30 55.10 -5.30
C ASN C 697 -16.47 54.31 -4.73
N ILE C 698 -17.70 54.70 -5.10
CA ILE C 698 -18.89 54.02 -4.57
C ILE C 698 -18.92 52.57 -5.01
N ALA C 699 -18.28 52.28 -6.15
CA ALA C 699 -18.21 50.91 -6.63
C ALA C 699 -17.52 50.00 -5.62
N LYS C 700 -16.49 50.51 -4.94
CA LYS C 700 -15.86 49.75 -3.88
C LYS C 700 -16.84 49.45 -2.76
N THR C 701 -17.66 50.44 -2.38
CA THR C 701 -18.65 50.23 -1.33
C THR C 701 -19.65 49.15 -1.73
N LEU C 702 -20.11 49.16 -2.99
CA LEU C 702 -21.03 48.12 -3.43
C LEU C 702 -20.34 46.76 -3.54
N ILE C 703 -19.06 46.76 -3.90
CA ILE C 703 -18.33 45.50 -4.08
C ILE C 703 -18.09 44.83 -2.74
N GLN C 704 -17.90 45.62 -1.68
CA GLN C 704 -17.75 45.04 -0.35
C GLN C 704 -18.96 44.20 0.03
N GLN C 705 -20.15 44.55 -0.47
CA GLN C 705 -21.36 43.76 -0.23
C GLN C 705 -21.64 42.86 -1.43
N CYS C 706 -20.87 41.78 -1.52
CA CYS C 706 -21.07 40.77 -2.54
C CYS C 706 -20.79 39.40 -1.93
N ALA C 707 -21.44 38.38 -2.46
CA ALA C 707 -21.36 37.04 -1.90
C ALA C 707 -20.37 36.14 -2.63
N THR C 708 -20.58 35.92 -3.92
CA THR C 708 -19.73 35.04 -4.72
C THR C 708 -19.12 35.85 -5.85
N TYR C 709 -17.80 35.79 -5.97
CA TYR C 709 -17.09 36.42 -7.07
C TYR C 709 -16.65 35.35 -8.06
N ILE C 710 -16.93 35.58 -9.34
CA ILE C 710 -16.43 34.72 -10.41
C ILE C 710 -15.44 35.54 -11.22
N PHE C 711 -14.28 34.96 -11.51
CA PHE C 711 -13.17 35.69 -12.14
C PHE C 711 -12.82 35.03 -13.45
N LEU C 712 -13.16 35.69 -14.56
CA LEU C 712 -12.80 35.21 -15.88
C LEU C 712 -11.31 35.42 -16.12
N ALA C 713 -10.85 35.10 -17.33
CA ALA C 713 -9.45 35.23 -17.70
C ALA C 713 -9.22 36.60 -18.30
N ASN C 714 -8.51 37.47 -17.56
CA ASN C 714 -8.15 38.80 -18.02
C ASN C 714 -6.66 38.99 -17.79
N PRO C 715 -5.82 38.64 -18.77
CA PRO C 715 -4.38 38.87 -18.62
C PRO C 715 -4.02 40.31 -18.29
N LYS C 716 -4.76 41.27 -18.84
CA LYS C 716 -4.45 42.69 -18.65
C LYS C 716 -5.06 43.22 -17.35
N ALA C 717 -4.76 42.56 -16.25
CA ALA C 717 -5.37 42.85 -14.95
C ALA C 717 -4.40 43.64 -14.07
N ASP C 718 -4.87 44.77 -13.57
CA ASP C 718 -4.04 45.62 -12.72
C ASP C 718 -3.77 44.93 -11.39
N TYR C 719 -2.54 45.08 -10.91
CA TYR C 719 -2.12 44.41 -9.68
C TYR C 719 -2.93 44.90 -8.49
N GLU C 720 -3.05 46.22 -8.35
CA GLU C 720 -3.72 46.80 -7.18
C GLU C 720 -5.18 46.37 -7.11
N ASP C 721 -5.88 46.36 -8.24
CA ASP C 721 -7.30 46.08 -8.26
C ASP C 721 -7.59 44.73 -7.63
N TYR C 722 -7.09 43.64 -8.23
CA TYR C 722 -7.32 42.33 -7.66
C TYR C 722 -6.71 42.19 -6.26
N THR C 723 -5.51 42.72 -6.05
CA THR C 723 -4.84 42.47 -4.78
C THR C 723 -5.59 43.05 -3.59
N GLN C 724 -5.82 44.37 -3.55
CA GLN C 724 -6.45 44.93 -2.35
C GLN C 724 -7.87 45.41 -2.62
N GLY C 725 -8.20 45.70 -3.88
CA GLY C 725 -9.56 46.15 -4.17
C GLY C 725 -10.60 45.08 -3.92
N PHE C 726 -10.32 43.85 -4.34
CA PHE C 726 -11.29 42.76 -4.28
C PHE C 726 -11.04 41.78 -3.14
N LYS C 727 -10.09 42.07 -2.25
CA LYS C 727 -9.71 41.17 -1.16
C LYS C 727 -9.24 39.81 -1.64
N LEU C 728 -8.62 39.75 -2.82
CA LEU C 728 -8.08 38.50 -3.31
C LEU C 728 -6.69 38.25 -2.73
N THR C 729 -6.23 37.01 -2.89
CA THR C 729 -4.87 36.66 -2.48
C THR C 729 -3.90 36.88 -3.63
N ASP C 730 -2.61 36.96 -3.29
CA ASP C 730 -1.59 37.04 -4.32
C ASP C 730 -1.55 35.76 -5.15
N SER C 731 -1.68 34.61 -4.49
CA SER C 731 -1.69 33.35 -5.22
C SER C 731 -2.89 33.26 -6.16
N GLU C 732 -4.06 33.71 -5.72
CA GLU C 732 -5.20 33.74 -6.61
C GLU C 732 -4.96 34.68 -7.77
N PHE C 733 -4.25 35.79 -7.54
CA PHE C 733 -3.88 36.68 -8.64
C PHE C 733 -2.97 35.97 -9.64
N GLU C 734 -2.08 35.11 -9.14
CA GLU C 734 -1.28 34.28 -10.04
C GLU C 734 -2.14 33.32 -10.84
N LEU C 735 -3.11 32.68 -10.19
CA LEU C 735 -3.97 31.73 -10.89
C LEU C 735 -4.82 32.42 -11.95
N VAL C 736 -5.21 33.67 -11.72
CA VAL C 736 -5.98 34.40 -12.73
C VAL C 736 -5.15 34.59 -13.99
N ARG C 737 -3.88 34.97 -13.84
CA ARG C 737 -3.02 35.19 -15.00
C ARG C 737 -2.60 33.88 -15.65
N GLY C 738 -2.57 32.80 -14.87
CA GLY C 738 -2.15 31.52 -15.42
C GLY C 738 -3.05 31.04 -16.55
N LEU C 739 -4.32 31.38 -16.48
CA LEU C 739 -5.25 31.04 -17.54
C LEU C 739 -4.88 31.77 -18.82
N GLY C 740 -5.00 31.08 -19.95
CA GLY C 740 -4.69 31.69 -21.23
C GLY C 740 -5.65 32.81 -21.58
N GLU C 741 -5.49 33.31 -22.80
CA GLU C 741 -6.39 34.36 -23.28
C GLU C 741 -7.81 33.86 -23.44
N PHE C 742 -7.98 32.61 -23.88
CA PHE C 742 -9.30 32.03 -24.13
C PHE C 742 -9.34 30.63 -23.51
N SER C 743 -8.92 30.54 -22.25
CA SER C 743 -8.77 29.24 -21.59
C SER C 743 -10.12 28.55 -21.39
N ARG C 744 -11.17 29.33 -21.16
CA ARG C 744 -12.53 28.88 -20.81
C ARG C 744 -12.60 28.33 -19.40
N ARG C 745 -11.62 28.64 -18.54
CA ARG C 745 -11.70 28.36 -17.12
C ARG C 745 -11.87 29.68 -16.36
N PHE C 746 -12.24 29.58 -15.09
CA PHE C 746 -12.40 30.77 -14.29
C PHE C 746 -12.32 30.39 -12.82
N LEU C 747 -11.71 31.25 -12.02
CA LEU C 747 -11.51 31.00 -10.60
C LEU C 747 -12.68 31.61 -9.83
N ILE C 748 -13.45 30.75 -9.17
CA ILE C 748 -14.63 31.17 -8.41
C ILE C 748 -14.22 31.28 -6.95
N LYS C 749 -14.00 32.50 -6.47
CA LYS C 749 -13.80 32.70 -5.04
C LYS C 749 -15.18 32.73 -4.39
N GLN C 750 -15.56 31.61 -3.78
CA GLN C 750 -16.87 31.46 -3.16
C GLN C 750 -16.68 31.53 -1.65
N GLY C 751 -17.05 32.66 -1.06
CA GLY C 751 -16.84 32.83 0.36
C GLY C 751 -15.38 33.11 0.66
N ASP C 752 -14.70 32.13 1.25
CA ASP C 752 -13.28 32.24 1.57
C ASP C 752 -12.48 31.06 1.03
N GLN C 753 -13.02 30.34 0.06
CA GLN C 753 -12.36 29.26 -0.64
C GLN C 753 -12.69 29.35 -2.14
N SER C 754 -11.80 28.79 -2.97
CA SER C 754 -11.91 28.98 -4.40
C SER C 754 -11.38 27.78 -5.16
N ALA C 755 -11.81 27.68 -6.42
CA ALA C 755 -11.36 26.63 -7.32
C ALA C 755 -11.60 27.06 -8.76
N LEU C 756 -10.91 26.40 -9.68
CA LEU C 756 -10.96 26.73 -11.10
C LEU C 756 -12.08 25.94 -11.74
N ALA C 757 -13.26 26.53 -11.80
CA ALA C 757 -14.43 25.87 -12.37
C ALA C 757 -14.32 25.86 -13.88
N GLU C 758 -13.68 24.84 -14.43
CA GLU C 758 -13.47 24.72 -15.87
C GLU C 758 -14.76 24.19 -16.50
N MET C 759 -15.54 25.10 -17.08
CA MET C 759 -16.79 24.74 -17.74
C MET C 759 -16.51 24.26 -19.16
N ASN C 760 -16.19 22.98 -19.28
CA ASN C 760 -15.68 22.44 -20.54
C ASN C 760 -16.82 21.92 -21.41
N LEU C 761 -16.88 22.40 -22.64
CA LEU C 761 -17.86 21.93 -23.63
C LEU C 761 -17.18 20.98 -24.60
N GLY C 762 -16.85 19.79 -24.10
CA GLY C 762 -16.26 18.78 -24.94
C GLY C 762 -17.30 17.98 -25.70
N LYS C 763 -16.83 16.97 -26.42
CA LYS C 763 -17.75 16.11 -27.16
C LYS C 763 -18.60 15.28 -26.22
N PHE C 764 -18.04 14.20 -25.67
CA PHE C 764 -18.75 13.27 -24.80
C PHE C 764 -17.80 12.20 -24.29
N ARG C 775 -20.70 17.94 -30.92
CA ARG C 775 -21.17 18.37 -29.60
C ARG C 775 -22.33 19.35 -29.73
N ASP C 776 -23.37 19.15 -28.93
CA ASP C 776 -24.53 20.04 -28.94
C ASP C 776 -24.25 21.37 -28.26
N PHE C 777 -23.25 21.42 -27.38
CA PHE C 777 -22.86 22.69 -26.77
C PHE C 777 -22.39 23.70 -27.79
N ASP C 778 -21.80 23.26 -28.90
CA ASP C 778 -21.44 24.21 -29.96
C ASP C 778 -22.68 24.90 -30.49
N ASP C 779 -23.73 24.12 -30.79
CA ASP C 779 -24.99 24.70 -31.24
C ASP C 779 -25.60 25.61 -30.18
N GLU C 780 -25.56 25.19 -28.91
CA GLU C 780 -26.16 26.00 -27.86
C GLU C 780 -25.43 27.33 -27.69
N LEU C 781 -24.10 27.31 -27.66
CA LEU C 781 -23.36 28.58 -27.55
C LEU C 781 -23.52 29.41 -28.83
N LEU C 782 -23.76 28.75 -29.96
CA LEU C 782 -24.05 29.48 -31.19
C LEU C 782 -25.37 30.23 -31.07
N VAL C 783 -26.35 29.63 -30.40
CA VAL C 783 -27.62 30.33 -30.19
C VAL C 783 -27.58 31.14 -28.89
N LEU C 784 -26.66 30.81 -27.98
CA LEU C 784 -26.62 31.51 -26.70
C LEU C 784 -26.09 32.93 -26.83
N SER C 785 -24.99 33.11 -27.55
CA SER C 785 -24.38 34.43 -27.64
C SER C 785 -25.16 35.30 -28.62
N GLY C 786 -24.96 36.62 -28.48
CA GLY C 786 -25.68 37.57 -29.31
C GLY C 786 -24.80 38.55 -30.07
N THR C 787 -24.98 38.61 -31.39
CA THR C 787 -24.28 39.50 -32.27
C THR C 787 -25.27 40.33 -33.06
N PRO C 788 -24.89 41.52 -33.53
CA PRO C 788 -25.84 42.37 -34.28
C PRO C 788 -26.46 41.68 -35.49
N ASP C 789 -25.70 40.88 -36.24
CA ASP C 789 -26.29 40.12 -37.33
C ASP C 789 -27.25 39.07 -36.79
N ASN C 790 -26.85 38.37 -35.72
CA ASN C 790 -27.75 37.48 -35.02
C ASN C 790 -28.99 38.23 -34.56
N ALA C 791 -28.81 39.43 -34.02
CA ALA C 791 -29.95 40.20 -33.53
C ALA C 791 -30.90 40.57 -34.67
N GLU C 792 -30.37 40.96 -35.82
CA GLU C 792 -31.25 41.36 -36.92
C GLU C 792 -32.00 40.15 -37.49
N ILE C 793 -31.33 39.00 -37.58
CA ILE C 793 -32.04 37.80 -38.03
C ILE C 793 -33.15 37.45 -37.05
N ALA C 794 -32.84 37.50 -35.75
CA ALA C 794 -33.85 37.19 -34.75
C ALA C 794 -35.02 38.16 -34.82
N GLU C 795 -34.73 39.46 -34.99
CA GLU C 795 -35.80 40.44 -35.09
C GLU C 795 -36.65 40.22 -36.32
N SER C 796 -36.04 39.92 -37.47
CA SER C 796 -36.82 39.67 -38.67
C SER C 796 -37.74 38.47 -38.48
N ILE C 797 -37.20 37.36 -37.96
CA ILE C 797 -38.01 36.18 -37.74
C ILE C 797 -39.15 36.49 -36.78
N ILE C 798 -38.83 37.10 -35.64
CA ILE C 798 -39.84 37.38 -34.63
C ILE C 798 -40.93 38.29 -35.19
N ALA C 799 -40.54 39.25 -36.02
CA ALA C 799 -41.52 40.13 -36.64
C ALA C 799 -42.44 39.35 -37.57
N GLU C 800 -41.90 38.40 -38.33
CA GLU C 800 -42.73 37.74 -39.34
C GLU C 800 -43.49 36.53 -38.77
N VAL C 801 -42.84 35.74 -37.91
CA VAL C 801 -43.46 34.48 -37.50
C VAL C 801 -44.50 34.72 -36.40
N GLY C 802 -44.14 35.52 -35.39
CA GLY C 802 -45.03 35.75 -34.27
C GLY C 802 -44.28 35.85 -32.96
N ASP C 803 -44.92 35.39 -31.89
CA ASP C 803 -44.44 35.63 -30.53
C ASP C 803 -43.92 34.39 -29.82
N ASP C 804 -44.51 33.22 -30.07
CA ASP C 804 -44.26 32.05 -29.23
C ASP C 804 -42.77 31.69 -29.25
N PRO C 805 -42.22 31.22 -28.14
CA PRO C 805 -40.75 31.06 -28.06
C PRO C 805 -40.19 29.96 -28.95
N ALA C 806 -40.82 28.78 -28.98
CA ALA C 806 -40.24 27.62 -29.64
C ALA C 806 -40.71 27.45 -31.08
N VAL C 807 -41.68 28.23 -31.54
CA VAL C 807 -42.14 28.11 -32.91
C VAL C 807 -41.06 28.60 -33.87
N TRP C 808 -40.34 29.66 -33.50
CA TRP C 808 -39.38 30.26 -34.42
C TRP C 808 -37.99 29.65 -34.31
N LEU C 809 -37.65 29.02 -33.18
CA LEU C 809 -36.28 28.57 -32.95
C LEU C 809 -35.73 27.63 -34.02
N PRO C 810 -36.49 26.66 -34.55
CA PRO C 810 -35.97 25.90 -35.70
C PRO C 810 -35.68 26.77 -36.92
N ILE C 811 -36.53 27.76 -37.19
CA ILE C 811 -36.28 28.66 -38.31
C ILE C 811 -35.00 29.44 -38.08
N PHE C 812 -34.79 29.88 -36.83
CA PHE C 812 -33.55 30.56 -36.47
C PHE C 812 -32.34 29.65 -36.67
N LEU C 813 -32.47 28.39 -36.27
CA LEU C 813 -31.39 27.43 -36.48
C LEU C 813 -31.05 27.31 -37.95
N ASP C 814 -32.07 27.22 -38.80
CA ASP C 814 -31.84 27.08 -40.23
C ASP C 814 -31.14 28.31 -40.80
N ARG C 815 -31.62 29.51 -40.43
CA ARG C 815 -31.02 30.73 -40.96
C ARG C 815 -29.57 30.90 -40.50
N VAL C 816 -29.30 30.59 -39.22
CA VAL C 816 -27.94 30.71 -38.72
C VAL C 816 -27.03 29.67 -39.35
N LYS C 817 -27.54 28.47 -39.60
CA LYS C 817 -26.76 27.47 -40.31
C LYS C 817 -26.42 27.93 -41.72
N ALA C 818 -27.39 28.57 -42.39
CA ALA C 818 -27.11 29.13 -43.72
C ALA C 818 -26.05 30.21 -43.64
N GLU C 819 -26.11 31.06 -42.61
CA GLU C 819 -25.09 32.08 -42.44
C GLU C 819 -23.72 31.45 -42.23
N ARG C 820 -23.64 30.42 -41.39
CA ARG C 820 -22.37 29.74 -41.14
C ARG C 820 -21.91 28.99 -42.38
N SER C 821 -22.84 28.38 -43.12
CA SER C 821 -22.56 27.61 -44.32
C SER C 821 -21.56 26.49 -44.04
N GLN D 13 0.47 15.70 39.74
CA GLN D 13 -0.49 15.16 38.78
C GLN D 13 -0.40 13.63 38.73
N LEU D 14 -1.09 13.03 37.78
CA LEU D 14 -1.05 11.58 37.64
C LEU D 14 0.37 11.12 37.29
N LYS D 15 1.01 11.80 36.34
CA LYS D 15 2.43 11.61 36.03
C LYS D 15 2.75 10.13 35.72
N SER D 16 1.87 9.48 34.96
CA SER D 16 2.11 8.10 34.58
C SER D 16 1.38 7.84 33.28
N TYR D 17 2.14 7.64 32.21
CA TYR D 17 1.53 7.41 30.90
C TYR D 17 0.61 6.20 30.92
N TYR D 18 0.99 5.14 31.64
CA TYR D 18 0.08 4.03 31.84
C TYR D 18 -1.19 4.50 32.56
N GLU D 19 -1.05 5.36 33.57
CA GLU D 19 -2.22 5.79 34.31
C GLU D 19 -3.18 6.57 33.44
N GLU D 20 -2.67 7.49 32.62
CA GLU D 20 -3.56 8.27 31.75
C GLU D 20 -4.18 7.40 30.65
N SER D 21 -3.39 6.53 30.04
CA SER D 21 -3.93 5.66 29.01
C SER D 21 -5.05 4.78 29.58
N ARG D 22 -4.80 4.17 30.74
CA ARG D 22 -5.82 3.33 31.35
C ARG D 22 -7.00 4.13 31.87
N GLY D 23 -6.80 5.41 32.21
CA GLY D 23 -7.93 6.24 32.55
C GLY D 23 -8.83 6.48 31.36
N LEU D 24 -8.22 6.73 30.19
CA LEU D 24 -9.02 6.87 28.97
C LEU D 24 -9.73 5.57 28.62
N GLU D 25 -9.04 4.45 28.74
CA GLU D 25 -9.55 3.14 28.38
C GLU D 25 -10.64 2.62 29.35
N ARG D 26 -11.11 3.39 30.32
CA ARG D 26 -12.00 2.89 31.36
C ARG D 26 -13.29 3.68 31.38
N ASP D 27 -14.40 2.99 31.63
CA ASP D 27 -15.73 3.60 31.69
C ASP D 27 -16.33 3.46 33.07
N LEU D 28 -17.04 4.51 33.50
CA LEU D 28 -17.57 4.56 34.86
C LEU D 28 -18.65 3.50 35.09
N ILE D 29 -19.57 3.36 34.13
CA ILE D 29 -20.73 2.50 34.33
C ILE D 29 -20.29 1.06 34.55
N GLY D 30 -19.39 0.56 33.69
CA GLY D 30 -18.95 -0.81 33.84
C GLY D 30 -18.14 -1.04 35.11
N GLU D 31 -17.31 -0.05 35.47
CA GLU D 31 -16.54 -0.17 36.71
C GLU D 31 -17.46 -0.30 37.91
N PHE D 32 -18.52 0.51 37.97
CA PHE D 32 -19.39 0.46 39.12
C PHE D 32 -20.28 -0.78 39.12
N VAL D 33 -20.70 -1.25 37.94
CA VAL D 33 -21.40 -2.53 37.86
C VAL D 33 -20.53 -3.64 38.42
N LYS D 34 -19.26 -3.67 38.01
CA LYS D 34 -18.34 -4.69 38.52
C LYS D 34 -18.15 -4.54 40.03
N SER D 35 -18.05 -3.30 40.52
CA SER D 35 -17.84 -3.07 41.94
C SER D 35 -18.99 -3.63 42.76
N ARG D 36 -20.23 -3.28 42.38
CA ARG D 36 -21.36 -3.78 43.16
C ARG D 36 -21.53 -5.29 43.00
N LYS D 37 -21.21 -5.84 41.83
CA LYS D 37 -21.29 -7.30 41.67
C LYS D 37 -20.29 -8.00 42.59
N THR D 38 -19.08 -7.47 42.69
CA THR D 38 -18.08 -8.07 43.58
C THR D 38 -18.49 -7.91 45.04
N ALA D 39 -19.06 -6.77 45.40
CA ALA D 39 -19.53 -6.59 46.77
C ALA D 39 -20.61 -7.61 47.11
N TRP D 40 -21.56 -7.84 46.20
CA TRP D 40 -22.60 -8.82 46.48
C TRP D 40 -22.04 -10.24 46.50
N ARG D 41 -21.05 -10.53 45.66
CA ARG D 41 -20.43 -11.85 45.70
C ARG D 41 -19.76 -12.09 47.05
N VAL D 42 -19.06 -11.08 47.57
CA VAL D 42 -18.41 -11.24 48.88
C VAL D 42 -19.45 -11.36 49.98
N ALA D 43 -20.53 -10.59 49.89
CA ALA D 43 -21.59 -10.71 50.90
C ALA D 43 -22.20 -12.11 50.89
N THR D 44 -22.42 -12.67 49.70
CA THR D 44 -22.95 -14.02 49.60
C THR D 44 -21.99 -15.05 50.16
N ALA D 45 -20.68 -14.88 49.90
CA ALA D 45 -19.69 -15.79 50.46
C ALA D 45 -19.71 -15.74 51.99
N SER D 46 -19.79 -14.53 52.55
CA SER D 46 -19.86 -14.41 54.01
C SER D 46 -21.14 -15.03 54.57
N GLY D 47 -22.27 -14.82 53.90
CA GLY D 47 -23.50 -15.42 54.37
C GLY D 47 -23.46 -16.94 54.35
N LEU D 48 -22.97 -17.53 53.26
CA LEU D 48 -22.82 -18.97 53.20
C LEU D 48 -21.84 -19.47 54.26
N PHE D 49 -20.78 -18.71 54.52
CA PHE D 49 -19.85 -19.07 55.59
C PHE D 49 -20.56 -19.09 56.93
N GLY D 50 -21.43 -18.12 57.17
CA GLY D 50 -22.20 -18.11 58.41
C GLY D 50 -23.13 -19.30 58.52
N LEU D 51 -23.80 -19.66 57.43
CA LEU D 51 -24.63 -20.86 57.45
C LEU D 51 -23.79 -22.10 57.75
N LEU D 52 -22.59 -22.17 57.17
CA LEU D 52 -21.70 -23.31 57.46
C LEU D 52 -21.36 -23.36 58.94
N GLY D 53 -21.06 -22.21 59.53
CA GLY D 53 -20.76 -22.16 60.95
C GLY D 53 -21.93 -22.60 61.81
N MET D 54 -23.13 -22.14 61.47
CA MET D 54 -24.30 -22.52 62.26
C MET D 54 -24.58 -24.00 62.15
N VAL D 55 -24.43 -24.58 60.94
CA VAL D 55 -24.56 -26.02 60.79
C VAL D 55 -23.54 -26.73 61.68
N CYS D 56 -22.30 -26.21 61.69
CA CYS D 56 -21.27 -26.82 62.53
C CYS D 56 -21.70 -26.81 63.98
N GLY D 57 -22.26 -25.71 64.47
CA GLY D 57 -22.69 -25.65 65.85
C GLY D 57 -23.83 -26.61 66.17
N ILE D 58 -24.83 -26.64 65.30
CA ILE D 58 -25.99 -27.50 65.55
C ILE D 58 -25.58 -28.96 65.48
N VAL D 59 -24.56 -29.29 64.70
CA VAL D 59 -23.97 -30.62 64.82
C VAL D 59 -23.25 -30.75 66.16
N GLY D 60 -22.53 -29.70 66.54
CA GLY D 60 -21.69 -29.76 67.73
C GLY D 60 -22.44 -30.14 68.98
N PHE D 61 -23.73 -29.78 69.08
CA PHE D 61 -24.52 -30.39 70.14
C PHE D 61 -24.33 -31.91 70.20
N SER D 62 -24.85 -32.61 69.20
CA SER D 62 -24.81 -34.07 69.22
C SER D 62 -25.22 -34.66 67.88
N GLN E 5 -39.02 3.35 21.26
CA GLN E 5 -38.67 4.22 20.15
C GLN E 5 -39.85 5.11 19.76
N PRO E 6 -40.08 6.17 20.51
CA PRO E 6 -41.24 7.03 20.25
C PRO E 6 -40.92 8.19 19.31
N LYS E 7 -41.95 8.97 19.03
CA LYS E 7 -41.90 10.14 18.15
C LYS E 7 -40.99 11.21 18.74
N PRO E 8 -40.71 12.29 18.01
CA PRO E 8 -39.89 13.38 18.54
C PRO E 8 -40.42 13.94 19.86
N VAL E 9 -39.56 14.71 20.53
CA VAL E 9 -39.87 15.31 21.81
C VAL E 9 -40.74 16.55 21.58
N LYS E 10 -41.40 17.03 22.64
CA LYS E 10 -42.17 18.26 22.56
C LYS E 10 -41.22 19.45 22.39
N ALA E 11 -41.35 20.15 21.26
CA ALA E 11 -40.45 21.26 20.96
C ALA E 11 -40.81 22.53 21.70
N GLU E 12 -42.03 22.62 22.25
CA GLU E 12 -42.43 23.82 22.97
C GLU E 12 -41.53 24.09 24.17
N GLN E 13 -40.90 23.05 24.72
CA GLN E 13 -40.02 23.18 25.88
C GLN E 13 -38.69 22.51 25.56
N LEU E 14 -37.79 23.25 24.91
CA LEU E 14 -36.41 22.80 24.83
C LEU E 14 -35.75 22.82 26.20
N LYS E 15 -35.87 23.94 26.91
CA LYS E 15 -35.16 24.12 28.17
C LYS E 15 -35.55 23.06 29.18
N SER E 16 -36.86 22.76 29.28
CA SER E 16 -37.32 21.80 30.26
C SER E 16 -36.72 20.42 30.00
N TYR E 17 -36.65 20.00 28.74
CA TYR E 17 -36.19 18.65 28.43
C TYR E 17 -34.78 18.42 28.92
N TYR E 18 -33.81 19.14 28.38
CA TYR E 18 -32.45 18.91 28.82
C TYR E 18 -32.12 19.49 30.19
N GLU E 19 -32.96 20.37 30.75
CA GLU E 19 -32.82 20.70 32.16
C GLU E 19 -33.10 19.47 33.03
N GLU E 20 -34.24 18.82 32.82
CA GLU E 20 -34.51 17.61 33.57
C GLU E 20 -33.53 16.52 33.20
N SER E 21 -32.97 16.56 31.99
CA SER E 21 -32.00 15.54 31.61
C SER E 21 -30.72 15.67 32.41
N ARG E 22 -30.19 16.89 32.55
CA ARG E 22 -29.01 17.06 33.40
C ARG E 22 -29.34 16.73 34.85
N GLY E 23 -30.54 17.09 35.32
CA GLY E 23 -30.93 16.73 36.66
C GLY E 23 -30.94 15.22 36.87
N LEU E 24 -31.53 14.50 35.91
CA LEU E 24 -31.59 13.04 35.99
C LEU E 24 -30.20 12.44 35.94
N GLU E 25 -29.31 12.98 35.11
CA GLU E 25 -27.96 12.41 35.04
C GLU E 25 -27.24 12.56 36.38
N ARG E 26 -27.32 13.75 36.98
CA ARG E 26 -26.67 13.94 38.27
C ARG E 26 -27.28 13.05 39.34
N ASP E 27 -28.61 12.96 39.37
CA ASP E 27 -29.27 12.13 40.38
C ASP E 27 -28.95 10.66 40.19
N LEU E 28 -28.88 10.19 38.95
CA LEU E 28 -28.51 8.80 38.68
C LEU E 28 -27.10 8.51 39.16
N ILE E 29 -26.15 9.38 38.84
CA ILE E 29 -24.78 9.15 39.29
C ILE E 29 -24.70 9.12 40.82
N GLY E 30 -25.38 10.08 41.46
CA GLY E 30 -25.38 10.10 42.92
C GLY E 30 -26.01 8.85 43.51
N GLU E 31 -27.11 8.39 42.95
CA GLU E 31 -27.76 7.20 43.50
C GLU E 31 -26.94 5.96 43.25
N PHE E 32 -26.17 5.93 42.16
CA PHE E 32 -25.38 4.74 41.90
C PHE E 32 -24.18 4.68 42.84
N VAL E 33 -23.54 5.83 43.11
CA VAL E 33 -22.45 5.82 44.07
C VAL E 33 -22.96 5.50 45.47
N LYS E 34 -24.14 6.02 45.83
CA LYS E 34 -24.70 5.69 47.14
C LYS E 34 -25.05 4.21 47.24
N SER E 35 -25.54 3.62 46.15
CA SER E 35 -25.81 2.19 46.16
C SER E 35 -24.52 1.40 46.34
N ARG E 36 -23.43 1.82 45.72
CA ARG E 36 -22.15 1.15 45.95
C ARG E 36 -21.73 1.25 47.41
N LYS E 37 -21.92 2.43 48.01
CA LYS E 37 -21.60 2.59 49.43
C LYS E 37 -22.39 1.60 50.28
N THR E 38 -23.71 1.52 50.05
CA THR E 38 -24.51 0.56 50.82
C THR E 38 -24.11 -0.88 50.52
N ALA E 39 -23.62 -1.13 49.31
CA ALA E 39 -23.18 -2.49 48.97
C ALA E 39 -22.00 -2.91 49.83
N TRP E 40 -20.95 -2.07 49.90
CA TRP E 40 -19.87 -2.44 50.81
C TRP E 40 -20.29 -2.42 52.28
N ARG E 41 -21.23 -1.56 52.66
CA ARG E 41 -21.68 -1.58 54.05
C ARG E 41 -22.36 -2.91 54.39
N VAL E 42 -23.21 -3.40 53.48
CA VAL E 42 -23.85 -4.68 53.68
C VAL E 42 -22.84 -5.81 53.63
N ALA E 43 -21.81 -5.69 52.79
CA ALA E 43 -20.76 -6.71 52.76
C ALA E 43 -20.04 -6.79 54.11
N THR E 44 -19.74 -5.64 54.71
CA THR E 44 -19.09 -5.65 56.02
C THR E 44 -20.01 -6.26 57.07
N ALA E 45 -21.30 -5.90 57.07
CA ALA E 45 -22.22 -6.46 58.06
C ALA E 45 -22.37 -7.97 57.88
N SER E 46 -22.40 -8.43 56.63
CA SER E 46 -22.49 -9.86 56.37
C SER E 46 -21.24 -10.57 56.85
N GLY E 47 -20.07 -9.98 56.63
CA GLY E 47 -18.86 -10.56 57.18
C GLY E 47 -18.89 -10.65 58.69
N LEU E 48 -19.41 -9.61 59.35
CA LEU E 48 -19.42 -9.60 60.80
C LEU E 48 -20.34 -10.69 61.36
N PHE E 49 -21.57 -10.81 60.84
CA PHE E 49 -22.41 -11.94 61.27
C PHE E 49 -21.83 -13.28 60.84
N GLY E 50 -21.19 -13.35 59.69
CA GLY E 50 -20.58 -14.61 59.29
C GLY E 50 -19.55 -15.08 60.30
N LEU E 51 -18.67 -14.18 60.73
CA LEU E 51 -17.66 -14.58 61.70
C LEU E 51 -18.23 -14.76 63.10
N LEU E 52 -19.29 -14.04 63.48
CA LEU E 52 -19.93 -14.35 64.75
C LEU E 52 -20.50 -15.75 64.73
N GLY E 53 -21.19 -16.12 63.64
CA GLY E 53 -21.71 -17.46 63.52
C GLY E 53 -20.64 -18.51 63.53
N MET E 54 -19.53 -18.26 62.81
CA MET E 54 -18.43 -19.22 62.78
C MET E 54 -17.77 -19.37 64.15
N VAL E 55 -17.52 -18.26 64.84
CA VAL E 55 -16.86 -18.35 66.14
C VAL E 55 -17.73 -19.12 67.13
N CYS E 56 -19.02 -18.81 67.18
CA CYS E 56 -19.88 -19.55 68.10
C CYS E 56 -20.03 -21.01 67.67
N GLY E 57 -20.05 -21.27 66.36
CA GLY E 57 -20.14 -22.64 65.90
C GLY E 57 -18.94 -23.47 66.30
N ILE E 58 -17.74 -22.90 66.17
CA ILE E 58 -16.53 -23.62 66.59
C ILE E 58 -16.52 -23.80 68.10
N VAL E 59 -16.75 -22.72 68.86
CA VAL E 59 -16.67 -22.82 70.31
C VAL E 59 -17.69 -23.80 70.87
N GLY E 60 -18.85 -23.95 70.24
CA GLY E 60 -19.82 -24.92 70.68
C GLY E 60 -19.61 -26.32 70.16
N PHE E 61 -18.51 -26.57 69.46
CA PHE E 61 -18.22 -27.88 68.88
C PHE E 61 -17.60 -28.83 69.89
N SER E 62 -17.88 -28.63 71.18
CA SER E 62 -17.38 -29.46 72.25
C SER E 62 -15.86 -29.47 72.26
N ARG F 22 -39.53 7.85 30.17
CA ARG F 22 -38.92 6.75 29.45
C ARG F 22 -37.45 7.03 29.19
N GLY F 23 -36.67 5.97 28.95
CA GLY F 23 -35.26 6.12 28.66
C GLY F 23 -34.37 6.21 29.87
N LEU F 24 -33.65 7.32 30.00
CA LEU F 24 -32.73 7.48 31.13
C LEU F 24 -33.48 7.52 32.45
N GLU F 25 -34.63 8.21 32.49
CA GLU F 25 -35.42 8.24 33.70
C GLU F 25 -35.91 6.86 34.07
N ARG F 26 -36.26 6.05 33.07
CA ARG F 26 -36.66 4.67 33.33
C ARG F 26 -35.52 3.89 33.95
N ASP F 27 -34.29 4.07 33.45
CA ASP F 27 -33.14 3.40 34.05
C ASP F 27 -32.96 3.81 35.49
N LEU F 28 -33.11 5.10 35.79
CA LEU F 28 -32.98 5.57 37.16
C LEU F 28 -34.02 4.91 38.07
N ILE F 29 -35.28 4.90 37.63
CA ILE F 29 -36.34 4.36 38.47
C ILE F 29 -36.15 2.87 38.69
N GLY F 30 -35.89 2.14 37.60
CA GLY F 30 -35.63 0.72 37.74
C GLY F 30 -34.44 0.43 38.63
N GLU F 31 -33.44 1.31 38.57
CA GLU F 31 -32.27 1.12 39.42
C GLU F 31 -32.63 1.25 40.89
N PHE F 32 -33.40 2.28 41.25
CA PHE F 32 -33.58 2.40 42.70
C PHE F 32 -34.57 1.36 43.18
N VAL F 33 -35.51 0.91 42.34
CA VAL F 33 -36.42 -0.14 42.81
C VAL F 33 -35.68 -1.46 42.93
N LYS F 34 -34.71 -1.72 42.05
CA LYS F 34 -33.85 -2.90 42.25
C LYS F 34 -33.10 -2.79 43.56
N SER F 35 -32.58 -1.59 43.87
CA SER F 35 -31.92 -1.42 45.16
C SER F 35 -32.88 -1.63 46.31
N ARG F 36 -34.13 -1.16 46.18
CA ARG F 36 -35.11 -1.33 47.25
C ARG F 36 -35.43 -2.79 47.47
N LYS F 37 -35.59 -3.57 46.40
CA LYS F 37 -35.88 -4.98 46.65
C LYS F 37 -34.66 -5.74 47.12
N THR F 38 -33.45 -5.31 46.78
CA THR F 38 -32.27 -5.86 47.44
C THR F 38 -32.30 -5.56 48.93
N ALA F 39 -32.68 -4.34 49.31
CA ALA F 39 -32.79 -4.01 50.73
C ALA F 39 -33.83 -4.89 51.41
N TRP F 40 -34.97 -5.07 50.78
CA TRP F 40 -35.98 -5.95 51.35
C TRP F 40 -35.47 -7.38 51.50
N ARG F 41 -34.73 -7.86 50.50
CA ARG F 41 -34.19 -9.22 50.59
C ARG F 41 -33.21 -9.36 51.73
N VAL F 42 -32.28 -8.41 51.86
CA VAL F 42 -31.28 -8.52 52.91
C VAL F 42 -31.91 -8.32 54.29
N ALA F 43 -32.87 -7.40 54.41
CA ALA F 43 -33.55 -7.23 55.68
C ALA F 43 -34.33 -8.49 56.06
N THR F 44 -34.97 -9.13 55.08
CA THR F 44 -35.69 -10.36 55.37
C THR F 44 -34.73 -11.47 55.80
N ALA F 45 -33.62 -11.62 55.08
CA ALA F 45 -32.65 -12.66 55.43
C ALA F 45 -32.08 -12.43 56.81
N SER F 46 -31.72 -11.18 57.13
CA SER F 46 -31.19 -10.89 58.45
C SER F 46 -32.23 -11.06 59.54
N GLY F 47 -33.48 -10.66 59.30
CA GLY F 47 -34.51 -10.86 60.31
C GLY F 47 -34.74 -12.32 60.59
N LEU F 48 -34.85 -13.14 59.54
CA LEU F 48 -35.06 -14.57 59.72
C LEU F 48 -33.85 -15.24 60.36
N PHE F 49 -32.64 -14.83 59.99
CA PHE F 49 -31.45 -15.48 60.53
C PHE F 49 -31.18 -15.05 61.97
N GLY F 50 -31.49 -13.80 62.32
CA GLY F 50 -31.43 -13.40 63.71
C GLY F 50 -32.47 -14.09 64.57
N LEU F 51 -33.69 -14.22 64.06
CA LEU F 51 -34.67 -14.97 64.83
C LEU F 51 -34.26 -16.44 64.95
N LEU F 52 -33.58 -16.97 63.93
CA LEU F 52 -33.03 -18.34 64.03
C LEU F 52 -31.97 -18.43 65.12
N GLY F 53 -31.06 -17.46 65.17
CA GLY F 53 -30.06 -17.46 66.22
C GLY F 53 -30.70 -17.41 67.59
N MET F 54 -31.69 -16.55 67.75
CA MET F 54 -32.37 -16.47 69.03
C MET F 54 -33.05 -17.77 69.38
N VAL F 55 -33.62 -18.47 68.39
CA VAL F 55 -34.39 -19.67 68.72
C VAL F 55 -33.46 -20.83 69.06
N CYS F 56 -32.32 -20.94 68.37
CA CYS F 56 -31.37 -21.99 68.76
C CYS F 56 -30.79 -21.71 70.14
N GLY F 57 -30.52 -20.44 70.44
CA GLY F 57 -30.09 -20.09 71.78
C GLY F 57 -31.12 -20.44 72.84
N ILE F 58 -32.38 -20.05 72.63
CA ILE F 58 -33.41 -20.31 73.63
C ILE F 58 -33.88 -21.75 73.54
N VAL F 59 -33.31 -22.50 72.61
CA VAL F 59 -33.43 -23.96 72.64
C VAL F 59 -32.35 -24.54 73.54
N GLY F 60 -31.15 -23.97 73.46
CA GLY F 60 -30.10 -24.38 74.37
C GLY F 60 -30.42 -24.08 75.82
N PHE F 61 -30.88 -22.87 76.10
CA PHE F 61 -30.99 -22.41 77.49
C PHE F 61 -31.79 -23.36 78.35
N SER F 62 -32.39 -24.38 77.78
CA SER F 62 -33.01 -25.42 78.58
C SER F 62 -32.85 -26.75 77.89
N ARG G 22 -43.05 16.04 36.33
CA ARG G 22 -44.39 16.45 36.72
C ARG G 22 -45.02 15.44 37.68
N GLY G 23 -46.28 15.07 37.40
CA GLY G 23 -46.97 14.17 38.31
C GLY G 23 -46.35 12.79 38.40
N LEU G 24 -46.01 12.20 37.24
CA LEU G 24 -45.43 10.86 37.24
C LEU G 24 -44.07 10.84 37.91
N GLU G 25 -43.22 11.82 37.62
CA GLU G 25 -41.90 11.89 38.24
C GLU G 25 -42.02 12.14 39.74
N ARG G 26 -42.96 13.00 40.14
CA ARG G 26 -43.17 13.25 41.57
C ARG G 26 -43.67 12.00 42.28
N ASP G 27 -44.55 11.23 41.63
CA ASP G 27 -45.01 9.97 42.23
C ASP G 27 -43.87 8.97 42.36
N LEU G 28 -43.03 8.88 41.33
CA LEU G 28 -41.88 7.97 41.41
C LEU G 28 -40.92 8.40 42.50
N ILE G 29 -40.71 9.71 42.65
CA ILE G 29 -39.83 10.20 43.73
C ILE G 29 -40.45 9.96 45.09
N GLY G 30 -41.78 10.09 45.20
CA GLY G 30 -42.43 9.76 46.46
C GLY G 30 -42.28 8.29 46.81
N GLU G 31 -42.43 7.41 45.83
CA GLU G 31 -42.19 6.00 46.07
C GLU G 31 -40.73 5.75 46.45
N PHE G 32 -39.80 6.37 45.73
CA PHE G 32 -38.39 6.39 46.13
C PHE G 32 -38.26 6.66 47.62
N VAL G 33 -38.62 7.87 48.04
CA VAL G 33 -38.42 8.26 49.42
C VAL G 33 -39.10 7.28 50.36
N LYS G 34 -40.43 7.19 50.28
CA LYS G 34 -41.17 6.38 51.24
C LYS G 34 -40.68 4.94 51.25
N SER G 35 -40.85 4.23 50.14
CA SER G 35 -40.59 2.79 50.13
C SER G 35 -39.12 2.47 50.32
N ARG G 36 -38.19 3.14 49.61
CA ARG G 36 -36.78 2.77 49.75
C ARG G 36 -36.24 3.15 51.13
N LYS G 37 -36.54 4.36 51.61
CA LYS G 37 -36.08 4.75 52.93
C LYS G 37 -36.65 3.85 54.01
N THR G 38 -37.93 3.46 53.88
CA THR G 38 -38.50 2.54 54.85
C THR G 38 -37.91 1.16 54.73
N ALA G 39 -37.55 0.73 53.52
CA ALA G 39 -36.89 -0.56 53.36
C ALA G 39 -35.55 -0.58 54.07
N TRP G 40 -34.75 0.46 53.90
CA TRP G 40 -33.47 0.47 54.60
C TRP G 40 -33.63 0.77 56.10
N ARG G 41 -34.65 1.52 56.49
CA ARG G 41 -34.89 1.75 57.91
C ARG G 41 -35.26 0.44 58.61
N VAL G 42 -36.12 -0.35 57.96
CA VAL G 42 -36.45 -1.67 58.47
C VAL G 42 -35.23 -2.57 58.40
N ALA G 43 -34.39 -2.41 57.38
CA ALA G 43 -33.16 -3.17 57.32
C ALA G 43 -32.28 -2.89 58.54
N THR G 44 -32.13 -1.60 58.88
CA THR G 44 -31.29 -1.22 60.01
C THR G 44 -31.89 -1.69 61.34
N ALA G 45 -33.19 -1.43 61.56
CA ALA G 45 -33.81 -1.82 62.84
C ALA G 45 -33.88 -3.33 63.00
N SER G 46 -34.30 -4.05 61.95
CA SER G 46 -34.31 -5.50 62.01
C SER G 46 -32.91 -6.07 62.13
N GLY G 47 -31.91 -5.46 61.47
CA GLY G 47 -30.55 -5.92 61.64
C GLY G 47 -30.05 -5.73 63.06
N LEU G 48 -30.40 -4.60 63.68
CA LEU G 48 -30.00 -4.34 65.06
C LEU G 48 -30.67 -5.33 66.02
N PHE G 49 -31.96 -5.59 65.83
CA PHE G 49 -32.65 -6.60 66.63
C PHE G 49 -32.06 -7.98 66.39
N GLY G 50 -31.75 -8.29 65.14
CA GLY G 50 -31.07 -9.53 64.84
C GLY G 50 -29.74 -9.63 65.55
N LEU G 51 -29.00 -8.51 65.61
CA LEU G 51 -27.71 -8.52 66.28
C LEU G 51 -27.86 -8.74 67.78
N LEU G 52 -28.82 -8.07 68.40
CA LEU G 52 -29.06 -8.27 69.82
C LEU G 52 -29.37 -9.74 70.12
N GLY G 53 -30.42 -10.27 69.50
CA GLY G 53 -30.76 -11.67 69.76
C GLY G 53 -29.65 -12.61 69.36
N MET G 54 -28.95 -12.29 68.29
CA MET G 54 -27.93 -13.15 67.74
C MET G 54 -26.81 -13.34 68.75
N VAL G 55 -26.13 -12.25 69.09
CA VAL G 55 -25.13 -12.31 70.15
C VAL G 55 -25.67 -13.07 71.34
N CYS G 56 -26.89 -12.70 71.81
CA CYS G 56 -27.39 -13.24 73.07
C CYS G 56 -27.49 -14.76 73.04
N GLY G 57 -28.40 -15.30 72.25
CA GLY G 57 -28.63 -16.74 72.30
C GLY G 57 -27.44 -17.54 71.80
N ILE G 58 -26.84 -17.11 70.69
CA ILE G 58 -25.83 -17.93 70.05
C ILE G 58 -24.52 -17.84 70.82
N VAL G 59 -24.45 -16.92 71.80
CA VAL G 59 -23.41 -17.05 72.81
C VAL G 59 -23.89 -17.99 73.91
N GLY G 60 -25.17 -17.89 74.27
CA GLY G 60 -25.70 -18.72 75.33
C GLY G 60 -25.34 -20.18 75.18
N PHE G 61 -25.90 -20.86 74.17
CA PHE G 61 -25.45 -22.25 74.03
C PHE G 61 -24.04 -22.29 73.48
N SER G 62 -23.60 -21.19 72.89
CA SER G 62 -22.30 -21.10 72.25
C SER G 62 -22.10 -22.25 71.27
N GLN H 21 -26.22 -13.08 9.03
CA GLN H 21 -25.74 -13.88 10.15
C GLN H 21 -24.80 -14.98 9.67
N GLU H 22 -24.65 -15.07 8.35
CA GLU H 22 -23.85 -16.09 7.71
C GLU H 22 -22.50 -15.50 7.31
N ARG H 23 -21.52 -16.36 7.09
CA ARG H 23 -20.21 -15.93 6.62
C ARG H 23 -20.37 -15.05 5.39
N ILE H 24 -19.58 -13.99 5.32
CA ILE H 24 -19.84 -12.92 4.36
C ILE H 24 -19.26 -13.32 3.01
N GLU H 25 -20.07 -13.14 1.96
CA GLU H 25 -19.83 -13.78 0.69
C GLU H 25 -18.53 -13.28 0.04
N GLY H 26 -17.82 -14.19 -0.59
CA GLY H 26 -16.65 -13.84 -1.37
C GLY H 26 -15.51 -13.23 -0.57
N GLU H 27 -15.30 -13.70 0.65
CA GLU H 27 -14.18 -13.25 1.46
C GLU H 27 -13.24 -14.42 1.71
N TYR H 28 -12.09 -14.12 2.32
CA TYR H 28 -11.14 -15.15 2.72
C TYR H 28 -11.58 -15.69 4.07
N GLY H 29 -12.02 -16.94 4.09
CA GLY H 29 -12.47 -17.53 5.34
C GLY H 29 -11.33 -18.23 6.04
N ALA H 30 -11.62 -19.39 6.63
CA ALA H 30 -10.57 -20.23 7.16
C ALA H 30 -9.69 -20.73 6.01
N SER H 31 -8.57 -21.36 6.37
CA SER H 31 -7.66 -21.81 5.34
C SER H 31 -8.24 -22.96 4.54
N GLU H 32 -7.76 -23.09 3.30
CA GLU H 32 -7.99 -24.28 2.51
C GLU H 32 -6.98 -25.38 2.85
N LEU H 33 -6.12 -25.14 3.85
CA LEU H 33 -5.06 -26.09 4.16
C LEU H 33 -5.54 -27.17 5.12
N ALA H 34 -6.58 -26.88 5.90
CA ALA H 34 -7.10 -27.87 6.83
C ALA H 34 -7.67 -29.08 6.10
N SER H 35 -7.93 -28.97 4.80
CA SER H 35 -8.45 -30.11 4.04
C SER H 35 -7.40 -31.20 3.89
N GLU H 36 -6.13 -30.87 4.13
CA GLU H 36 -5.05 -31.83 3.91
C GLU H 36 -5.20 -33.02 4.85
N ARG H 37 -4.81 -34.20 4.34
CA ARG H 37 -4.83 -35.44 5.11
C ARG H 37 -3.53 -36.19 4.89
N ARG H 38 -3.11 -36.93 5.91
CA ARG H 38 -1.90 -37.73 5.80
C ARG H 38 -2.22 -39.05 5.12
N PRO H 39 -1.65 -39.34 3.95
CA PRO H 39 -1.97 -40.61 3.27
C PRO H 39 -1.37 -41.79 4.01
N HIS H 40 -2.08 -42.91 3.95
CA HIS H 40 -1.65 -44.16 4.57
C HIS H 40 -1.12 -45.09 3.48
N THR H 41 0.05 -45.67 3.71
CA THR H 41 0.54 -46.68 2.81
C THR H 41 -0.39 -47.89 2.87
N PRO H 42 -0.98 -48.30 1.75
CA PRO H 42 -2.11 -49.24 1.81
C PRO H 42 -1.67 -50.68 2.05
N GLY H 43 -0.72 -50.85 2.96
CA GLY H 43 -0.42 -52.16 3.48
C GLY H 43 -0.23 -52.12 4.99
N ALA H 44 -0.08 -50.92 5.53
CA ALA H 44 0.24 -50.79 6.95
C ALA H 44 -0.89 -51.31 7.83
N ARG H 45 -2.13 -50.97 7.48
CA ARG H 45 -3.27 -51.30 8.35
C ARG H 45 -3.44 -52.82 8.47
N THR H 46 -3.51 -53.53 7.34
CA THR H 46 -3.87 -54.94 7.39
C THR H 46 -2.80 -55.75 8.11
N LEU H 47 -1.54 -55.60 7.71
CA LEU H 47 -0.47 -56.37 8.34
C LEU H 47 -0.21 -55.90 9.76
N LEU H 48 -0.42 -54.63 10.06
CA LEU H 48 -0.32 -54.19 11.45
C LEU H 48 -1.37 -54.89 12.31
N MET H 49 -2.59 -55.00 11.80
CA MET H 49 -3.64 -55.68 12.56
C MET H 49 -3.28 -57.14 12.78
N VAL H 50 -2.77 -57.81 11.74
CA VAL H 50 -2.46 -59.24 11.92
C VAL H 50 -1.28 -59.42 12.87
N LEU H 51 -0.29 -58.54 12.79
CA LEU H 51 0.84 -58.60 13.70
C LEU H 51 0.39 -58.44 15.14
N LEU H 52 -0.50 -57.47 15.41
CA LEU H 52 -1.01 -57.34 16.76
C LEU H 52 -1.86 -58.54 17.18
N CYS H 53 -2.57 -59.17 16.25
CA CYS H 53 -3.31 -60.38 16.62
C CYS H 53 -2.37 -61.44 17.16
N VAL H 54 -1.27 -61.71 16.44
CA VAL H 54 -0.36 -62.78 16.88
C VAL H 54 0.38 -62.40 18.16
N ILE H 55 0.89 -61.16 18.22
CA ILE H 55 1.57 -60.75 19.45
C ILE H 55 0.62 -60.80 20.63
N ALA H 56 -0.65 -60.45 20.41
CA ALA H 56 -1.59 -60.50 21.52
C ALA H 56 -1.87 -61.92 21.96
N VAL H 57 -1.96 -62.87 21.02
CA VAL H 57 -2.20 -64.23 21.51
C VAL H 57 -1.00 -64.72 22.31
N VAL H 58 0.22 -64.34 21.88
CA VAL H 58 1.40 -64.70 22.67
C VAL H 58 1.32 -64.09 24.06
N LEU H 59 0.98 -62.81 24.14
CA LEU H 59 0.99 -62.12 25.43
C LEU H 59 -0.09 -62.66 26.36
N VAL H 60 -1.27 -62.99 25.82
CA VAL H 60 -2.32 -63.56 26.65
C VAL H 60 -1.91 -64.92 27.18
N THR H 61 -1.31 -65.78 26.34
CA THR H 61 -0.82 -67.05 26.89
C THR H 61 0.23 -66.80 27.97
N LEU H 62 1.03 -65.74 27.79
CA LEU H 62 2.07 -65.44 28.75
C LEU H 62 1.48 -65.01 30.09
N SER H 63 0.42 -64.19 30.09
CA SER H 63 -0.19 -63.80 31.35
C SER H 63 -1.02 -64.93 31.94
N TYR H 64 -1.51 -65.84 31.11
CA TYR H 64 -2.12 -67.08 31.59
C TYR H 64 -1.14 -67.85 32.46
N LYS H 65 0.10 -68.01 31.99
CA LYS H 65 1.10 -68.60 32.89
C LYS H 65 1.46 -67.66 34.04
N ALA H 66 1.44 -66.34 33.83
CA ALA H 66 1.78 -65.43 34.92
C ALA H 66 0.85 -65.63 36.10
N TYR H 67 -0.46 -65.57 35.87
CA TYR H 67 -1.40 -65.81 36.95
C TYR H 67 -1.31 -67.24 37.45
N LYS H 68 -1.17 -68.21 36.55
CA LYS H 68 -1.13 -69.59 37.00
C LYS H 68 0.04 -69.85 37.93
N VAL H 69 1.12 -69.08 37.81
CA VAL H 69 2.28 -69.22 38.68
C VAL H 69 2.15 -68.33 39.90
N ALA I 30 5.91 -64.19 37.87
CA ALA I 30 6.87 -63.12 37.65
C ALA I 30 6.23 -61.89 37.01
N ALA I 31 6.11 -60.81 37.77
CA ALA I 31 5.54 -59.58 37.24
C ALA I 31 6.37 -59.06 36.06
N ILE I 32 7.63 -59.50 35.98
CA ILE I 32 8.44 -59.16 34.81
C ILE I 32 7.76 -59.61 33.54
N THR I 33 6.76 -60.47 33.66
CA THR I 33 6.01 -60.88 32.46
C THR I 33 5.12 -59.76 31.92
N PRO I 34 4.18 -59.16 32.67
CA PRO I 34 3.62 -57.89 32.19
C PRO I 34 4.66 -56.82 31.90
N VAL I 35 5.77 -56.80 32.62
CA VAL I 35 6.77 -55.76 32.37
C VAL I 35 7.33 -55.88 30.95
N VAL I 36 7.78 -57.08 30.58
CA VAL I 36 8.26 -57.34 29.23
C VAL I 36 7.14 -57.15 28.22
N SER I 37 5.92 -57.53 28.61
CA SER I 37 4.78 -57.32 27.72
C SER I 37 4.65 -55.86 27.32
N VAL I 38 4.58 -54.98 28.31
CA VAL I 38 4.34 -53.57 28.03
C VAL I 38 5.53 -52.96 27.32
N GLY I 39 6.74 -53.27 27.78
CA GLY I 39 7.92 -52.71 27.14
C GLY I 39 8.06 -53.14 25.70
N LEU I 40 7.91 -54.43 25.43
CA LEU I 40 8.09 -54.95 24.08
C LEU I 40 6.96 -54.47 23.16
N THR I 41 5.73 -54.40 23.68
CA THR I 41 4.63 -53.91 22.85
C THR I 41 4.77 -52.44 22.53
N LEU I 42 5.14 -51.61 23.52
CA LEU I 42 5.36 -50.20 23.25
C LEU I 42 6.52 -49.99 22.29
N GLY I 43 7.59 -50.77 22.46
CA GLY I 43 8.70 -50.68 21.53
C GLY I 43 8.31 -51.07 20.12
N PHE I 44 7.52 -52.13 19.98
CA PHE I 44 7.05 -52.55 18.67
C PHE I 44 6.16 -51.48 18.04
N ILE I 45 5.26 -50.89 18.83
CA ILE I 45 4.38 -49.84 18.30
C ILE I 45 5.20 -48.65 17.84
N THR I 46 6.18 -48.23 18.66
CA THR I 46 7.02 -47.10 18.28
C THR I 46 7.86 -47.43 17.03
N TYR I 47 8.41 -48.64 16.98
CA TYR I 47 9.27 -49.02 15.87
C TYR I 47 8.48 -49.12 14.57
N GLY I 48 7.23 -49.58 14.65
CA GLY I 48 6.35 -49.58 13.51
C GLY I 48 5.73 -48.24 13.20
N TRP I 49 5.82 -47.29 14.13
CA TRP I 49 5.39 -45.93 13.81
C TRP I 49 6.37 -45.24 12.87
N LEU I 50 7.53 -45.85 12.64
CA LEU I 50 8.51 -45.28 11.71
C LEU I 50 7.98 -45.23 10.29
N ILE I 51 7.20 -46.26 9.89
CA ILE I 51 6.71 -46.31 8.51
C ILE I 51 5.80 -45.13 8.23
N ILE I 52 4.98 -44.73 9.21
CA ILE I 52 4.20 -43.51 9.08
C ILE I 52 5.11 -42.30 9.17
N ARG I 53 6.08 -42.33 10.09
CA ARG I 53 6.98 -41.20 10.27
C ARG I 53 7.98 -41.06 9.14
N GLY I 54 8.11 -42.06 8.27
CA GLY I 54 8.99 -41.96 7.13
C GLY I 54 10.44 -41.70 7.47
N ALA I 55 10.98 -42.47 8.42
CA ALA I 55 12.38 -42.38 8.81
C ALA I 55 13.10 -43.70 8.68
N VAL I 56 12.43 -44.72 8.14
CA VAL I 56 13.00 -46.06 7.97
C VAL I 56 12.70 -46.54 6.57
N GLU I 57 13.72 -47.11 5.93
CA GLU I 57 13.64 -47.60 4.55
C GLU I 57 13.82 -49.11 4.51
N MET I 58 13.27 -49.80 5.49
CA MET I 58 13.37 -51.25 5.61
C MET I 58 11.97 -51.80 5.86
N PRO I 59 11.07 -51.68 4.87
CA PRO I 59 9.64 -51.89 5.15
C PRO I 59 9.24 -53.34 5.37
N VAL I 60 9.66 -54.23 4.48
CA VAL I 60 9.17 -55.61 4.44
C VAL I 60 10.14 -56.55 5.16
N ALA I 61 11.38 -56.62 4.68
CA ALA I 61 12.31 -57.60 5.23
C ALA I 61 12.57 -57.37 6.72
N GLU I 62 12.76 -56.12 7.11
CA GLU I 62 13.11 -55.85 8.50
C GLU I 62 11.91 -56.04 9.43
N PHE I 63 10.75 -55.50 9.06
CA PHE I 63 9.60 -55.53 9.97
C PHE I 63 9.04 -56.94 10.12
N LEU I 64 9.52 -57.89 9.33
CA LEU I 64 9.21 -59.27 9.64
C LEU I 64 10.41 -59.94 10.33
N ASN I 65 11.62 -59.63 9.88
CA ASN I 65 12.80 -60.35 10.36
C ASN I 65 13.13 -59.98 11.81
N ARG I 66 13.29 -58.69 12.09
CA ARG I 66 13.63 -58.26 13.44
C ARG I 66 12.51 -58.62 14.41
N CYS I 67 11.26 -58.44 13.98
CA CYS I 67 10.14 -58.79 14.83
C CYS I 67 10.13 -60.27 15.14
N LEU I 68 10.39 -61.12 14.14
CA LEU I 68 10.38 -62.56 14.38
C LEU I 68 11.55 -62.97 15.25
N ARG I 69 12.70 -62.34 15.07
CA ARG I 69 13.86 -62.65 15.92
C ARG I 69 13.58 -62.31 17.37
N ILE I 70 13.11 -61.10 17.63
CA ILE I 70 12.82 -60.70 19.00
C ILE I 70 11.69 -61.54 19.59
N GLY I 71 10.66 -61.82 18.79
CA GLY I 71 9.58 -62.65 19.27
C GLY I 71 10.03 -64.05 19.66
N ILE I 72 10.88 -64.65 18.83
CA ILE I 72 11.38 -65.98 19.14
C ILE I 72 12.27 -65.93 20.38
N ILE I 73 13.04 -64.84 20.54
CA ILE I 73 13.88 -64.71 21.73
C ILE I 73 13.03 -64.65 22.98
N VAL I 74 11.95 -63.85 22.95
CA VAL I 74 11.11 -63.70 24.13
C VAL I 74 10.33 -64.98 24.41
N SER I 75 9.86 -65.64 23.35
CA SER I 75 9.16 -66.91 23.53
C SER I 75 10.07 -67.96 24.14
N ILE I 76 11.33 -68.01 23.67
CA ILE I 76 12.29 -68.94 24.28
C ILE I 76 12.53 -68.56 25.72
N ALA I 77 12.61 -67.27 26.02
CA ALA I 77 12.82 -66.84 27.40
C ALA I 77 11.71 -67.31 28.31
N LEU I 78 10.46 -67.17 27.86
CA LEU I 78 9.33 -67.59 28.68
C LEU I 78 9.28 -69.11 28.82
N ALA I 79 9.39 -69.83 27.71
CA ALA I 79 9.30 -71.28 27.77
C ALA I 79 10.47 -71.87 28.54
N GLY I 80 11.57 -71.12 28.66
CA GLY I 80 12.63 -71.52 29.57
C GLY I 80 12.29 -71.21 31.01
N GLY I 81 11.73 -70.02 31.25
CA GLY I 81 11.39 -69.64 32.61
C GLY I 81 10.44 -70.61 33.28
N LEU I 82 9.53 -71.20 32.51
CA LEU I 82 8.63 -72.18 33.09
C LEU I 82 9.36 -73.43 33.52
#